data_8RHG
#
_entry.id   8RHG
#
_cell.length_a   1.00
_cell.length_b   1.00
_cell.length_c   1.00
_cell.angle_alpha   90.00
_cell.angle_beta   90.00
_cell.angle_gamma   90.00
#
_symmetry.space_group_name_H-M   'P 1'
#
loop_
_entity.id
_entity.type
_entity.pdbx_description
1 polymer 'Gamma-aminobutyric acid receptor subunit rho-1'
2 non-polymer 'GAMMA-AMINO-BUTANOIC ACID'
3 non-polymer 2-acetamido-2-deoxy-beta-D-glucopyranose
4 non-polymer N-OCTANE
5 non-polymer 'Pregnenolone sulfate'
6 non-polymer HEXANE
7 non-polymer 'CHLORIDE ION'
#
_entity_poly.entity_id   1
_entity_poly.type   'polypeptide(L)'
_entity_poly.pdbx_seq_one_letter_code
;MLAVPNMRFGIFLLWWGWVLATESRMHWPGREVHEMSKKGRPQRQRREVHEDAHKQVSPILRRSPDITKSPLTKSEQLLR
IDDHDFSMRPGFGGPAIPVGVDVQVESLDSISEVDMDFTMTLYLRHYWKDERLSFPSTNNLSMTFDGRLVKKIWVPDMFF
VHSKRSFIHDTTTDNVMLRVQPDGKVLYSLRVTVTAMCNMDFSRFPLDTQTCSLEIESYAYTEDDLMLYWKKGNDSLKTD
ERISLSQFLIQEFHTTTKLAFYSSTGWYNRLYINFTLRRHIFFFLLQTYFPATLMVMLSWVSFWIDRRAVPARVPLGITT
VLTMSTIITGVNASMPRVSYIKAVDIYLWVSFVFVFLSVLEYAAVNYLTTVQERKEQKLREKLPCTSGLPPPRTAMLDGN
YSDGEVNDLDNYMPENGEKPDRMMVQLTLASERSSPQRKSQRSSYVSMRIDTHAIDKYSRIIFPAAYILFNLIYWSIFS
;
_entity_poly.pdbx_strand_id   A,B,C,D,E
#
loop_
_chem_comp.id
_chem_comp.type
_chem_comp.name
_chem_comp.formula
A8W non-polymer 'Pregnenolone sulfate' 'C21 H32 O5 S'
ABU non-polymer 'GAMMA-AMINO-BUTANOIC ACID' 'C4 H9 N O2'
CL non-polymer 'CHLORIDE ION' 'Cl -1'
HEX non-polymer HEXANE 'C6 H14'
NAG D-saccharide, beta linking 2-acetamido-2-deoxy-beta-D-glucopyranose 'C8 H15 N O6'
OCT non-polymer N-OCTANE 'C8 H18'
#
# COMPACT_ATOMS: atom_id res chain seq x y z
N GLN A 77 -29.43 40.01 -17.94
CA GLN A 77 -28.18 39.31 -18.16
C GLN A 77 -27.33 40.03 -19.20
N LEU A 78 -26.02 40.08 -18.97
CA LEU A 78 -25.12 40.76 -19.90
C LEU A 78 -24.85 39.92 -21.14
N LEU A 79 -24.84 38.60 -21.02
CA LEU A 79 -24.56 37.71 -22.13
C LEU A 79 -25.83 37.02 -22.58
N ARG A 80 -26.03 36.93 -23.90
CA ARG A 80 -27.22 36.31 -24.48
C ARG A 80 -26.97 34.81 -24.67
N ILE A 81 -27.00 34.10 -23.55
CA ILE A 81 -26.76 32.65 -23.58
C ILE A 81 -27.94 31.93 -24.22
N ASP A 82 -29.17 32.34 -23.90
CA ASP A 82 -30.35 31.63 -24.34
C ASP A 82 -30.66 31.81 -25.82
N ASP A 83 -29.99 32.74 -26.50
CA ASP A 83 -30.31 33.06 -27.88
C ASP A 83 -29.49 32.25 -28.89
N HIS A 84 -28.64 31.33 -28.42
CA HIS A 84 -27.77 30.59 -29.32
C HIS A 84 -27.73 29.12 -28.91
N ASP A 85 -27.31 28.28 -29.84
CA ASP A 85 -27.10 26.86 -29.61
C ASP A 85 -25.60 26.61 -29.53
N PHE A 86 -25.13 26.18 -28.36
CA PHE A 86 -23.70 26.02 -28.11
C PHE A 86 -23.25 24.58 -28.24
N SER A 87 -24.01 23.73 -28.93
CA SER A 87 -23.57 22.39 -29.24
C SER A 87 -22.77 22.31 -30.53
N MET A 88 -22.58 23.44 -31.22
CA MET A 88 -21.82 23.53 -32.45
C MET A 88 -20.69 24.52 -32.28
N ARG A 89 -19.53 24.20 -32.83
CA ARG A 89 -18.37 25.06 -32.71
C ARG A 89 -18.57 26.35 -33.50
N PRO A 90 -17.86 27.42 -33.13
CA PRO A 90 -17.92 28.65 -33.93
C PRO A 90 -17.45 28.39 -35.36
N GLY A 91 -18.11 29.05 -36.30
CA GLY A 91 -17.83 28.77 -37.70
C GLY A 91 -18.18 27.36 -38.11
N PHE A 92 -19.31 26.85 -37.65
CA PHE A 92 -19.71 25.48 -37.95
C PHE A 92 -19.94 25.32 -39.44
N GLY A 93 -19.36 24.26 -40.02
CA GLY A 93 -19.48 24.02 -41.44
C GLY A 93 -18.61 24.87 -42.31
N GLY A 94 -17.59 25.52 -41.75
CA GLY A 94 -16.71 26.37 -42.50
C GLY A 94 -15.24 26.12 -42.20
N PRO A 95 -14.43 27.17 -42.30
CA PRO A 95 -13.00 27.01 -42.05
C PRO A 95 -12.70 26.72 -40.59
N ALA A 96 -11.51 26.21 -40.35
CA ALA A 96 -11.08 25.86 -39.00
C ALA A 96 -10.89 27.12 -38.15
N ILE A 97 -10.90 26.93 -36.84
CA ILE A 97 -10.77 28.00 -35.87
C ILE A 97 -9.46 27.83 -35.13
N PRO A 98 -8.58 28.84 -35.10
CA PRO A 98 -7.31 28.71 -34.38
C PRO A 98 -7.50 28.77 -32.87
N VAL A 99 -6.69 27.97 -32.17
CA VAL A 99 -6.70 27.93 -30.71
C VAL A 99 -5.25 28.01 -30.23
N GLY A 100 -4.98 28.93 -29.31
CA GLY A 100 -3.68 29.07 -28.71
C GLY A 100 -3.59 28.42 -27.35
N VAL A 101 -2.38 28.04 -26.95
CA VAL A 101 -2.14 27.31 -25.71
C VAL A 101 -0.96 27.93 -24.99
N ASP A 102 -1.12 28.13 -23.67
CA ASP A 102 -0.03 28.52 -22.78
C ASP A 102 0.03 27.55 -21.61
N VAL A 103 1.24 27.27 -21.14
CA VAL A 103 1.47 26.29 -20.09
C VAL A 103 2.47 26.86 -19.09
N GLN A 104 2.15 26.71 -17.80
CA GLN A 104 3.08 27.02 -16.73
C GLN A 104 3.18 25.81 -15.81
N VAL A 105 4.39 25.34 -15.59
CA VAL A 105 4.64 24.13 -14.80
C VAL A 105 4.86 24.53 -13.35
N GLU A 106 4.15 23.88 -12.43
CA GLU A 106 4.22 24.22 -11.01
C GLU A 106 5.17 23.33 -10.23
N SER A 107 5.09 22.01 -10.40
CA SER A 107 5.96 21.10 -9.69
C SER A 107 5.89 19.71 -10.31
N LEU A 108 6.93 18.93 -10.06
CA LEU A 108 6.98 17.52 -10.42
C LEU A 108 6.89 16.71 -9.12
N ASP A 109 5.90 15.82 -9.04
CA ASP A 109 5.60 15.14 -7.79
C ASP A 109 6.55 13.97 -7.53
N SER A 110 6.54 12.96 -8.39
CA SER A 110 7.34 11.76 -8.13
C SER A 110 7.68 11.10 -9.46
N ILE A 111 8.69 10.23 -9.41
CA ILE A 111 9.12 9.45 -10.56
C ILE A 111 9.24 7.99 -10.12
N SER A 112 8.62 7.09 -10.88
CA SER A 112 8.60 5.67 -10.56
C SER A 112 9.33 4.90 -11.64
N GLU A 113 10.21 3.99 -11.21
CA GLU A 113 10.96 3.16 -12.15
C GLU A 113 10.26 1.84 -12.44
N VAL A 114 9.60 1.25 -11.45
CA VAL A 114 8.90 -0.01 -11.68
C VAL A 114 7.74 0.18 -12.65
N ASP A 115 6.99 1.27 -12.50
CA ASP A 115 5.85 1.54 -13.36
C ASP A 115 6.20 2.44 -14.54
N MET A 116 7.34 3.12 -14.51
CA MET A 116 7.83 3.95 -15.61
C MET A 116 6.82 5.06 -15.95
N ASP A 117 6.62 5.95 -14.99
CA ASP A 117 5.75 7.11 -15.19
C ASP A 117 6.19 8.23 -14.26
N PHE A 118 5.58 9.39 -14.45
CA PHE A 118 5.88 10.57 -13.65
C PHE A 118 4.62 11.40 -13.50
N THR A 119 4.62 12.29 -12.52
CA THR A 119 3.47 13.12 -12.19
C THR A 119 3.85 14.59 -12.31
N MET A 120 2.92 15.39 -12.82
CA MET A 120 3.17 16.81 -13.05
C MET A 120 1.90 17.61 -12.78
N THR A 121 2.07 18.80 -12.22
CA THR A 121 0.99 19.74 -12.00
C THR A 121 1.28 21.03 -12.77
N LEU A 122 0.27 21.53 -13.49
CA LEU A 122 0.49 22.65 -14.39
C LEU A 122 -0.80 23.43 -14.56
N TYR A 123 -0.67 24.64 -15.10
CA TYR A 123 -1.78 25.49 -15.49
C TYR A 123 -1.92 25.46 -17.01
N LEU A 124 -3.13 25.22 -17.49
CA LEU A 124 -3.40 25.13 -18.92
C LEU A 124 -4.32 26.26 -19.33
N ARG A 125 -3.93 26.98 -20.39
CA ARG A 125 -4.68 28.15 -20.85
C ARG A 125 -5.00 27.99 -22.33
N HIS A 126 -6.20 28.43 -22.72
CA HIS A 126 -6.65 28.37 -24.09
C HIS A 126 -7.08 29.75 -24.56
N TYR A 127 -6.82 30.05 -25.83
CA TYR A 127 -7.18 31.31 -26.45
C TYR A 127 -7.95 31.04 -27.73
N TRP A 128 -9.12 31.67 -27.87
CA TRP A 128 -9.92 31.58 -29.08
C TRP A 128 -10.91 32.73 -29.09
N LYS A 129 -11.58 32.91 -30.23
CA LYS A 129 -12.53 33.99 -30.42
C LYS A 129 -13.89 33.44 -30.80
N ASP A 130 -14.94 34.00 -30.20
CA ASP A 130 -16.31 33.59 -30.46
C ASP A 130 -17.16 34.84 -30.55
N GLU A 131 -17.75 35.09 -31.72
CA GLU A 131 -18.54 36.29 -31.94
C GLU A 131 -19.91 36.23 -31.27
N ARG A 132 -20.32 35.07 -30.77
CA ARG A 132 -21.62 34.95 -30.11
C ARG A 132 -21.61 35.46 -28.68
N LEU A 133 -20.44 35.77 -28.13
CA LEU A 133 -20.32 36.24 -26.74
C LEU A 133 -20.09 37.75 -26.66
N SER A 134 -20.28 38.48 -27.74
CA SER A 134 -20.04 39.92 -27.73
C SER A 134 -21.09 40.64 -26.91
N PHE A 135 -20.66 41.65 -26.17
CA PHE A 135 -21.54 42.49 -25.37
C PHE A 135 -21.11 43.94 -25.52
N PRO A 136 -22.05 44.89 -25.41
CA PRO A 136 -21.70 46.30 -25.60
C PRO A 136 -21.02 46.92 -24.38
N SER A 137 -19.94 47.66 -24.63
CA SER A 137 -19.22 48.36 -23.57
C SER A 137 -18.35 49.44 -24.21
N THR A 138 -17.78 50.30 -23.37
CA THR A 138 -16.96 51.41 -23.84
C THR A 138 -15.50 51.31 -23.45
N ASN A 139 -15.18 50.75 -22.28
CA ASN A 139 -13.79 50.72 -21.83
C ASN A 139 -12.95 49.71 -22.63
N ASN A 140 -13.57 48.75 -23.31
CA ASN A 140 -12.83 47.65 -24.01
C ASN A 140 -11.80 46.99 -23.10
N LEU A 141 -12.29 46.36 -22.04
CA LEU A 141 -11.42 45.64 -21.12
C LEU A 141 -12.04 44.28 -20.79
N SER A 142 -11.18 43.34 -20.44
CA SER A 142 -11.63 42.00 -20.11
C SER A 142 -12.43 42.00 -18.82
N MET A 143 -13.49 41.21 -18.78
CA MET A 143 -14.36 41.08 -17.61
C MET A 143 -14.35 39.63 -17.13
N THR A 144 -14.22 39.44 -15.83
CA THR A 144 -14.10 38.13 -15.23
C THR A 144 -15.45 37.65 -14.71
N PHE A 145 -15.82 36.42 -15.06
CA PHE A 145 -17.04 35.79 -14.59
C PHE A 145 -16.71 34.71 -13.58
N ASP A 146 -17.73 34.30 -12.81
CA ASP A 146 -17.50 33.43 -11.67
C ASP A 146 -16.92 32.08 -12.08
N GLY A 147 -17.46 31.47 -13.14
CA GLY A 147 -16.91 30.21 -13.61
C GLY A 147 -17.92 29.11 -13.83
N ARG A 148 -19.15 29.27 -13.34
CA ARG A 148 -20.18 28.27 -13.59
C ARG A 148 -20.84 28.44 -14.95
N LEU A 149 -20.49 29.48 -15.69
CA LEU A 149 -21.01 29.69 -17.03
C LEU A 149 -20.31 28.82 -18.07
N VAL A 150 -19.25 28.11 -17.68
CA VAL A 150 -18.52 27.26 -18.63
C VAL A 150 -19.42 26.15 -19.16
N LYS A 151 -20.29 25.62 -18.29
CA LYS A 151 -21.18 24.54 -18.69
C LYS A 151 -22.34 25.01 -19.56
N LYS A 152 -22.35 26.26 -20.01
CA LYS A 152 -23.38 26.77 -20.89
C LYS A 152 -22.84 27.31 -22.20
N ILE A 153 -21.52 27.30 -22.40
CA ILE A 153 -20.90 27.81 -23.61
C ILE A 153 -19.95 26.75 -24.17
N TRP A 154 -19.55 26.95 -25.43
CA TRP A 154 -18.66 26.01 -26.09
C TRP A 154 -17.24 26.15 -25.57
N VAL A 155 -16.58 25.02 -25.37
CA VAL A 155 -15.23 24.98 -24.81
C VAL A 155 -14.44 23.89 -25.54
N PRO A 156 -13.15 24.10 -25.81
CA PRO A 156 -12.35 23.05 -26.46
C PRO A 156 -12.31 21.77 -25.64
N ASP A 157 -11.79 20.72 -26.26
CA ASP A 157 -11.85 19.36 -25.72
C ASP A 157 -10.47 18.70 -25.76
N MET A 158 -9.47 19.41 -25.26
CA MET A 158 -8.11 18.88 -25.22
C MET A 158 -8.00 17.73 -24.22
N PHE A 159 -7.06 16.83 -24.48
CA PHE A 159 -6.78 15.71 -23.59
C PHE A 159 -5.31 15.34 -23.69
N PHE A 160 -4.85 14.57 -22.71
CA PHE A 160 -3.44 14.18 -22.61
C PHE A 160 -3.27 12.78 -23.17
N VAL A 161 -2.38 12.64 -24.15
CA VAL A 161 -2.14 11.36 -24.81
C VAL A 161 -1.19 10.53 -23.97
N HIS A 162 -1.41 9.22 -23.95
CA HIS A 162 -0.56 8.26 -23.23
C HIS A 162 -0.49 8.56 -21.74
N SER A 163 -1.61 9.01 -21.18
CA SER A 163 -1.71 9.27 -19.76
C SER A 163 -2.38 8.11 -19.04
N LYS A 164 -2.04 7.93 -17.77
CA LYS A 164 -2.64 6.86 -16.97
C LYS A 164 -3.86 7.33 -16.18
N ARG A 165 -3.76 8.49 -15.53
CA ARG A 165 -4.87 9.04 -14.78
C ARG A 165 -4.63 10.54 -14.61
N SER A 166 -5.72 11.27 -14.35
CA SER A 166 -5.65 12.71 -14.16
C SER A 166 -6.92 13.17 -13.48
N PHE A 167 -6.86 14.38 -12.90
CA PHE A 167 -8.00 14.95 -12.21
C PHE A 167 -7.83 16.46 -12.16
N ILE A 168 -8.92 17.15 -11.83
CA ILE A 168 -8.95 18.60 -11.71
C ILE A 168 -9.28 18.96 -10.26
N HIS A 169 -8.51 19.89 -9.70
CA HIS A 169 -8.73 20.29 -8.31
C HIS A 169 -10.05 21.04 -8.17
N ASP A 170 -10.79 20.73 -7.11
CA ASP A 170 -12.12 21.29 -6.89
C ASP A 170 -12.30 21.70 -5.45
N THR A 171 -11.32 22.40 -4.88
CA THR A 171 -11.40 22.91 -3.52
C THR A 171 -10.89 24.35 -3.51
N THR A 172 -11.71 25.27 -3.00
CA THR A 172 -13.02 24.95 -2.44
C THR A 172 -14.09 24.91 -3.53
N THR A 173 -13.69 25.28 -4.75
CA THR A 173 -14.55 25.19 -5.92
C THR A 173 -13.68 24.73 -7.09
N ASP A 174 -14.29 24.56 -8.26
CA ASP A 174 -13.53 24.19 -9.44
C ASP A 174 -12.53 25.29 -9.79
N ASN A 175 -11.28 24.89 -10.02
CA ASN A 175 -10.22 25.83 -10.37
C ASN A 175 -10.38 26.18 -11.85
N VAL A 176 -11.32 27.07 -12.13
CA VAL A 176 -11.66 27.47 -13.48
C VAL A 176 -11.72 29.00 -13.54
N MET A 177 -11.16 29.57 -14.59
CA MET A 177 -11.19 31.01 -14.82
C MET A 177 -11.74 31.28 -16.21
N LEU A 178 -12.52 32.35 -16.32
CA LEU A 178 -13.16 32.69 -17.59
C LEU A 178 -13.22 34.21 -17.72
N ARG A 179 -12.51 34.75 -18.70
CA ARG A 179 -12.50 36.17 -18.99
C ARG A 179 -12.84 36.39 -20.45
N VAL A 180 -13.78 37.29 -20.71
CA VAL A 180 -14.28 37.54 -22.06
C VAL A 180 -14.12 39.02 -22.38
N GLN A 181 -13.51 39.31 -23.53
CA GLN A 181 -13.40 40.68 -24.01
C GLN A 181 -14.67 41.10 -24.72
N PRO A 182 -14.93 42.41 -24.82
CA PRO A 182 -16.17 42.86 -25.46
C PRO A 182 -16.35 42.40 -26.89
N ASP A 183 -15.26 42.31 -27.67
CA ASP A 183 -15.37 41.90 -29.06
C ASP A 183 -15.61 40.41 -29.23
N GLY A 184 -15.27 39.60 -28.24
CA GLY A 184 -15.52 38.17 -28.33
C GLY A 184 -14.34 37.29 -27.99
N LYS A 185 -13.21 37.90 -27.65
CA LYS A 185 -12.04 37.11 -27.27
C LYS A 185 -12.25 36.49 -25.90
N VAL A 186 -11.87 35.22 -25.77
CA VAL A 186 -12.14 34.43 -24.57
C VAL A 186 -10.84 33.87 -24.03
N LEU A 187 -10.70 33.87 -22.70
CA LEU A 187 -9.58 33.24 -22.01
C LEU A 187 -10.13 32.19 -21.06
N TYR A 188 -9.49 31.02 -21.04
CA TYR A 188 -9.96 29.89 -20.25
C TYR A 188 -8.75 29.20 -19.63
N SER A 189 -8.81 28.97 -18.33
CA SER A 189 -7.68 28.41 -17.58
C SER A 189 -8.13 27.25 -16.72
N LEU A 190 -7.21 26.32 -16.47
CA LEU A 190 -7.49 25.14 -15.67
C LEU A 190 -6.25 24.80 -14.86
N ARG A 191 -6.47 23.99 -13.81
CA ARG A 191 -5.38 23.47 -12.98
C ARG A 191 -5.57 21.98 -12.83
N VAL A 192 -4.63 21.19 -13.36
CA VAL A 192 -4.77 19.74 -13.44
C VAL A 192 -3.49 19.08 -12.96
N THR A 193 -3.62 17.80 -12.58
CA THR A 193 -2.50 16.94 -12.25
C THR A 193 -2.56 15.72 -13.15
N VAL A 194 -1.45 15.41 -13.82
CA VAL A 194 -1.41 14.39 -14.86
C VAL A 194 -0.31 13.39 -14.58
N THR A 195 -0.61 12.11 -14.76
CA THR A 195 0.38 11.03 -14.71
C THR A 195 0.51 10.45 -16.10
N ALA A 196 1.73 10.44 -16.63
CA ALA A 196 1.98 10.02 -18.00
C ALA A 196 3.13 9.03 -18.04
N MET A 197 3.15 8.22 -19.10
CA MET A 197 4.16 7.19 -19.25
C MET A 197 5.42 7.74 -19.90
N CYS A 198 6.57 7.25 -19.43
CA CYS A 198 7.86 7.61 -19.99
C CYS A 198 8.72 6.37 -20.09
N ASN A 199 9.26 6.10 -21.27
CA ASN A 199 10.11 4.95 -21.51
C ASN A 199 11.55 5.29 -21.11
N MET A 200 12.12 4.49 -20.21
CA MET A 200 13.45 4.74 -19.67
C MET A 200 14.34 3.52 -19.90
N ASP A 201 15.62 3.80 -20.14
CA ASP A 201 16.63 2.76 -20.34
C ASP A 201 17.61 2.77 -19.17
N PHE A 202 17.82 1.61 -18.57
CA PHE A 202 18.67 1.48 -17.40
C PHE A 202 19.98 0.76 -17.70
N SER A 203 20.43 0.83 -18.95
CA SER A 203 21.68 0.17 -19.33
C SER A 203 22.90 0.81 -18.66
N ARG A 204 22.77 2.06 -18.18
CA ARG A 204 23.86 2.75 -17.51
C ARG A 204 23.52 3.11 -16.08
N PHE A 205 22.53 2.43 -15.48
CA PHE A 205 22.15 2.70 -14.11
C PHE A 205 23.29 2.36 -13.16
N PRO A 206 23.58 3.20 -12.16
CA PRO A 206 22.90 4.47 -11.86
C PRO A 206 23.64 5.71 -12.35
N LEU A 207 24.15 5.68 -13.58
CA LEU A 207 24.80 6.83 -14.19
C LEU A 207 24.15 7.16 -15.53
N ASP A 208 22.83 7.11 -15.58
CA ASP A 208 22.08 7.24 -16.83
C ASP A 208 21.42 8.61 -16.92
N THR A 209 20.92 8.91 -18.11
CA THR A 209 20.19 10.13 -18.39
C THR A 209 18.89 9.76 -19.12
N GLN A 210 17.79 10.37 -18.71
CA GLN A 210 16.47 10.03 -19.23
C GLN A 210 15.79 11.26 -19.82
N THR A 211 14.98 11.02 -20.85
CA THR A 211 14.19 12.06 -21.49
C THR A 211 12.73 11.65 -21.48
N CYS A 212 11.87 12.58 -21.08
CA CYS A 212 10.44 12.34 -21.01
C CYS A 212 9.71 13.48 -21.71
N SER A 213 8.44 13.25 -22.04
CA SER A 213 7.65 14.23 -22.76
C SER A 213 6.20 14.16 -22.32
N LEU A 214 5.49 15.27 -22.52
CA LEU A 214 4.06 15.37 -22.23
C LEU A 214 3.35 15.85 -23.49
N GLU A 215 2.26 15.19 -23.85
CA GLU A 215 1.60 15.41 -25.13
C GLU A 215 0.19 15.93 -24.92
N ILE A 216 -0.20 16.88 -25.77
CA ILE A 216 -1.54 17.48 -25.72
C ILE A 216 -2.14 17.41 -27.12
N GLU A 217 -3.42 17.03 -27.19
CA GLU A 217 -4.07 16.81 -28.47
C GLU A 217 -5.57 16.97 -28.28
N SER A 218 -6.25 17.34 -29.37
CA SER A 218 -7.71 17.41 -29.39
C SER A 218 -8.29 16.04 -29.66
N TYR A 219 -9.42 15.74 -29.01
CA TYR A 219 -9.97 14.40 -29.10
C TYR A 219 -10.94 14.22 -30.26
N ALA A 220 -11.86 15.18 -30.45
CA ALA A 220 -12.95 15.01 -31.40
C ALA A 220 -12.77 15.75 -32.72
N TYR A 221 -12.00 16.84 -32.73
CA TYR A 221 -11.89 17.68 -33.92
C TYR A 221 -10.55 17.42 -34.61
N THR A 222 -10.60 17.27 -35.93
CA THR A 222 -9.41 17.08 -36.74
C THR A 222 -8.81 18.43 -37.13
N GLU A 223 -7.72 18.39 -37.90
CA GLU A 223 -7.07 19.63 -38.33
C GLU A 223 -7.93 20.43 -39.29
N ASP A 224 -8.94 19.81 -39.90
CA ASP A 224 -9.84 20.52 -40.81
C ASP A 224 -10.85 21.37 -40.07
N ASP A 225 -10.99 21.20 -38.76
CA ASP A 225 -11.94 21.97 -37.95
C ASP A 225 -11.30 22.75 -36.82
N LEU A 226 -10.17 22.29 -36.28
CA LEU A 226 -9.50 22.97 -35.18
C LEU A 226 -8.00 22.88 -35.39
N MET A 227 -7.34 24.04 -35.45
CA MET A 227 -5.89 24.12 -35.58
C MET A 227 -5.30 24.48 -34.23
N LEU A 228 -4.32 23.69 -33.78
CA LEU A 228 -3.71 23.88 -32.47
C LEU A 228 -2.26 24.33 -32.65
N TYR A 229 -1.87 25.36 -31.90
CA TYR A 229 -0.53 25.91 -32.00
C TYR A 229 -0.18 26.60 -30.70
N TRP A 230 1.12 26.79 -30.47
CA TRP A 230 1.59 27.52 -29.31
C TRP A 230 1.32 29.01 -29.48
N LYS A 231 0.82 29.65 -28.42
CA LYS A 231 0.37 31.04 -28.52
C LYS A 231 1.52 31.97 -28.87
N LYS A 232 2.68 31.80 -28.23
CA LYS A 232 3.80 32.71 -28.41
C LYS A 232 5.08 31.97 -28.79
N GLY A 233 4.95 30.87 -29.51
CA GLY A 233 6.13 30.16 -29.98
C GLY A 233 6.91 29.56 -28.83
N ASN A 234 8.23 29.76 -28.74
CA ASN A 234 8.92 29.11 -27.59
C ASN A 234 8.58 29.75 -26.28
N ASP A 235 8.22 31.04 -26.31
CA ASP A 235 8.02 31.73 -25.05
C ASP A 235 6.71 31.34 -24.37
N SER A 236 6.10 30.23 -24.76
CA SER A 236 4.82 29.80 -24.22
C SER A 236 4.97 28.83 -23.06
N LEU A 237 6.19 28.55 -22.62
CA LEU A 237 6.46 27.61 -21.54
C LEU A 237 7.16 28.34 -20.41
N LYS A 238 6.51 28.38 -19.25
CA LYS A 238 7.06 28.96 -18.04
C LYS A 238 7.15 27.89 -16.95
N THR A 239 8.17 28.01 -16.11
CA THR A 239 8.39 27.06 -15.03
C THR A 239 8.56 27.80 -13.72
N ASP A 240 8.09 27.17 -12.65
CA ASP A 240 8.23 27.75 -11.31
C ASP A 240 9.67 27.64 -10.85
N GLU A 241 10.08 28.57 -10.00
CA GLU A 241 11.44 28.58 -9.46
C GLU A 241 11.61 27.64 -8.27
N ARG A 242 10.54 27.01 -7.80
CA ARG A 242 10.60 26.10 -6.67
C ARG A 242 10.61 24.63 -7.10
N ILE A 243 10.71 24.35 -8.39
CA ILE A 243 10.72 22.97 -8.86
C ILE A 243 12.04 22.32 -8.46
N SER A 244 11.94 21.18 -7.77
CA SER A 244 13.14 20.49 -7.30
C SER A 244 12.80 19.03 -7.05
N LEU A 245 13.79 18.17 -7.25
CA LEU A 245 13.68 16.75 -6.96
C LEU A 245 14.86 16.33 -6.09
N SER A 246 14.58 15.50 -5.09
CA SER A 246 15.64 15.10 -4.16
C SER A 246 16.61 14.11 -4.80
N GLN A 247 16.20 13.46 -5.89
CA GLN A 247 17.01 12.42 -6.50
C GLN A 247 17.52 12.76 -7.89
N PHE A 248 16.91 13.73 -8.58
CA PHE A 248 17.26 14.04 -9.96
C PHE A 248 17.57 15.53 -10.12
N LEU A 249 18.07 15.87 -11.30
CA LEU A 249 18.31 17.25 -11.69
C LEU A 249 17.57 17.51 -12.99
N ILE A 250 16.82 18.61 -13.05
CA ILE A 250 15.93 18.90 -14.16
C ILE A 250 16.52 20.04 -14.99
N GLN A 251 16.49 19.89 -16.31
CA GLN A 251 17.09 20.88 -17.19
C GLN A 251 16.47 20.77 -18.58
N GLU A 252 16.68 21.83 -19.37
CA GLU A 252 16.38 21.84 -20.81
C GLU A 252 14.89 21.60 -21.09
N PHE A 253 14.07 22.54 -20.66
CA PHE A 253 12.67 22.56 -21.06
C PHE A 253 12.53 23.20 -22.44
N HIS A 254 11.77 22.55 -23.32
CA HIS A 254 11.51 23.10 -24.65
C HIS A 254 10.25 22.46 -25.20
N THR A 255 9.71 23.07 -26.26
CA THR A 255 8.45 22.65 -26.86
C THR A 255 8.64 22.40 -28.35
N THR A 256 7.90 21.42 -28.87
CA THR A 256 7.91 21.08 -30.29
C THR A 256 6.47 20.87 -30.76
N THR A 257 6.34 20.46 -32.02
CA THR A 257 5.03 20.23 -32.62
C THR A 257 5.17 19.16 -33.70
N LYS A 258 4.15 18.33 -33.82
CA LYS A 258 4.15 17.24 -34.80
C LYS A 258 2.72 16.82 -35.08
N LEU A 259 2.54 16.14 -36.21
CA LEU A 259 1.23 15.65 -36.63
C LEU A 259 1.06 14.18 -36.27
N ALA A 260 -0.19 13.76 -36.11
CA ALA A 260 -0.54 12.39 -35.78
C ALA A 260 -1.64 11.90 -36.73
N PHE A 261 -1.63 10.59 -36.99
CA PHE A 261 -2.58 9.98 -37.90
C PHE A 261 -3.24 8.78 -37.25
N TYR A 262 -4.55 8.71 -37.34
CA TYR A 262 -5.32 7.54 -36.91
C TYR A 262 -5.99 6.92 -38.13
N SER A 263 -5.96 5.60 -38.19
CA SER A 263 -6.40 4.88 -39.39
C SER A 263 -7.88 5.07 -39.71
N SER A 264 -8.70 5.42 -38.71
CA SER A 264 -10.14 5.46 -38.92
C SER A 264 -10.79 6.80 -38.55
N THR A 265 -10.02 7.81 -38.19
CA THR A 265 -10.65 9.09 -37.86
C THR A 265 -10.10 10.27 -38.65
N GLY A 266 -8.79 10.32 -38.89
CA GLY A 266 -8.21 11.39 -39.65
C GLY A 266 -6.89 11.84 -39.06
N TRP A 267 -6.52 13.09 -39.36
CA TRP A 267 -5.27 13.67 -38.91
C TRP A 267 -5.50 14.62 -37.75
N TYR A 268 -4.55 14.65 -36.81
CA TYR A 268 -4.63 15.53 -35.66
C TYR A 268 -3.27 16.18 -35.43
N ASN A 269 -3.29 17.30 -34.71
CA ASN A 269 -2.09 18.06 -34.40
C ASN A 269 -1.75 17.89 -32.93
N ARG A 270 -0.47 17.67 -32.63
CA ARG A 270 -0.01 17.41 -31.27
C ARG A 270 0.99 18.47 -30.83
N LEU A 271 1.03 18.70 -29.51
CA LEU A 271 2.00 19.58 -28.88
C LEU A 271 2.81 18.78 -27.87
N TYR A 272 4.09 19.10 -27.74
CA TYR A 272 5.00 18.36 -26.87
C TYR A 272 5.67 19.29 -25.87
N ILE A 273 5.95 18.77 -24.69
CA ILE A 273 6.73 19.45 -23.66
C ILE A 273 7.84 18.48 -23.26
N ASN A 274 9.09 18.87 -23.47
CA ASN A 274 10.23 17.99 -23.26
C ASN A 274 11.12 18.51 -22.14
N PHE A 275 11.76 17.58 -21.45
CA PHE A 275 12.72 17.92 -20.39
C PHE A 275 13.66 16.74 -20.20
N THR A 276 14.74 16.99 -19.47
CA THR A 276 15.79 16.00 -19.27
C THR A 276 16.04 15.81 -17.78
N LEU A 277 16.45 14.60 -17.41
CA LEU A 277 16.70 14.23 -16.02
C LEU A 277 18.09 13.62 -15.88
N ARG A 278 18.76 13.95 -14.79
CA ARG A 278 20.07 13.39 -14.47
C ARG A 278 20.08 12.94 -13.01
N ARG A 279 20.61 11.74 -12.79
CA ARG A 279 20.58 11.14 -11.45
C ARG A 279 21.77 11.60 -10.62
N HIS A 280 21.64 11.42 -9.31
CA HIS A 280 22.71 11.72 -8.36
C HIS A 280 23.41 10.43 -7.95
N ILE A 281 24.75 10.45 -8.01
CA ILE A 281 25.53 9.24 -7.81
C ILE A 281 26.05 9.07 -6.39
N PHE A 282 26.01 10.12 -5.56
CA PHE A 282 26.65 10.07 -4.26
C PHE A 282 26.06 8.98 -3.37
N PHE A 283 24.72 8.92 -3.28
CA PHE A 283 24.08 7.93 -2.42
C PHE A 283 24.41 6.52 -2.88
N PHE A 284 24.27 6.25 -4.18
CA PHE A 284 24.54 4.91 -4.69
C PHE A 284 26.00 4.53 -4.50
N LEU A 285 26.92 5.46 -4.77
CA LEU A 285 28.32 5.22 -4.50
C LEU A 285 28.53 4.78 -3.06
N LEU A 286 28.16 5.66 -2.11
CA LEU A 286 28.45 5.42 -0.70
C LEU A 286 27.71 4.20 -0.16
N GLN A 287 26.60 3.81 -0.79
CA GLN A 287 25.80 2.71 -0.26
C GLN A 287 26.12 1.37 -0.90
N THR A 288 26.73 1.35 -2.09
CA THR A 288 27.01 0.09 -2.76
C THR A 288 28.49 -0.14 -3.02
N TYR A 289 29.20 0.85 -3.59
CA TYR A 289 30.57 0.58 -4.03
C TYR A 289 31.52 0.51 -2.85
N PHE A 290 31.33 1.37 -1.85
CA PHE A 290 32.24 1.38 -0.71
C PHE A 290 32.21 0.09 0.10
N PRO A 291 31.06 -0.45 0.51
CA PRO A 291 31.09 -1.74 1.25
C PRO A 291 31.67 -2.89 0.44
N ALA A 292 31.39 -2.94 -0.86
CA ALA A 292 31.93 -4.02 -1.69
C ALA A 292 33.44 -3.94 -1.77
N THR A 293 33.99 -2.73 -1.98
CA THR A 293 35.43 -2.57 -2.01
C THR A 293 36.05 -2.88 -0.65
N LEU A 294 35.37 -2.50 0.44
CA LEU A 294 35.88 -2.82 1.77
C LEU A 294 35.95 -4.33 1.98
N MET A 295 34.91 -5.06 1.57
CA MET A 295 34.93 -6.51 1.71
C MET A 295 36.02 -7.14 0.84
N VAL A 296 36.20 -6.63 -0.38
CA VAL A 296 37.23 -7.15 -1.26
C VAL A 296 38.61 -6.95 -0.65
N MET A 297 38.86 -5.76 -0.12
CA MET A 297 40.16 -5.49 0.52
C MET A 297 40.33 -6.31 1.80
N LEU A 298 39.25 -6.56 2.53
CA LEU A 298 39.34 -7.40 3.73
C LEU A 298 39.68 -8.83 3.36
N SER A 299 39.20 -9.30 2.21
CA SER A 299 39.54 -10.64 1.76
C SER A 299 41.03 -10.81 1.50
N TRP A 300 41.75 -9.72 1.23
CA TRP A 300 43.17 -9.79 0.90
C TRP A 300 44.05 -10.02 2.12
N VAL A 301 43.61 -9.61 3.31
CA VAL A 301 44.47 -9.70 4.49
C VAL A 301 44.74 -11.14 4.91
N SER A 302 43.99 -12.10 4.38
CA SER A 302 44.23 -13.50 4.72
C SER A 302 45.56 -14.01 4.16
N PHE A 303 46.08 -13.39 3.12
CA PHE A 303 47.36 -13.80 2.53
C PHE A 303 48.55 -13.50 3.44
N TRP A 304 48.38 -12.63 4.43
CA TRP A 304 49.47 -12.23 5.31
C TRP A 304 49.44 -12.94 6.66
N ILE A 305 48.60 -13.97 6.79
CA ILE A 305 48.48 -14.76 8.02
C ILE A 305 49.13 -16.12 7.79
N ASP A 306 49.87 -16.58 8.78
CA ASP A 306 50.55 -17.87 8.67
C ASP A 306 49.56 -18.99 8.40
N ARG A 307 49.94 -19.91 7.51
CA ARG A 307 49.05 -20.98 7.08
C ARG A 307 48.74 -21.98 8.19
N ARG A 308 49.51 -22.00 9.27
CA ARG A 308 49.24 -22.92 10.37
C ARG A 308 48.05 -22.51 11.22
N ALA A 309 47.58 -21.27 11.09
CA ALA A 309 46.39 -20.80 11.81
C ALA A 309 45.15 -21.11 10.96
N VAL A 310 44.74 -22.37 11.02
CA VAL A 310 43.62 -22.82 10.19
C VAL A 310 42.32 -22.05 10.49
N PRO A 311 41.90 -21.87 11.79
CA PRO A 311 40.68 -21.11 12.09
C PRO A 311 40.89 -19.60 12.06
N ALA A 312 41.68 -19.12 11.11
CA ALA A 312 41.95 -17.69 10.99
C ALA A 312 41.76 -17.14 9.59
N ARG A 313 41.82 -17.95 8.54
CA ARG A 313 41.72 -17.44 7.17
C ARG A 313 40.44 -17.83 6.45
N VAL A 314 39.79 -18.91 6.87
CA VAL A 314 38.54 -19.37 6.25
C VAL A 314 37.37 -18.48 6.66
N PRO A 315 37.19 -18.13 7.94
CA PRO A 315 36.07 -17.25 8.29
C PRO A 315 36.08 -15.91 7.56
N LEU A 316 37.27 -15.35 7.29
CA LEU A 316 37.32 -14.10 6.54
C LEU A 316 36.66 -14.24 5.18
N GLY A 317 37.08 -15.26 4.41
CA GLY A 317 36.50 -15.47 3.10
C GLY A 317 35.01 -15.80 3.17
N ILE A 318 34.62 -16.62 4.13
CA ILE A 318 33.22 -17.02 4.26
C ILE A 318 32.35 -15.80 4.54
N THR A 319 32.77 -14.97 5.49
CA THR A 319 31.97 -13.81 5.86
C THR A 319 31.96 -12.76 4.75
N THR A 320 33.07 -12.63 4.02
CA THR A 320 33.06 -11.73 2.87
C THR A 320 32.09 -12.21 1.80
N VAL A 321 32.05 -13.52 1.54
CA VAL A 321 31.08 -14.07 0.59
C VAL A 321 29.66 -13.79 1.05
N LEU A 322 29.38 -14.02 2.34
CA LEU A 322 28.04 -13.78 2.87
C LEU A 322 27.65 -12.31 2.75
N THR A 323 28.56 -11.40 3.10
CA THR A 323 28.28 -9.98 3.01
C THR A 323 28.06 -9.55 1.57
N MET A 324 28.85 -10.09 0.64
CA MET A 324 28.66 -9.76 -0.77
C MET A 324 27.31 -10.24 -1.27
N SER A 325 26.89 -11.45 -0.87
CA SER A 325 25.58 -11.94 -1.27
C SER A 325 24.46 -11.07 -0.70
N THR A 326 24.60 -10.66 0.57
CA THR A 326 23.60 -9.79 1.18
C THR A 326 23.51 -8.45 0.46
N ILE A 327 24.67 -7.88 0.11
CA ILE A 327 24.69 -6.61 -0.61
C ILE A 327 24.04 -6.76 -1.98
N ILE A 328 24.33 -7.86 -2.67
CA ILE A 328 23.74 -8.09 -3.98
C ILE A 328 22.23 -8.18 -3.88
N THR A 329 21.73 -8.93 -2.89
CA THR A 329 20.28 -9.04 -2.71
C THR A 329 19.66 -7.68 -2.38
N GLY A 330 20.30 -6.92 -1.49
CA GLY A 330 19.75 -5.61 -1.14
C GLY A 330 19.71 -4.65 -2.32
N VAL A 331 20.74 -4.68 -3.16
CA VAL A 331 20.75 -3.81 -4.33
C VAL A 331 19.72 -4.26 -5.34
N ASN A 332 19.61 -5.56 -5.58
CA ASN A 332 18.68 -6.07 -6.57
C ASN A 332 17.23 -6.02 -6.11
N ALA A 333 16.97 -5.79 -4.82
CA ALA A 333 15.60 -5.74 -4.33
C ALA A 333 14.83 -4.52 -4.81
N SER A 334 15.48 -3.55 -5.44
CA SER A 334 14.83 -2.28 -5.78
C SER A 334 14.46 -2.17 -7.25
N MET A 335 15.41 -2.38 -8.15
CA MET A 335 15.17 -2.14 -9.57
C MET A 335 14.23 -3.20 -10.15
N PRO A 336 13.46 -2.85 -11.18
CA PRO A 336 12.58 -3.83 -11.82
C PRO A 336 13.37 -4.88 -12.59
N ARG A 337 12.70 -6.00 -12.86
CA ARG A 337 13.32 -7.16 -13.49
C ARG A 337 13.41 -6.94 -15.00
N VAL A 338 14.46 -6.23 -15.40
CA VAL A 338 14.73 -6.00 -16.82
C VAL A 338 15.39 -7.23 -17.42
N SER A 339 15.46 -7.28 -18.75
CA SER A 339 16.02 -8.42 -19.47
C SER A 339 17.46 -8.17 -19.91
N TYR A 340 18.10 -7.11 -19.43
CA TYR A 340 19.48 -6.81 -19.78
C TYR A 340 20.25 -6.50 -18.49
N ILE A 341 21.58 -6.45 -18.63
CA ILE A 341 22.46 -6.25 -17.48
C ILE A 341 22.75 -4.77 -17.33
N LYS A 342 22.80 -4.32 -16.08
CA LYS A 342 23.05 -2.92 -15.77
C LYS A 342 24.51 -2.71 -15.38
N ALA A 343 24.91 -1.45 -15.28
CA ALA A 343 26.29 -1.12 -14.95
C ALA A 343 26.65 -1.55 -13.53
N VAL A 344 25.70 -1.42 -12.60
CA VAL A 344 25.97 -1.76 -11.20
C VAL A 344 26.19 -3.26 -11.03
N ASP A 345 25.53 -4.08 -11.84
CA ASP A 345 25.68 -5.53 -11.70
C ASP A 345 27.06 -5.99 -12.16
N ILE A 346 27.64 -5.31 -13.14
CA ILE A 346 28.97 -5.68 -13.63
C ILE A 346 30.00 -5.53 -12.53
N TYR A 347 29.95 -4.42 -11.79
CA TYR A 347 30.92 -4.19 -10.73
C TYR A 347 30.72 -5.17 -9.58
N LEU A 348 29.47 -5.42 -9.19
CA LEU A 348 29.21 -6.28 -8.04
C LEU A 348 29.58 -7.73 -8.32
N TRP A 349 29.27 -8.23 -9.52
CA TRP A 349 29.52 -9.63 -9.82
C TRP A 349 31.00 -9.93 -10.01
N VAL A 350 31.77 -9.00 -10.59
CA VAL A 350 33.21 -9.20 -10.71
C VAL A 350 33.86 -9.24 -9.32
N SER A 351 33.43 -8.35 -8.42
CA SER A 351 33.97 -8.36 -7.07
C SER A 351 33.63 -9.66 -6.35
N PHE A 352 32.50 -10.29 -6.71
CA PHE A 352 32.15 -11.58 -6.12
C PHE A 352 33.13 -12.66 -6.57
N VAL A 353 33.61 -12.58 -7.81
CA VAL A 353 34.57 -13.56 -8.31
C VAL A 353 35.90 -13.43 -7.58
N PHE A 354 36.35 -12.20 -7.32
CA PHE A 354 37.61 -11.99 -6.62
C PHE A 354 37.56 -12.59 -5.22
N VAL A 355 36.44 -12.40 -4.51
CA VAL A 355 36.29 -12.99 -3.18
C VAL A 355 36.21 -14.51 -3.27
N PHE A 356 35.51 -15.01 -4.30
CA PHE A 356 35.37 -16.46 -4.44
C PHE A 356 36.70 -17.14 -4.71
N LEU A 357 37.53 -16.53 -5.56
CA LEU A 357 38.82 -17.13 -5.88
C LEU A 357 39.77 -17.12 -4.69
N SER A 358 39.52 -16.24 -3.72
CA SER A 358 40.37 -16.21 -2.52
C SER A 358 40.27 -17.50 -1.73
N VAL A 359 39.06 -18.05 -1.61
CA VAL A 359 38.86 -19.30 -0.87
C VAL A 359 39.58 -20.45 -1.57
N LEU A 360 39.49 -20.50 -2.91
CA LEU A 360 40.12 -21.58 -3.66
C LEU A 360 41.63 -21.55 -3.51
N GLU A 361 42.22 -20.37 -3.43
CA GLU A 361 43.67 -20.26 -3.31
C GLU A 361 44.16 -20.93 -2.03
N TYR A 362 43.48 -20.71 -0.92
CA TYR A 362 43.88 -21.35 0.34
C TYR A 362 43.76 -22.85 0.27
N ALA A 363 42.70 -23.35 -0.38
CA ALA A 363 42.53 -24.80 -0.51
C ALA A 363 43.65 -25.43 -1.32
N ALA A 364 44.13 -24.74 -2.35
CA ALA A 364 45.23 -25.26 -3.16
C ALA A 364 46.50 -25.37 -2.34
N VAL A 365 46.79 -24.36 -1.51
CA VAL A 365 47.99 -24.39 -0.68
C VAL A 365 47.91 -25.54 0.33
N ASN A 366 46.74 -25.72 0.95
CA ASN A 366 46.58 -26.77 1.95
C ASN A 366 46.77 -28.15 1.33
N TYR A 367 46.21 -28.37 0.13
CA TYR A 367 46.35 -29.66 -0.53
C TYR A 367 47.80 -29.92 -0.94
N LEU A 368 48.47 -28.92 -1.49
CA LEU A 368 49.85 -29.09 -1.92
C LEU A 368 50.78 -29.37 -0.73
N THR A 369 50.53 -28.69 0.40
CA THR A 369 51.36 -28.92 1.59
C THR A 369 51.22 -30.35 2.09
N THR A 370 49.99 -30.86 2.11
CA THR A 370 49.76 -32.23 2.57
C THR A 370 50.46 -33.24 1.67
N VAL A 371 50.38 -33.04 0.36
CA VAL A 371 51.03 -33.95 -0.59
C VAL A 371 52.54 -33.88 -0.44
N GLN A 372 53.07 -32.66 -0.30
CA GLN A 372 54.53 -32.49 -0.18
C GLN A 372 55.04 -33.13 1.11
N GLU A 373 54.32 -32.94 2.22
CA GLU A 373 54.75 -33.52 3.49
C GLU A 373 54.65 -35.05 3.46
N ARG A 374 53.65 -35.58 2.75
CA ARG A 374 53.49 -37.03 2.67
C ARG A 374 54.69 -37.68 1.99
N LYS A 375 55.19 -37.07 0.91
CA LYS A 375 56.35 -37.62 0.21
C LYS A 375 57.58 -37.63 1.11
N GLU A 376 57.78 -36.56 1.89
CA GLU A 376 58.92 -36.50 2.79
C GLU A 376 58.86 -37.60 3.84
N GLN A 377 57.68 -37.86 4.38
CA GLN A 377 57.50 -38.89 5.39
C GLN A 377 57.72 -40.28 4.80
N ASP A 451 57.98 -21.10 7.14
CA ASP A 451 58.24 -20.50 5.84
C ASP A 451 56.94 -20.11 5.14
N THR A 452 57.06 -19.33 4.06
CA THR A 452 55.92 -18.86 3.29
C THR A 452 55.97 -19.48 1.90
N HIS A 453 54.84 -20.06 1.48
CA HIS A 453 54.77 -20.67 0.17
C HIS A 453 54.77 -19.60 -0.92
N ALA A 454 55.21 -20.00 -2.12
CA ALA A 454 55.32 -19.05 -3.23
C ALA A 454 53.97 -18.56 -3.70
N ILE A 455 52.92 -19.37 -3.51
CA ILE A 455 51.60 -18.99 -4.00
C ILE A 455 51.10 -17.72 -3.31
N ASP A 456 51.26 -17.65 -1.99
CA ASP A 456 50.83 -16.46 -1.26
C ASP A 456 51.64 -15.23 -1.67
N LYS A 457 52.96 -15.42 -1.82
CA LYS A 457 53.82 -14.29 -2.19
C LYS A 457 53.46 -13.76 -3.57
N TYR A 458 53.11 -14.65 -4.51
CA TYR A 458 52.67 -14.20 -5.82
C TYR A 458 51.31 -13.52 -5.75
N SER A 459 50.37 -14.11 -5.00
CA SER A 459 49.00 -13.59 -4.96
C SER A 459 48.96 -12.19 -4.34
N ARG A 460 49.80 -11.94 -3.33
CA ARG A 460 49.78 -10.64 -2.65
C ARG A 460 50.02 -9.50 -3.62
N ILE A 461 50.73 -9.75 -4.72
CA ILE A 461 51.00 -8.74 -5.73
C ILE A 461 50.07 -8.87 -6.92
N ILE A 462 49.65 -10.11 -7.25
CA ILE A 462 48.81 -10.31 -8.42
C ILE A 462 47.42 -9.72 -8.20
N PHE A 463 46.80 -10.01 -7.06
CA PHE A 463 45.39 -9.62 -6.87
C PHE A 463 45.17 -8.11 -6.86
N PRO A 464 45.88 -7.30 -6.07
CA PRO A 464 45.60 -5.86 -6.08
C PRO A 464 45.80 -5.20 -7.43
N ALA A 465 46.82 -5.62 -8.18
CA ALA A 465 47.05 -5.03 -9.50
C ALA A 465 45.88 -5.30 -10.44
N ALA A 466 45.39 -6.54 -10.44
CA ALA A 466 44.25 -6.88 -11.28
C ALA A 466 43.00 -6.11 -10.87
N TYR A 467 42.76 -5.99 -9.56
CA TYR A 467 41.60 -5.23 -9.10
C TYR A 467 41.70 -3.76 -9.51
N ILE A 468 42.88 -3.17 -9.37
CA ILE A 468 43.06 -1.77 -9.75
C ILE A 468 42.86 -1.58 -11.25
N LEU A 469 43.40 -2.51 -12.05
CA LEU A 469 43.21 -2.42 -13.50
C LEU A 469 41.75 -2.53 -13.87
N PHE A 470 41.02 -3.45 -13.23
CA PHE A 470 39.60 -3.58 -13.51
C PHE A 470 38.84 -2.32 -13.13
N ASN A 471 39.17 -1.72 -11.98
CA ASN A 471 38.51 -0.49 -11.58
C ASN A 471 38.80 0.65 -12.56
N LEU A 472 40.04 0.75 -13.02
CA LEU A 472 40.39 1.80 -13.99
C LEU A 472 39.61 1.61 -15.28
N ILE A 473 39.53 0.38 -15.79
CA ILE A 473 38.78 0.13 -17.02
C ILE A 473 37.30 0.45 -16.82
N TYR A 474 36.73 0.01 -15.70
CA TYR A 474 35.31 0.23 -15.44
C TYR A 474 34.97 1.72 -15.35
N TRP A 475 35.81 2.48 -14.66
CA TRP A 475 35.55 3.91 -14.52
C TRP A 475 35.96 4.72 -15.74
N SER A 476 36.73 4.14 -16.66
CA SER A 476 37.02 4.82 -17.92
C SER A 476 35.93 4.58 -18.95
N ILE A 477 35.36 3.37 -18.98
CA ILE A 477 34.33 3.06 -19.96
C ILE A 477 33.04 3.80 -19.64
N PHE A 478 32.62 3.78 -18.38
CA PHE A 478 31.34 4.34 -17.97
C PHE A 478 31.43 5.78 -17.47
N SER A 479 32.63 6.38 -17.48
CA SER A 479 32.82 7.76 -17.07
C SER A 479 32.34 8.02 -15.63
N GLN B 77 -31.69 25.09 -33.76
CA GLN B 77 -31.03 23.80 -33.60
C GLN B 77 -31.00 23.04 -34.91
N LEU B 78 -29.85 22.42 -35.22
CA LEU B 78 -29.73 21.63 -36.43
C LEU B 78 -30.42 20.27 -36.29
N LEU B 79 -30.40 19.68 -35.10
CA LEU B 79 -30.99 18.38 -34.85
C LEU B 79 -32.29 18.55 -34.06
N ARG B 80 -33.30 17.76 -34.41
CA ARG B 80 -34.60 17.81 -33.73
C ARG B 80 -34.61 16.77 -32.60
N ILE B 81 -33.89 17.11 -31.53
CA ILE B 81 -33.79 16.21 -30.38
C ILE B 81 -35.10 16.13 -29.63
N ASP B 82 -35.74 17.28 -29.39
CA ASP B 82 -36.93 17.34 -28.55
C ASP B 82 -38.16 16.73 -29.19
N ASP B 83 -38.12 16.40 -30.48
CA ASP B 83 -39.30 15.92 -31.20
C ASP B 83 -39.46 14.41 -31.14
N HIS B 84 -38.59 13.70 -30.43
CA HIS B 84 -38.65 12.24 -30.37
C HIS B 84 -38.42 11.77 -28.95
N ASP B 85 -38.82 10.53 -28.68
CA ASP B 85 -38.61 9.88 -27.39
C ASP B 85 -37.48 8.88 -27.56
N PHE B 86 -36.32 9.18 -26.95
CA PHE B 86 -35.13 8.36 -27.10
C PHE B 86 -34.97 7.33 -25.99
N SER B 87 -36.07 6.89 -25.38
CA SER B 87 -36.03 5.83 -24.40
C SER B 87 -36.19 4.44 -25.04
N MET B 88 -36.36 4.38 -26.36
CA MET B 88 -36.52 3.13 -27.08
C MET B 88 -35.51 3.05 -28.21
N ARG B 89 -35.02 1.84 -28.46
CA ARG B 89 -34.04 1.63 -29.51
C ARG B 89 -34.68 1.84 -30.88
N PRO B 90 -33.88 2.19 -31.89
CA PRO B 90 -34.42 2.31 -33.25
C PRO B 90 -35.00 0.98 -33.72
N GLY B 91 -36.11 1.07 -34.45
CA GLY B 91 -36.83 -0.14 -34.84
C GLY B 91 -37.44 -0.87 -33.67
N PHE B 92 -38.02 -0.14 -32.72
CA PHE B 92 -38.62 -0.75 -31.54
C PHE B 92 -39.77 -1.66 -31.93
N GLY B 93 -39.79 -2.87 -31.39
CA GLY B 93 -40.82 -3.82 -31.72
C GLY B 93 -40.64 -4.51 -33.05
N GLY B 94 -39.48 -4.36 -33.69
CA GLY B 94 -39.23 -4.97 -34.97
C GLY B 94 -37.94 -5.75 -35.00
N PRO B 95 -37.32 -5.85 -36.18
CA PRO B 95 -36.07 -6.60 -36.30
C PRO B 95 -34.93 -5.92 -35.56
N ALA B 96 -33.88 -6.70 -35.31
CA ALA B 96 -32.71 -6.22 -34.60
C ALA B 96 -31.95 -5.19 -35.41
N ILE B 97 -31.14 -4.40 -34.73
CA ILE B 97 -30.36 -3.32 -35.33
C ILE B 97 -28.89 -3.72 -35.29
N PRO B 98 -28.20 -3.80 -36.43
CA PRO B 98 -26.78 -4.17 -36.43
C PRO B 98 -25.91 -3.05 -35.87
N VAL B 99 -24.89 -3.45 -35.12
CA VAL B 99 -23.93 -2.52 -34.52
C VAL B 99 -22.52 -3.05 -34.80
N GLY B 100 -21.66 -2.19 -35.33
CA GLY B 100 -20.28 -2.53 -35.58
C GLY B 100 -19.36 -2.01 -34.48
N VAL B 101 -18.20 -2.66 -34.36
CA VAL B 101 -17.25 -2.34 -33.29
C VAL B 101 -15.84 -2.28 -33.88
N ASP B 102 -15.09 -1.25 -33.49
CA ASP B 102 -13.68 -1.13 -33.81
C ASP B 102 -12.90 -0.89 -32.53
N VAL B 103 -11.69 -1.44 -32.47
CA VAL B 103 -10.87 -1.39 -31.28
C VAL B 103 -9.43 -1.07 -31.68
N GLN B 104 -8.82 -0.11 -30.98
CA GLN B 104 -7.40 0.19 -31.11
C GLN B 104 -6.78 0.18 -29.73
N VAL B 105 -5.74 -0.62 -29.55
CA VAL B 105 -5.09 -0.80 -28.26
C VAL B 105 -3.97 0.23 -28.13
N GLU B 106 -3.96 0.95 -27.01
CA GLU B 106 -2.98 2.00 -26.78
C GLU B 106 -1.76 1.52 -25.99
N SER B 107 -1.98 0.84 -24.86
CA SER B 107 -0.87 0.37 -24.06
C SER B 107 -1.34 -0.73 -23.10
N LEU B 108 -0.40 -1.54 -22.65
CA LEU B 108 -0.61 -2.52 -21.60
C LEU B 108 0.09 -2.02 -20.34
N ASP B 109 -0.67 -1.91 -19.25
CA ASP B 109 -0.17 -1.22 -18.05
C ASP B 109 0.66 -2.13 -17.16
N SER B 110 0.06 -3.20 -16.64
CA SER B 110 0.77 -4.05 -15.69
C SER B 110 0.14 -5.43 -15.68
N ILE B 111 0.87 -6.39 -15.10
CA ILE B 111 0.42 -7.76 -14.96
C ILE B 111 0.72 -8.22 -13.54
N SER B 112 -0.27 -8.82 -12.89
CA SER B 112 -0.14 -9.27 -11.50
C SER B 112 -0.30 -10.79 -11.44
N GLU B 113 0.57 -11.44 -10.67
CA GLU B 113 0.48 -12.88 -10.48
C GLU B 113 -0.29 -13.26 -9.22
N VAL B 114 -0.21 -12.44 -8.17
CA VAL B 114 -0.94 -12.74 -6.94
C VAL B 114 -2.44 -12.59 -7.16
N ASP B 115 -2.86 -11.60 -7.94
CA ASP B 115 -4.26 -11.37 -8.21
C ASP B 115 -4.72 -11.93 -9.55
N MET B 116 -3.78 -12.25 -10.43
CA MET B 116 -4.07 -12.87 -11.73
C MET B 116 -5.01 -11.99 -12.57
N ASP B 117 -4.51 -10.82 -12.93
CA ASP B 117 -5.25 -9.91 -13.79
C ASP B 117 -4.27 -9.01 -14.53
N PHE B 118 -4.80 -8.21 -15.46
CA PHE B 118 -4.00 -7.29 -16.25
C PHE B 118 -4.82 -6.05 -16.55
N THR B 119 -4.13 -4.97 -16.91
CA THR B 119 -4.75 -3.69 -17.18
C THR B 119 -4.45 -3.27 -18.62
N MET B 120 -5.45 -2.71 -19.30
CA MET B 120 -5.32 -2.32 -20.69
C MET B 120 -6.06 -1.01 -20.93
N THR B 121 -5.52 -0.20 -21.84
CA THR B 121 -6.15 1.04 -22.28
C THR B 121 -6.38 0.96 -23.79
N LEU B 122 -7.57 1.36 -24.22
CA LEU B 122 -7.95 1.18 -25.61
C LEU B 122 -9.00 2.20 -26.01
N TYR B 123 -9.20 2.32 -27.32
CA TYR B 123 -10.25 3.15 -27.90
C TYR B 123 -11.36 2.25 -28.43
N LEU B 124 -12.60 2.54 -28.08
CA LEU B 124 -13.74 1.75 -28.48
C LEU B 124 -14.65 2.57 -29.38
N ARG B 125 -15.00 2.01 -30.54
CA ARG B 125 -15.80 2.70 -31.54
C ARG B 125 -17.04 1.88 -31.86
N HIS B 126 -18.16 2.57 -32.10
CA HIS B 126 -19.43 1.95 -32.44
C HIS B 126 -19.96 2.54 -33.73
N TYR B 127 -20.66 1.71 -34.49
CA TYR B 127 -21.29 2.13 -35.74
C TYR B 127 -22.73 1.63 -35.78
N TRP B 128 -23.66 2.54 -36.05
CA TRP B 128 -25.07 2.18 -36.21
C TRP B 128 -25.77 3.33 -36.94
N LYS B 129 -27.02 3.08 -37.33
CA LYS B 129 -27.81 4.03 -38.08
C LYS B 129 -29.12 4.33 -37.35
N ASP B 130 -29.50 5.60 -37.33
CA ASP B 130 -30.72 6.05 -36.66
C ASP B 130 -31.35 7.13 -37.51
N GLU B 131 -32.55 6.87 -38.02
CA GLU B 131 -33.24 7.82 -38.89
C GLU B 131 -33.74 9.06 -38.15
N ARG B 132 -33.85 9.01 -36.83
CA ARG B 132 -34.36 10.15 -36.07
C ARG B 132 -33.34 11.29 -35.94
N LEU B 133 -32.08 11.05 -36.31
CA LEU B 133 -31.04 12.07 -36.24
C LEU B 133 -30.70 12.65 -37.61
N SER B 134 -31.50 12.38 -38.62
CA SER B 134 -31.22 12.87 -39.96
C SER B 134 -31.43 14.38 -40.04
N PHE B 135 -30.56 15.06 -40.76
CA PHE B 135 -30.65 16.50 -40.99
C PHE B 135 -30.33 16.78 -42.45
N PRO B 136 -30.91 17.84 -43.02
CA PRO B 136 -30.68 18.13 -44.44
C PRO B 136 -29.38 18.88 -44.70
N SER B 137 -28.68 18.50 -45.76
CA SER B 137 -27.46 19.17 -46.17
C SER B 137 -27.17 18.79 -47.62
N THR B 138 -26.12 19.43 -48.18
CA THR B 138 -25.75 19.21 -49.56
C THR B 138 -24.40 18.52 -49.74
N ASN B 139 -23.43 18.76 -48.85
CA ASN B 139 -22.10 18.21 -49.05
C ASN B 139 -22.04 16.71 -48.78
N ASN B 140 -23.02 16.12 -48.07
CA ASN B 140 -22.95 14.68 -47.65
C ASN B 140 -21.61 14.38 -46.97
N LEU B 141 -21.36 15.02 -45.84
CA LEU B 141 -20.15 14.76 -45.08
C LEU B 141 -20.48 14.74 -43.59
N SER B 142 -19.66 14.02 -42.84
CA SER B 142 -19.87 13.90 -41.39
C SER B 142 -19.66 15.25 -40.70
N MET B 143 -20.47 15.50 -39.68
CA MET B 143 -20.36 16.71 -38.88
C MET B 143 -20.14 16.33 -37.42
N THR B 144 -19.22 17.04 -36.76
CA THR B 144 -18.80 16.71 -35.41
C THR B 144 -19.50 17.62 -34.41
N PHE B 145 -20.02 17.03 -33.34
CA PHE B 145 -20.65 17.76 -32.25
C PHE B 145 -19.77 17.68 -31.01
N ASP B 146 -20.03 18.59 -30.06
CA ASP B 146 -19.14 18.75 -28.92
C ASP B 146 -19.06 17.48 -28.07
N GLY B 147 -20.20 16.87 -27.77
CA GLY B 147 -20.18 15.61 -27.03
C GLY B 147 -21.12 15.52 -25.85
N ARG B 148 -21.69 16.66 -25.43
CA ARG B 148 -22.65 16.64 -24.34
C ARG B 148 -24.04 16.23 -24.79
N LEU B 149 -24.25 16.05 -26.10
CA LEU B 149 -25.53 15.61 -26.62
C LEU B 149 -25.74 14.11 -26.51
N VAL B 150 -24.72 13.36 -26.04
CA VAL B 150 -24.83 11.92 -25.94
C VAL B 150 -25.92 11.52 -24.95
N LYS B 151 -26.00 12.22 -23.83
CA LYS B 151 -27.00 11.90 -22.81
C LYS B 151 -28.41 12.32 -23.20
N LYS B 152 -28.65 12.72 -24.44
CA LYS B 152 -29.98 13.08 -24.91
C LYS B 152 -30.45 12.20 -26.06
N ILE B 153 -29.65 11.24 -26.50
CA ILE B 153 -30.01 10.33 -27.59
C ILE B 153 -29.72 8.90 -27.15
N TRP B 154 -30.17 7.95 -27.97
CA TRP B 154 -29.97 6.55 -27.69
C TRP B 154 -28.53 6.14 -28.00
N VAL B 155 -27.97 5.28 -27.14
CA VAL B 155 -26.58 4.87 -27.25
C VAL B 155 -26.49 3.40 -26.83
N PRO B 156 -25.67 2.58 -27.50
CA PRO B 156 -25.53 1.17 -27.09
C PRO B 156 -25.06 1.03 -25.65
N ASP B 157 -25.14 -0.20 -25.15
CA ASP B 157 -24.97 -0.51 -23.74
C ASP B 157 -23.94 -1.62 -23.55
N MET B 158 -22.80 -1.49 -24.21
CA MET B 158 -21.75 -2.49 -24.12
C MET B 158 -21.05 -2.42 -22.76
N PHE B 159 -20.54 -3.56 -22.32
CA PHE B 159 -19.78 -3.65 -21.07
C PHE B 159 -18.76 -4.76 -21.19
N PHE B 160 -17.79 -4.75 -20.27
CA PHE B 160 -16.69 -5.70 -20.27
C PHE B 160 -17.00 -6.82 -19.29
N VAL B 161 -17.00 -8.05 -19.79
CA VAL B 161 -17.32 -9.23 -18.98
C VAL B 161 -16.08 -9.63 -18.19
N HIS B 162 -16.31 -10.09 -16.95
CA HIS B 162 -15.25 -10.61 -16.08
C HIS B 162 -14.21 -9.55 -15.77
N SER B 163 -14.66 -8.30 -15.57
CA SER B 163 -13.78 -7.21 -15.22
C SER B 163 -13.88 -6.91 -13.72
N LYS B 164 -12.78 -6.43 -13.15
CA LYS B 164 -12.73 -6.08 -11.74
C LYS B 164 -13.06 -4.62 -11.49
N ARG B 165 -12.59 -3.73 -12.35
CA ARG B 165 -12.85 -2.30 -12.22
C ARG B 165 -12.54 -1.63 -13.56
N SER B 166 -13.15 -0.47 -13.78
CA SER B 166 -12.94 0.29 -15.00
C SER B 166 -13.46 1.70 -14.80
N PHE B 167 -13.04 2.60 -15.69
CA PHE B 167 -13.47 3.99 -15.64
C PHE B 167 -13.25 4.62 -17.01
N ILE B 168 -13.79 5.83 -17.16
CA ILE B 168 -13.66 6.61 -18.38
C ILE B 168 -12.93 7.91 -18.04
N HIS B 169 -11.90 8.24 -18.82
CA HIS B 169 -11.13 9.45 -18.58
C HIS B 169 -12.00 10.68 -18.82
N ASP B 170 -11.86 11.67 -17.94
CA ASP B 170 -12.69 12.87 -17.99
C ASP B 170 -11.86 14.13 -17.75
N THR B 171 -10.70 14.21 -18.39
CA THR B 171 -9.84 15.39 -18.30
C THR B 171 -9.38 15.76 -19.70
N THR B 172 -9.60 17.02 -20.08
CA THR B 172 -10.24 18.02 -19.24
C THR B 172 -11.76 17.93 -19.30
N THR B 173 -12.26 17.09 -20.20
CA THR B 173 -13.68 16.79 -20.32
C THR B 173 -13.81 15.30 -20.64
N ASP B 174 -15.05 14.83 -20.76
CA ASP B 174 -15.28 13.44 -21.14
C ASP B 174 -14.71 13.18 -22.53
N ASN B 175 -13.94 12.10 -22.64
CA ASN B 175 -13.31 11.71 -23.90
C ASN B 175 -14.35 11.02 -24.77
N VAL B 176 -15.24 11.82 -25.34
CA VAL B 176 -16.36 11.34 -26.13
C VAL B 176 -16.39 12.08 -27.46
N MET B 177 -16.53 11.34 -28.54
CA MET B 177 -16.62 11.90 -29.88
C MET B 177 -17.93 11.45 -30.52
N LEU B 178 -18.55 12.36 -31.27
CA LEU B 178 -19.84 12.07 -31.90
C LEU B 178 -19.88 12.73 -33.27
N ARG B 179 -19.95 11.91 -34.31
CA ARG B 179 -20.06 12.38 -35.69
C ARG B 179 -21.29 11.74 -36.32
N VAL B 180 -22.13 12.56 -36.95
CA VAL B 180 -23.38 12.11 -37.55
C VAL B 180 -23.40 12.51 -39.01
N GLN B 181 -23.66 11.55 -39.89
CA GLN B 181 -23.82 11.79 -41.31
C GLN B 181 -25.23 12.27 -41.61
N PRO B 182 -25.42 12.98 -42.72
CA PRO B 182 -26.76 13.51 -43.03
C PRO B 182 -27.83 12.45 -43.16
N ASP B 183 -27.49 11.26 -43.66
CA ASP B 183 -28.50 10.20 -43.82
C ASP B 183 -28.89 9.56 -42.50
N GLY B 184 -28.01 9.59 -41.50
CA GLY B 184 -28.35 9.05 -40.20
C GLY B 184 -27.32 8.13 -39.59
N LYS B 185 -26.19 7.95 -40.28
CA LYS B 185 -25.12 7.14 -39.74
C LYS B 185 -24.43 7.88 -38.59
N VAL B 186 -24.07 7.13 -37.54
CA VAL B 186 -23.53 7.69 -36.31
C VAL B 186 -22.22 7.01 -35.99
N LEU B 187 -21.23 7.80 -35.57
CA LEU B 187 -19.95 7.30 -35.08
C LEU B 187 -19.77 7.73 -33.64
N TYR B 188 -19.43 6.78 -32.77
CA TYR B 188 -19.32 7.02 -31.34
C TYR B 188 -18.03 6.40 -30.84
N SER B 189 -17.20 7.18 -30.17
CA SER B 189 -15.90 6.73 -29.71
C SER B 189 -15.73 7.01 -28.22
N LEU B 190 -14.95 6.16 -27.56
CA LEU B 190 -14.70 6.26 -26.14
C LEU B 190 -13.26 5.89 -25.85
N ARG B 191 -12.77 6.31 -24.67
CA ARG B 191 -11.45 5.93 -24.18
C ARG B 191 -11.61 5.44 -22.75
N VAL B 192 -11.27 4.17 -22.53
CA VAL B 192 -11.51 3.52 -21.24
C VAL B 192 -10.26 2.76 -20.81
N THR B 193 -10.21 2.46 -19.52
CA THR B 193 -9.17 1.61 -18.94
C THR B 193 -9.85 0.49 -18.16
N VAL B 194 -9.46 -0.75 -18.44
CA VAL B 194 -10.14 -1.93 -17.92
C VAL B 194 -9.13 -2.85 -17.25
N THR B 195 -9.55 -3.45 -16.14
CA THR B 195 -8.81 -4.52 -15.48
C THR B 195 -9.65 -5.80 -15.56
N ALA B 196 -9.08 -6.86 -16.10
CA ALA B 196 -9.81 -8.09 -16.35
C ALA B 196 -9.04 -9.28 -15.81
N MET B 197 -9.77 -10.33 -15.44
CA MET B 197 -9.18 -11.52 -14.87
C MET B 197 -8.63 -12.43 -15.96
N CYS B 198 -7.47 -13.03 -15.67
CA CYS B 198 -6.85 -14.00 -16.56
C CYS B 198 -6.31 -15.15 -15.74
N ASN B 199 -6.75 -16.37 -16.06
CA ASN B 199 -6.32 -17.56 -15.34
C ASN B 199 -4.97 -18.01 -15.90
N MET B 200 -3.99 -18.14 -15.01
CA MET B 200 -2.61 -18.46 -15.40
C MET B 200 -2.15 -19.74 -14.72
N ASP B 201 -1.30 -20.48 -15.41
CA ASP B 201 -0.72 -21.71 -14.91
C ASP B 201 0.78 -21.53 -14.73
N PHE B 202 1.29 -21.86 -13.54
CA PHE B 202 2.70 -21.67 -13.21
C PHE B 202 3.43 -22.99 -13.03
N SER B 203 3.02 -24.03 -13.77
CA SER B 203 3.68 -25.32 -13.67
C SER B 203 5.06 -25.32 -14.31
N ARG B 204 5.30 -24.43 -15.28
CA ARG B 204 6.58 -24.31 -15.95
C ARG B 204 7.31 -23.01 -15.62
N PHE B 205 6.93 -22.36 -14.52
CA PHE B 205 7.56 -21.11 -14.13
C PHE B 205 9.04 -21.34 -13.83
N PRO B 206 9.94 -20.44 -14.27
CA PRO B 206 9.64 -19.24 -15.03
C PRO B 206 9.85 -19.36 -16.54
N LEU B 207 9.59 -20.54 -17.10
CA LEU B 207 9.71 -20.78 -18.53
C LEU B 207 8.34 -21.10 -19.15
N ASP B 208 7.31 -20.39 -18.70
CA ASP B 208 5.93 -20.66 -19.10
C ASP B 208 5.46 -19.63 -20.12
N THR B 209 4.31 -19.93 -20.72
CA THR B 209 3.65 -19.06 -21.68
C THR B 209 2.20 -18.88 -21.27
N GLN B 210 1.74 -17.63 -21.26
CA GLN B 210 0.41 -17.30 -20.78
C GLN B 210 -0.42 -16.69 -21.90
N THR B 211 -1.70 -17.05 -21.91
CA THR B 211 -2.66 -16.53 -22.87
C THR B 211 -3.83 -15.90 -22.12
N CYS B 212 -4.21 -14.69 -22.52
CA CYS B 212 -5.31 -13.96 -21.91
C CYS B 212 -6.24 -13.45 -22.99
N SER B 213 -7.41 -12.97 -22.57
CA SER B 213 -8.40 -12.46 -23.50
C SER B 213 -9.23 -11.38 -22.83
N LEU B 214 -9.87 -10.55 -23.66
CA LEU B 214 -10.78 -9.51 -23.21
C LEU B 214 -12.11 -9.67 -23.93
N GLU B 215 -13.20 -9.62 -23.19
CA GLU B 215 -14.52 -9.94 -23.69
C GLU B 215 -15.43 -8.71 -23.66
N ILE B 216 -16.20 -8.54 -24.72
CA ILE B 216 -17.13 -7.43 -24.86
C ILE B 216 -18.52 -7.99 -25.19
N GLU B 217 -19.54 -7.47 -24.52
CA GLU B 217 -20.89 -8.00 -24.66
C GLU B 217 -21.88 -6.91 -24.30
N SER B 218 -23.09 -7.02 -24.86
CA SER B 218 -24.18 -6.12 -24.53
C SER B 218 -24.89 -6.61 -23.27
N TYR B 219 -25.35 -5.66 -22.46
CA TYR B 219 -25.90 -6.02 -21.15
C TYR B 219 -27.40 -6.29 -21.20
N ALA B 220 -28.16 -5.43 -21.88
CA ALA B 220 -29.61 -5.47 -21.78
C ALA B 220 -30.32 -6.07 -22.99
N TYR B 221 -29.69 -6.07 -24.16
CA TYR B 221 -30.34 -6.52 -25.38
C TYR B 221 -29.82 -7.89 -25.80
N THR B 222 -30.73 -8.78 -26.18
CA THR B 222 -30.37 -10.12 -26.61
C THR B 222 -30.04 -10.12 -28.10
N GLU B 223 -29.81 -11.32 -28.64
CA GLU B 223 -29.50 -11.44 -30.07
C GLU B 223 -30.69 -11.08 -30.96
N ASP B 224 -31.90 -11.11 -30.42
CA ASP B 224 -33.08 -10.77 -31.20
C ASP B 224 -33.35 -9.28 -31.27
N ASP B 225 -32.62 -8.47 -30.49
CA ASP B 225 -32.81 -7.02 -30.49
C ASP B 225 -31.56 -6.26 -30.91
N LEU B 226 -30.37 -6.81 -30.72
CA LEU B 226 -29.13 -6.14 -31.09
C LEU B 226 -28.15 -7.19 -31.60
N MET B 227 -27.69 -7.01 -32.84
CA MET B 227 -26.70 -7.89 -33.45
C MET B 227 -25.34 -7.23 -33.39
N LEU B 228 -24.36 -7.93 -32.82
CA LEU B 228 -23.02 -7.40 -32.62
C LEU B 228 -22.03 -8.16 -33.49
N TYR B 229 -21.19 -7.42 -34.21
CA TYR B 229 -20.21 -8.01 -35.11
C TYR B 229 -19.04 -7.07 -35.29
N TRP B 230 -17.91 -7.61 -35.72
CA TRP B 230 -16.74 -6.81 -36.03
C TRP B 230 -16.94 -6.07 -37.34
N LYS B 231 -16.51 -4.81 -37.39
CA LYS B 231 -16.79 -3.97 -38.54
C LYS B 231 -16.09 -4.48 -39.80
N LYS B 232 -14.81 -4.86 -39.68
CA LYS B 232 -14.03 -5.27 -40.85
C LYS B 232 -13.37 -6.62 -40.63
N GLY B 233 -14.01 -7.51 -39.88
CA GLY B 233 -13.47 -8.84 -39.70
C GLY B 233 -12.15 -8.81 -38.95
N ASN B 234 -11.08 -9.32 -39.54
CA ASN B 234 -9.79 -9.36 -38.82
C ASN B 234 -9.14 -8.01 -38.79
N ASP B 235 -9.48 -7.14 -39.72
CA ASP B 235 -8.81 -5.85 -39.84
C ASP B 235 -9.38 -4.80 -38.90
N SER B 236 -10.21 -5.21 -37.94
CA SER B 236 -10.84 -4.28 -37.02
C SER B 236 -10.02 -4.05 -35.75
N LEU B 237 -8.84 -4.64 -35.64
CA LEU B 237 -8.00 -4.51 -34.47
C LEU B 237 -6.67 -3.89 -34.87
N LYS B 238 -6.37 -2.73 -34.30
CA LYS B 238 -5.10 -2.03 -34.50
C LYS B 238 -4.38 -1.92 -33.16
N THR B 239 -3.05 -1.86 -33.23
CA THR B 239 -2.22 -1.79 -32.04
C THR B 239 -1.21 -0.66 -32.17
N ASP B 240 -0.93 -0.01 -31.04
CA ASP B 240 0.07 1.04 -31.01
C ASP B 240 1.47 0.45 -31.15
N GLU B 241 2.38 1.24 -31.72
CA GLU B 241 3.75 0.80 -31.90
C GLU B 241 4.59 0.92 -30.63
N ARG B 242 4.06 1.55 -29.58
CA ARG B 242 4.78 1.71 -28.32
C ARG B 242 4.35 0.71 -27.26
N ILE B 243 3.53 -0.28 -27.62
CA ILE B 243 3.09 -1.27 -26.65
C ILE B 243 4.25 -2.20 -26.31
N SER B 244 4.61 -2.25 -25.03
CA SER B 244 5.74 -3.06 -24.60
C SER B 244 5.63 -3.30 -23.10
N LEU B 245 6.26 -4.38 -22.65
CA LEU B 245 6.36 -4.72 -21.24
C LEU B 245 7.80 -5.04 -20.90
N SER B 246 8.24 -4.59 -19.72
CA SER B 246 9.64 -4.77 -19.33
C SER B 246 9.97 -6.23 -19.05
N GLN B 247 8.97 -7.05 -18.73
CA GLN B 247 9.20 -8.43 -18.34
C GLN B 247 8.62 -9.44 -19.31
N PHE B 248 7.70 -9.04 -20.18
CA PHE B 248 7.02 -9.97 -21.08
C PHE B 248 7.19 -9.54 -22.52
N LEU B 249 6.93 -10.49 -23.43
CA LEU B 249 6.95 -10.25 -24.86
C LEU B 249 5.56 -10.54 -25.41
N ILE B 250 5.03 -9.60 -26.20
CA ILE B 250 3.65 -9.64 -26.68
C ILE B 250 3.64 -10.06 -28.14
N GLN B 251 2.69 -10.92 -28.49
CA GLN B 251 2.61 -11.46 -29.84
C GLN B 251 1.23 -12.04 -30.10
N GLU B 252 0.93 -12.21 -31.38
CA GLU B 252 -0.25 -12.95 -31.86
C GLU B 252 -1.55 -12.32 -31.37
N PHE B 253 -1.80 -11.10 -31.84
CA PHE B 253 -3.10 -10.45 -31.63
C PHE B 253 -4.09 -10.92 -32.69
N HIS B 254 -5.28 -11.35 -32.27
CA HIS B 254 -6.33 -11.72 -33.19
C HIS B 254 -7.67 -11.65 -32.45
N THR B 255 -8.75 -11.68 -33.24
CA THR B 255 -10.10 -11.54 -32.72
C THR B 255 -10.96 -12.72 -33.15
N THR B 256 -11.91 -13.09 -32.28
CA THR B 256 -12.83 -14.19 -32.54
C THR B 256 -14.23 -13.77 -32.10
N THR B 257 -15.19 -14.67 -32.26
CA THR B 257 -16.58 -14.41 -31.90
C THR B 257 -17.20 -15.69 -31.38
N LYS B 258 -18.18 -15.55 -30.48
CA LYS B 258 -18.85 -16.69 -29.88
C LYS B 258 -20.14 -16.23 -29.24
N LEU B 259 -21.07 -17.17 -29.07
CA LEU B 259 -22.35 -16.90 -28.43
C LEU B 259 -22.32 -17.33 -26.97
N ALA B 260 -23.14 -16.66 -26.16
CA ALA B 260 -23.24 -16.94 -24.74
C ALA B 260 -24.70 -17.10 -24.35
N PHE B 261 -24.94 -17.87 -23.28
CA PHE B 261 -26.29 -18.17 -22.83
C PHE B 261 -26.38 -17.92 -21.33
N TYR B 262 -27.47 -17.26 -20.92
CA TYR B 262 -27.81 -17.09 -19.51
C TYR B 262 -29.15 -17.75 -19.26
N SER B 263 -29.23 -18.49 -18.15
CA SER B 263 -30.37 -19.36 -17.90
C SER B 263 -31.68 -18.60 -17.74
N SER B 264 -31.65 -17.30 -17.49
CA SER B 264 -32.86 -16.56 -17.19
C SER B 264 -33.06 -15.30 -18.04
N THR B 265 -32.19 -15.05 -19.01
CA THR B 265 -32.40 -13.86 -19.83
C THR B 265 -32.41 -14.14 -21.33
N GLY B 266 -31.57 -15.05 -21.82
CA GLY B 266 -31.56 -15.39 -23.22
C GLY B 266 -30.14 -15.54 -23.73
N TRP B 267 -29.99 -15.38 -25.04
CA TRP B 267 -28.70 -15.54 -25.72
C TRP B 267 -28.11 -14.18 -26.05
N TYR B 268 -26.78 -14.10 -25.99
CA TYR B 268 -26.07 -12.86 -26.25
C TYR B 268 -24.87 -13.15 -27.15
N ASN B 269 -24.36 -12.09 -27.77
CA ASN B 269 -23.20 -12.17 -28.64
C ASN B 269 -21.98 -11.58 -27.94
N ARG B 270 -20.85 -12.28 -28.03
CA ARG B 270 -19.61 -11.85 -27.39
C ARG B 270 -18.51 -11.67 -28.42
N LEU B 271 -17.58 -10.77 -28.11
CA LEU B 271 -16.41 -10.52 -28.93
C LEU B 271 -15.16 -10.71 -28.09
N TYR B 272 -14.10 -11.24 -28.70
CA TYR B 272 -12.88 -11.59 -27.99
C TYR B 272 -11.68 -10.88 -28.61
N ILE B 273 -10.70 -10.55 -27.76
CA ILE B 273 -9.41 -10.02 -28.17
C ILE B 273 -8.35 -10.88 -27.49
N ASN B 274 -7.53 -11.57 -28.28
CA ASN B 274 -6.59 -12.55 -27.76
C ASN B 274 -5.16 -12.11 -28.01
N PHE B 275 -4.27 -12.50 -27.10
CA PHE B 275 -2.85 -12.22 -27.21
C PHE B 275 -2.08 -13.22 -26.36
N THR B 276 -0.76 -13.26 -26.57
CA THR B 276 0.11 -14.22 -25.93
C THR B 276 1.31 -13.51 -25.31
N LEU B 277 1.80 -14.05 -24.20
CA LEU B 277 2.89 -13.45 -23.45
C LEU B 277 3.96 -14.49 -23.15
N ARG B 278 5.22 -14.07 -23.20
CA ARG B 278 6.37 -14.92 -22.89
C ARG B 278 7.32 -14.19 -21.96
N ARG B 279 7.83 -14.90 -20.96
CA ARG B 279 8.73 -14.31 -19.98
C ARG B 279 10.16 -14.23 -20.52
N HIS B 280 10.96 -13.42 -19.84
CA HIS B 280 12.40 -13.31 -20.12
C HIS B 280 13.17 -14.06 -19.05
N ILE B 281 14.04 -14.98 -19.47
CA ILE B 281 14.71 -15.89 -18.54
C ILE B 281 16.04 -15.35 -18.04
N PHE B 282 16.56 -14.27 -18.62
CA PHE B 282 17.90 -13.78 -18.25
C PHE B 282 17.97 -13.39 -16.78
N PHE B 283 17.03 -12.56 -16.33
CA PHE B 283 17.07 -12.09 -14.95
C PHE B 283 16.92 -13.25 -13.97
N PHE B 284 15.97 -14.16 -14.22
CA PHE B 284 15.75 -15.26 -13.30
C PHE B 284 16.98 -16.16 -13.24
N LEU B 285 17.56 -16.49 -14.40
CA LEU B 285 18.79 -17.27 -14.41
C LEU B 285 19.86 -16.60 -13.56
N LEU B 286 20.24 -15.37 -13.92
CA LEU B 286 21.34 -14.69 -13.26
C LEU B 286 21.10 -14.48 -11.77
N GLN B 287 19.83 -14.34 -11.37
CA GLN B 287 19.53 -14.01 -9.98
C GLN B 287 19.31 -15.24 -9.10
N THR B 288 18.94 -16.38 -9.68
CA THR B 288 18.64 -17.57 -8.88
C THR B 288 19.55 -18.74 -9.17
N TYR B 289 19.75 -19.10 -10.44
CA TYR B 289 20.42 -20.36 -10.73
C TYR B 289 21.93 -20.26 -10.49
N PHE B 290 22.52 -19.11 -10.81
CA PHE B 290 23.96 -18.95 -10.61
C PHE B 290 24.38 -19.05 -9.15
N PRO B 291 23.74 -18.37 -8.19
CA PRO B 291 24.16 -18.55 -6.79
C PRO B 291 24.03 -19.98 -6.29
N ALA B 292 22.98 -20.70 -6.71
CA ALA B 292 22.82 -22.08 -6.26
C ALA B 292 23.94 -22.97 -6.77
N THR B 293 24.28 -22.84 -8.06
CA THR B 293 25.39 -23.61 -8.61
C THR B 293 26.71 -23.22 -7.95
N LEU B 294 26.91 -21.93 -7.67
CA LEU B 294 28.12 -21.50 -6.98
C LEU B 294 28.23 -22.14 -5.59
N MET B 295 27.13 -22.16 -4.85
CA MET B 295 27.15 -22.77 -3.52
C MET B 295 27.40 -24.27 -3.61
N VAL B 296 26.78 -24.94 -4.58
CA VAL B 296 26.99 -26.38 -4.74
C VAL B 296 28.46 -26.67 -5.05
N MET B 297 29.07 -25.89 -5.95
CA MET B 297 30.47 -26.08 -6.25
C MET B 297 31.36 -25.73 -5.05
N LEU B 298 30.95 -24.76 -4.25
CA LEU B 298 31.71 -24.41 -3.05
C LEU B 298 31.69 -25.56 -2.05
N SER B 299 30.57 -26.28 -1.95
CA SER B 299 30.50 -27.42 -1.04
C SER B 299 31.46 -28.54 -1.43
N TRP B 300 31.97 -28.54 -2.67
CA TRP B 300 32.86 -29.59 -3.12
C TRP B 300 34.30 -29.39 -2.70
N VAL B 301 34.67 -28.19 -2.22
CA VAL B 301 36.06 -27.94 -1.86
C VAL B 301 36.44 -28.64 -0.56
N SER B 302 35.46 -29.10 0.21
CA SER B 302 35.76 -29.79 1.47
C SER B 302 36.40 -31.15 1.25
N PHE B 303 36.23 -31.74 0.06
CA PHE B 303 36.78 -33.06 -0.22
C PHE B 303 38.29 -33.04 -0.44
N TRP B 304 38.88 -31.88 -0.74
CA TRP B 304 40.30 -31.76 -1.00
C TRP B 304 41.08 -31.21 0.19
N ILE B 305 40.46 -31.15 1.36
CA ILE B 305 41.09 -30.65 2.58
C ILE B 305 41.32 -31.81 3.53
N ASP B 306 42.48 -31.79 4.18
CA ASP B 306 42.84 -32.86 5.11
C ASP B 306 41.81 -32.96 6.24
N ARG B 307 41.47 -34.20 6.60
CA ARG B 307 40.47 -34.45 7.63
C ARG B 307 40.93 -34.05 9.02
N ARG B 308 42.23 -33.90 9.25
CA ARG B 308 42.73 -33.51 10.55
C ARG B 308 42.48 -32.05 10.87
N ALA B 309 42.15 -31.24 9.87
CA ALA B 309 41.76 -29.84 10.08
C ALA B 309 40.24 -29.77 10.29
N VAL B 310 39.83 -30.09 11.51
CA VAL B 310 38.40 -30.14 11.82
C VAL B 310 37.71 -28.78 11.62
N PRO B 311 38.26 -27.63 12.12
CA PRO B 311 37.61 -26.33 11.88
C PRO B 311 37.89 -25.76 10.49
N ALA B 312 37.83 -26.63 9.48
CA ALA B 312 38.07 -26.21 8.11
C ALA B 312 37.06 -26.73 7.09
N ARG B 313 36.23 -27.71 7.43
CA ARG B 313 35.28 -28.28 6.48
C ARG B 313 33.82 -28.14 6.90
N VAL B 314 33.52 -28.16 8.19
CA VAL B 314 32.17 -28.03 8.70
C VAL B 314 31.58 -26.65 8.40
N PRO B 315 32.31 -25.54 8.64
CA PRO B 315 31.73 -24.23 8.32
C PRO B 315 31.34 -24.06 6.86
N LEU B 316 32.08 -24.67 5.93
CA LEU B 316 31.74 -24.55 4.53
C LEU B 316 30.35 -25.11 4.25
N GLY B 317 30.11 -26.35 4.68
CA GLY B 317 28.78 -26.94 4.50
C GLY B 317 27.71 -26.21 5.25
N ILE B 318 28.02 -25.75 6.46
CA ILE B 318 27.04 -25.03 7.26
C ILE B 318 26.59 -23.75 6.56
N THR B 319 27.56 -22.97 6.06
CA THR B 319 27.22 -21.70 5.42
C THR B 319 26.56 -21.92 4.07
N THR B 320 26.94 -22.99 3.35
CA THR B 320 26.24 -23.30 2.12
C THR B 320 24.78 -23.66 2.38
N VAL B 321 24.52 -24.44 3.44
CA VAL B 321 23.14 -24.77 3.79
C VAL B 321 22.36 -23.51 4.16
N LEU B 322 22.96 -22.64 4.97
CA LEU B 322 22.28 -21.40 5.35
C LEU B 322 21.97 -20.54 4.13
N THR B 323 22.94 -20.39 3.22
CA THR B 323 22.73 -19.59 2.02
C THR B 323 21.66 -20.19 1.13
N MET B 324 21.65 -21.52 0.99
CA MET B 324 20.63 -22.16 0.17
C MET B 324 19.24 -21.96 0.77
N SER B 325 19.12 -22.07 2.10
CA SER B 325 17.84 -21.82 2.75
C SER B 325 17.39 -20.38 2.54
N THR B 326 18.31 -19.42 2.69
CA THR B 326 17.96 -18.03 2.49
C THR B 326 17.51 -17.76 1.06
N ILE B 327 18.20 -18.35 0.08
CA ILE B 327 17.83 -18.17 -1.31
C ILE B 327 16.45 -18.76 -1.58
N ILE B 328 16.18 -19.94 -1.04
CA ILE B 328 14.88 -20.57 -1.24
C ILE B 328 13.78 -19.70 -0.65
N THR B 329 13.99 -19.17 0.56
CA THR B 329 12.99 -18.32 1.18
C THR B 329 12.77 -17.05 0.36
N GLY B 330 13.86 -16.43 -0.10
CA GLY B 330 13.72 -15.21 -0.89
C GLY B 330 12.98 -15.43 -2.19
N VAL B 331 13.23 -16.58 -2.84
CA VAL B 331 12.53 -16.89 -4.09
C VAL B 331 11.06 -17.17 -3.82
N ASN B 332 10.76 -17.95 -2.78
CA ASN B 332 9.39 -18.34 -2.50
C ASN B 332 8.55 -17.20 -1.88
N ALA B 333 9.20 -16.14 -1.40
CA ALA B 333 8.45 -15.05 -0.76
C ALA B 333 7.62 -14.23 -1.74
N SER B 334 7.76 -14.43 -3.04
CA SER B 334 7.08 -13.60 -4.02
C SER B 334 5.87 -14.27 -4.65
N MET B 335 6.02 -15.50 -5.13
CA MET B 335 4.94 -16.16 -5.87
C MET B 335 3.77 -16.50 -4.95
N PRO B 336 2.55 -16.57 -5.48
CA PRO B 336 1.39 -16.94 -4.66
C PRO B 336 1.45 -18.40 -4.23
N ARG B 337 0.63 -18.71 -3.22
CA ARG B 337 0.64 -20.02 -2.60
C ARG B 337 -0.24 -20.98 -3.42
N VAL B 338 0.36 -21.52 -4.48
CA VAL B 338 -0.30 -22.50 -5.34
C VAL B 338 -0.23 -23.87 -4.69
N SER B 339 -1.01 -24.82 -5.21
CA SER B 339 -1.11 -26.15 -4.63
C SER B 339 -0.28 -27.20 -5.39
N TYR B 340 0.58 -26.77 -6.30
CA TYR B 340 1.40 -27.70 -7.06
C TYR B 340 2.84 -27.20 -7.08
N ILE B 341 3.73 -28.04 -7.58
CA ILE B 341 5.17 -27.77 -7.57
C ILE B 341 5.56 -27.14 -8.90
N LYS B 342 6.33 -26.04 -8.82
CA LYS B 342 6.79 -25.32 -9.99
C LYS B 342 8.15 -25.87 -10.43
N ALA B 343 8.58 -25.45 -11.63
CA ALA B 343 9.84 -25.93 -12.17
C ALA B 343 11.03 -25.41 -11.36
N VAL B 344 10.95 -24.17 -10.87
CA VAL B 344 12.05 -23.60 -10.12
C VAL B 344 12.22 -24.31 -8.77
N ASP B 345 11.14 -24.86 -8.22
CA ASP B 345 11.24 -25.57 -6.94
C ASP B 345 12.06 -26.84 -7.08
N ILE B 346 11.97 -27.52 -8.23
CA ILE B 346 12.72 -28.76 -8.42
C ILE B 346 14.22 -28.50 -8.36
N TYR B 347 14.67 -27.46 -9.05
CA TYR B 347 16.11 -27.17 -9.10
C TYR B 347 16.64 -26.78 -7.74
N LEU B 348 15.89 -25.98 -6.97
CA LEU B 348 16.37 -25.51 -5.68
C LEU B 348 16.36 -26.61 -4.64
N TRP B 349 15.32 -27.46 -4.65
CA TRP B 349 15.22 -28.50 -3.64
C TRP B 349 16.19 -29.66 -3.89
N VAL B 350 16.41 -30.02 -5.16
CA VAL B 350 17.39 -31.07 -5.46
C VAL B 350 18.78 -30.62 -5.08
N SER B 351 19.15 -29.38 -5.40
CA SER B 351 20.46 -28.86 -5.05
C SER B 351 20.63 -28.77 -3.54
N PHE B 352 19.52 -28.61 -2.81
CA PHE B 352 19.60 -28.60 -1.35
C PHE B 352 19.99 -29.97 -0.82
N VAL B 353 19.54 -31.05 -1.47
CA VAL B 353 19.89 -32.39 -1.03
C VAL B 353 21.38 -32.66 -1.25
N PHE B 354 21.93 -32.15 -2.35
CA PHE B 354 23.37 -32.32 -2.61
C PHE B 354 24.21 -31.65 -1.53
N VAL B 355 23.82 -30.44 -1.12
CA VAL B 355 24.56 -29.74 -0.07
C VAL B 355 24.37 -30.45 1.27
N PHE B 356 23.17 -30.97 1.52
CA PHE B 356 22.90 -31.64 2.79
C PHE B 356 23.74 -32.91 2.95
N LEU B 357 23.92 -33.65 1.85
CA LEU B 357 24.70 -34.89 1.92
C LEU B 357 26.18 -34.61 2.14
N SER B 358 26.63 -33.39 1.84
CA SER B 358 28.04 -33.05 2.04
C SER B 358 28.42 -33.13 3.51
N VAL B 359 27.56 -32.62 4.40
CA VAL B 359 27.83 -32.69 5.83
C VAL B 359 27.81 -34.14 6.31
N LEU B 360 26.85 -34.93 5.84
CA LEU B 360 26.76 -36.32 6.26
C LEU B 360 27.96 -37.13 5.79
N GLU B 361 28.53 -36.75 4.64
CA GLU B 361 29.71 -37.46 4.14
C GLU B 361 30.89 -37.28 5.09
N TYR B 362 31.06 -36.08 5.64
CA TYR B 362 32.14 -35.84 6.60
C TYR B 362 31.95 -36.66 7.86
N ALA B 363 30.71 -36.81 8.31
CA ALA B 363 30.44 -37.55 9.54
C ALA B 363 30.82 -39.02 9.40
N ALA B 364 30.58 -39.61 8.23
CA ALA B 364 30.92 -41.01 8.01
C ALA B 364 32.44 -41.21 8.08
N VAL B 365 33.20 -40.30 7.48
CA VAL B 365 34.66 -40.43 7.50
C VAL B 365 35.19 -40.29 8.91
N ASN B 366 34.66 -39.31 9.66
CA ASN B 366 35.14 -39.08 11.02
C ASN B 366 34.85 -40.26 11.93
N TYR B 367 33.65 -40.85 11.80
CA TYR B 367 33.27 -41.96 12.67
C TYR B 367 34.10 -43.21 12.37
N LEU B 368 34.32 -43.51 11.09
CA LEU B 368 35.07 -44.71 10.74
C LEU B 368 36.53 -44.60 11.16
N THR B 369 37.09 -43.39 11.11
CA THR B 369 38.48 -43.20 11.54
C THR B 369 38.63 -43.51 13.01
N THR B 370 37.69 -43.07 13.84
CA THR B 370 37.76 -43.32 15.28
C THR B 370 37.67 -44.81 15.58
N VAL B 371 36.76 -45.51 14.90
CA VAL B 371 36.58 -46.94 15.16
C VAL B 371 37.83 -47.71 14.80
N GLN B 372 38.44 -47.41 13.66
CA GLN B 372 39.62 -48.14 13.23
C GLN B 372 40.80 -47.91 14.17
N GLU B 373 41.00 -46.66 14.60
CA GLU B 373 42.13 -46.35 15.48
C GLU B 373 41.98 -47.01 16.83
N ARG B 374 40.75 -47.12 17.35
CA ARG B 374 40.54 -47.74 18.65
C ARG B 374 40.95 -49.21 18.63
N LYS B 375 40.59 -49.92 17.55
CA LYS B 375 41.00 -51.32 17.43
C LYS B 375 42.51 -51.45 17.30
N GLU B 376 43.15 -50.47 16.66
CA GLU B 376 44.62 -50.47 16.58
C GLU B 376 45.24 -50.34 17.96
N GLN B 377 44.56 -49.64 18.87
CA GLN B 377 45.06 -49.47 20.23
C GLN B 377 44.65 -50.64 21.12
N ASP B 451 47.65 -39.57 4.86
CA ASP B 451 47.03 -40.30 3.76
C ASP B 451 45.58 -39.85 3.54
N THR B 452 44.98 -40.32 2.46
CA THR B 452 43.64 -39.92 2.06
C THR B 452 42.70 -41.11 2.16
N HIS B 453 41.52 -40.89 2.74
CA HIS B 453 40.52 -41.95 2.85
C HIS B 453 39.85 -42.20 1.50
N ALA B 454 39.34 -43.42 1.33
CA ALA B 454 38.76 -43.80 0.05
C ALA B 454 37.41 -43.11 -0.19
N ILE B 455 36.70 -42.75 0.88
CA ILE B 455 35.37 -42.16 0.73
C ILE B 455 35.46 -40.84 -0.02
N ASP B 456 36.38 -39.97 0.38
CA ASP B 456 36.55 -38.69 -0.32
C ASP B 456 37.01 -38.90 -1.75
N LYS B 457 37.90 -39.88 -1.97
CA LYS B 457 38.40 -40.15 -3.30
C LYS B 457 37.27 -40.57 -4.24
N TYR B 458 36.35 -41.38 -3.75
CA TYR B 458 35.18 -41.74 -4.55
C TYR B 458 34.25 -40.55 -4.74
N SER B 459 34.01 -39.78 -3.67
CA SER B 459 33.04 -38.69 -3.73
C SER B 459 33.46 -37.61 -4.73
N ARG B 460 34.76 -37.30 -4.80
CA ARG B 460 35.23 -36.22 -5.66
C ARG B 460 34.84 -36.45 -7.12
N ILE B 461 34.63 -37.70 -7.52
CA ILE B 461 34.21 -38.04 -8.86
C ILE B 461 32.73 -38.38 -8.94
N ILE B 462 32.17 -38.90 -7.85
CA ILE B 462 30.76 -39.28 -7.86
C ILE B 462 29.86 -38.05 -7.93
N PHE B 463 30.13 -37.04 -7.09
CA PHE B 463 29.22 -35.90 -7.02
C PHE B 463 29.12 -35.10 -8.31
N PRO B 464 30.23 -34.64 -8.93
CA PRO B 464 30.08 -33.81 -10.15
C PRO B 464 29.38 -34.53 -11.29
N ALA B 465 29.63 -35.82 -11.47
CA ALA B 465 28.98 -36.55 -12.56
C ALA B 465 27.46 -36.60 -12.35
N ALA B 466 27.03 -36.89 -11.12
CA ALA B 466 25.60 -36.92 -10.83
C ALA B 466 24.96 -35.56 -11.02
N TYR B 467 25.64 -34.49 -10.57
CA TYR B 467 25.08 -33.15 -10.73
C TYR B 467 24.97 -32.77 -12.19
N ILE B 468 25.99 -33.11 -12.99
CA ILE B 468 25.96 -32.80 -14.42
C ILE B 468 24.84 -33.57 -15.11
N LEU B 469 24.67 -34.85 -14.76
CA LEU B 469 23.58 -35.63 -15.34
C LEU B 469 22.23 -35.04 -14.99
N PHE B 470 22.04 -34.64 -13.73
CA PHE B 470 20.78 -34.03 -13.32
C PHE B 470 20.53 -32.74 -14.09
N ASN B 471 21.55 -31.90 -14.24
CA ASN B 471 21.40 -30.66 -14.98
C ASN B 471 21.03 -30.92 -16.43
N LEU B 472 21.69 -31.90 -17.05
CA LEU B 472 21.37 -32.21 -18.44
C LEU B 472 19.94 -32.68 -18.60
N ILE B 473 19.48 -33.56 -17.70
CA ILE B 473 18.10 -34.04 -17.79
C ILE B 473 17.11 -32.89 -17.56
N TYR B 474 17.37 -32.06 -16.56
CA TYR B 474 16.46 -30.97 -16.23
C TYR B 474 16.36 -29.97 -17.38
N TRP B 475 17.49 -29.59 -17.97
CA TRP B 475 17.45 -28.66 -19.08
C TRP B 475 17.00 -29.29 -20.38
N SER B 476 17.01 -30.62 -20.49
CA SER B 476 16.42 -31.27 -21.64
C SER B 476 14.90 -31.31 -21.54
N ILE B 477 14.37 -31.53 -20.33
CA ILE B 477 12.93 -31.61 -20.16
C ILE B 477 12.28 -30.25 -20.41
N PHE B 478 12.84 -29.20 -19.82
CA PHE B 478 12.26 -27.86 -19.90
C PHE B 478 12.86 -27.01 -21.01
N SER B 479 13.76 -27.57 -21.82
CA SER B 479 14.41 -26.84 -22.92
C SER B 479 15.10 -25.57 -22.42
N GLN C 77 -45.15 8.94 -26.08
CA GLN C 77 -44.56 8.09 -25.06
C GLN C 77 -45.42 6.85 -24.81
N LEU C 78 -44.79 5.68 -24.78
CA LEU C 78 -45.52 4.44 -24.56
C LEU C 78 -45.93 4.29 -23.09
N LEU C 79 -45.14 4.83 -22.17
CA LEU C 79 -45.42 4.75 -20.74
C LEU C 79 -45.86 6.11 -20.23
N ARG C 80 -46.95 6.12 -19.45
CA ARG C 80 -47.49 7.36 -18.88
C ARG C 80 -46.82 7.65 -17.54
N ILE C 81 -45.56 8.10 -17.63
CA ILE C 81 -44.77 8.38 -16.43
C ILE C 81 -45.30 9.61 -15.71
N ASP C 82 -45.66 10.66 -16.46
CA ASP C 82 -46.03 11.93 -15.88
C ASP C 82 -47.41 11.91 -15.21
N ASP C 83 -48.20 10.87 -15.41
CA ASP C 83 -49.56 10.83 -14.92
C ASP C 83 -49.70 10.22 -13.53
N HIS C 84 -48.60 9.89 -12.87
CA HIS C 84 -48.66 9.24 -11.57
C HIS C 84 -47.56 9.78 -10.66
N ASP C 85 -47.74 9.55 -9.36
CA ASP C 85 -46.75 9.93 -8.35
C ASP C 85 -46.01 8.67 -7.92
N PHE C 86 -44.73 8.59 -8.27
CA PHE C 86 -43.92 7.42 -8.00
C PHE C 86 -43.11 7.54 -6.72
N SER C 87 -43.56 8.35 -5.77
CA SER C 87 -42.93 8.44 -4.46
C SER C 87 -43.54 7.46 -3.46
N MET C 88 -44.55 6.70 -3.86
CA MET C 88 -45.20 5.73 -3.01
C MET C 88 -45.15 4.35 -3.65
N ARG C 89 -45.02 3.33 -2.81
CA ARG C 89 -44.95 1.96 -3.30
C ARG C 89 -46.29 1.53 -3.87
N PRO C 90 -46.29 0.55 -4.79
CA PRO C 90 -47.56 0.01 -5.29
C PRO C 90 -48.39 -0.59 -4.15
N GLY C 91 -49.69 -0.38 -4.21
CA GLY C 91 -50.55 -0.79 -3.12
C GLY C 91 -50.28 -0.02 -1.84
N PHE C 92 -50.07 1.29 -1.95
CA PHE C 92 -49.77 2.10 -0.77
C PHE C 92 -50.97 2.16 0.15
N GLY C 93 -50.72 1.95 1.45
CA GLY C 93 -51.79 1.94 2.42
C GLY C 93 -52.60 0.66 2.46
N GLY C 94 -52.13 -0.41 1.84
CA GLY C 94 -52.84 -1.66 1.81
C GLY C 94 -51.95 -2.85 2.15
N PRO C 95 -52.25 -4.00 1.55
CA PRO C 95 -51.45 -5.20 1.81
C PRO C 95 -50.05 -5.08 1.23
N ALA C 96 -49.16 -5.93 1.73
CA ALA C 96 -47.78 -5.93 1.29
C ALA C 96 -47.68 -6.42 -0.16
N ILE C 97 -46.54 -6.11 -0.77
CA ILE C 97 -46.27 -6.45 -2.18
C ILE C 97 -45.16 -7.49 -2.21
N PRO C 98 -45.37 -8.64 -2.83
CA PRO C 98 -44.31 -9.65 -2.91
C PRO C 98 -43.20 -9.24 -3.87
N VAL C 99 -41.98 -9.64 -3.54
CA VAL C 99 -40.80 -9.38 -4.36
C VAL C 99 -39.98 -10.66 -4.45
N GLY C 100 -39.58 -11.03 -5.67
CA GLY C 100 -38.72 -12.18 -5.88
C GLY C 100 -37.28 -11.79 -6.13
N VAL C 101 -36.38 -12.74 -5.92
CA VAL C 101 -34.95 -12.51 -6.05
C VAL C 101 -34.30 -13.68 -6.75
N ASP C 102 -33.43 -13.38 -7.72
CA ASP C 102 -32.56 -14.36 -8.36
C ASP C 102 -31.13 -13.87 -8.30
N VAL C 103 -30.20 -14.80 -8.14
CA VAL C 103 -28.79 -14.48 -7.96
C VAL C 103 -27.95 -15.45 -8.79
N GLN C 104 -26.97 -14.90 -9.50
CA GLN C 104 -25.96 -15.70 -10.20
C GLN C 104 -24.58 -15.19 -9.82
N VAL C 105 -23.76 -16.08 -9.27
CA VAL C 105 -22.43 -15.72 -8.79
C VAL C 105 -21.44 -15.81 -9.95
N GLU C 106 -20.67 -14.75 -10.15
CA GLU C 106 -19.72 -14.69 -11.26
C GLU C 106 -18.32 -15.12 -10.85
N SER C 107 -17.78 -14.55 -9.77
CA SER C 107 -16.44 -14.90 -9.34
C SER C 107 -16.23 -14.45 -7.89
N LEU C 108 -15.23 -15.04 -7.25
CA LEU C 108 -14.75 -14.61 -5.94
C LEU C 108 -13.35 -14.04 -6.13
N ASP C 109 -13.16 -12.78 -5.73
CA ASP C 109 -11.94 -12.05 -6.04
C ASP C 109 -10.78 -12.44 -5.12
N SER C 110 -10.93 -12.19 -3.82
CA SER C 110 -9.82 -12.42 -2.90
C SER C 110 -10.36 -12.67 -1.50
N ILE C 111 -9.49 -13.21 -0.65
CA ILE C 111 -9.79 -13.48 0.75
C ILE C 111 -8.66 -12.95 1.60
N SER C 112 -8.98 -12.25 2.68
CA SER C 112 -8.00 -11.65 3.56
C SER C 112 -8.12 -12.25 4.96
N GLU C 113 -6.99 -12.65 5.53
CA GLU C 113 -6.98 -13.24 6.86
C GLU C 113 -6.82 -12.21 7.96
N VAL C 114 -6.00 -11.17 7.74
CA VAL C 114 -5.86 -10.12 8.74
C VAL C 114 -7.14 -9.31 8.86
N ASP C 115 -7.79 -9.04 7.73
CA ASP C 115 -9.02 -8.25 7.72
C ASP C 115 -10.28 -9.09 7.84
N MET C 116 -10.20 -10.39 7.56
CA MET C 116 -11.32 -11.33 7.75
C MET C 116 -12.54 -10.90 6.92
N ASP C 117 -12.37 -10.93 5.60
CA ASP C 117 -13.45 -10.60 4.69
C ASP C 117 -13.20 -11.28 3.35
N PHE C 118 -14.16 -11.14 2.44
CA PHE C 118 -14.06 -11.70 1.10
C PHE C 118 -14.78 -10.78 0.13
N THR C 119 -14.46 -10.92 -1.15
CA THR C 119 -15.02 -10.10 -2.21
C THR C 119 -15.73 -10.99 -3.22
N MET C 120 -16.91 -10.55 -3.66
CA MET C 120 -17.74 -11.33 -4.58
C MET C 120 -18.41 -10.42 -5.59
N THR C 121 -18.49 -10.88 -6.82
CA THR C 121 -19.20 -10.19 -7.90
C THR C 121 -20.36 -11.05 -8.36
N LEU C 122 -21.54 -10.45 -8.50
CA LEU C 122 -22.74 -11.23 -8.78
C LEU C 122 -23.74 -10.37 -9.53
N TYR C 123 -24.75 -11.03 -10.10
CA TYR C 123 -25.89 -10.39 -10.74
C TYR C 123 -27.10 -10.54 -9.84
N LEU C 124 -27.82 -9.44 -9.63
CA LEU C 124 -28.98 -9.42 -8.75
C LEU C 124 -30.22 -9.07 -9.55
N ARG C 125 -31.28 -9.86 -9.40
CA ARG C 125 -32.51 -9.68 -10.16
C ARG C 125 -33.69 -9.57 -9.20
N HIS C 126 -34.67 -8.73 -9.58
CA HIS C 126 -35.86 -8.50 -8.78
C HIS C 126 -37.10 -8.70 -9.66
N TYR C 127 -38.14 -9.24 -9.04
CA TYR C 127 -39.41 -9.48 -9.71
C TYR C 127 -40.54 -8.91 -8.88
N TRP C 128 -41.36 -8.06 -9.50
CA TRP C 128 -42.54 -7.51 -8.85
C TRP C 128 -43.50 -7.02 -9.93
N LYS C 129 -44.71 -6.64 -9.51
CA LYS C 129 -45.75 -6.20 -10.42
C LYS C 129 -46.24 -4.81 -10.02
N ASP C 130 -46.43 -3.95 -11.02
CA ASP C 130 -46.95 -2.60 -10.81
C ASP C 130 -47.91 -2.29 -11.94
N GLU C 131 -49.18 -2.04 -11.60
CA GLU C 131 -50.20 -1.79 -12.60
C GLU C 131 -50.06 -0.42 -13.25
N ARG C 132 -49.29 0.50 -12.68
CA ARG C 132 -49.13 1.82 -13.26
C ARG C 132 -48.24 1.82 -14.49
N LEU C 133 -47.56 0.71 -14.79
CA LEU C 133 -46.67 0.62 -15.94
C LEU C 133 -47.28 -0.16 -17.10
N SER C 134 -48.58 -0.43 -17.06
CA SER C 134 -49.21 -1.19 -18.13
C SER C 134 -49.35 -0.35 -19.39
N PHE C 135 -49.16 -0.99 -20.54
CA PHE C 135 -49.28 -0.34 -21.83
C PHE C 135 -50.00 -1.28 -22.79
N PRO C 136 -50.71 -0.74 -23.79
CA PRO C 136 -51.47 -1.60 -24.71
C PRO C 136 -50.60 -2.23 -25.78
N SER C 137 -50.81 -3.52 -26.03
CA SER C 137 -50.10 -4.25 -27.07
C SER C 137 -50.90 -5.51 -27.41
N THR C 138 -50.42 -6.23 -28.41
CA THR C 138 -51.09 -7.44 -28.88
C THR C 138 -50.24 -8.70 -28.75
N ASN C 139 -48.92 -8.60 -28.93
CA ASN C 139 -48.09 -9.80 -28.94
C ASN C 139 -47.88 -10.35 -27.53
N ASN C 140 -48.16 -9.60 -26.47
CA ASN C 140 -47.84 -10.02 -25.05
C ASN C 140 -46.41 -10.54 -24.94
N LEU C 141 -45.46 -9.66 -25.11
CA LEU C 141 -44.06 -10.01 -24.93
C LEU C 141 -43.34 -8.91 -24.17
N SER C 142 -42.26 -9.29 -23.50
CA SER C 142 -41.47 -8.33 -22.75
C SER C 142 -40.74 -7.37 -23.69
N MET C 143 -40.71 -6.10 -23.32
CA MET C 143 -40.04 -5.07 -24.08
C MET C 143 -38.94 -4.44 -23.24
N THR C 144 -37.77 -4.27 -23.84
CA THR C 144 -36.58 -3.79 -23.14
C THR C 144 -36.41 -2.29 -23.35
N PHE C 145 -36.17 -1.57 -22.26
CA PHE C 145 -35.89 -0.15 -22.30
C PHE C 145 -34.41 0.09 -21.98
N ASP C 146 -33.94 1.29 -22.33
CA ASP C 146 -32.50 1.56 -22.27
C ASP C 146 -31.97 1.46 -20.84
N GLY C 147 -32.67 2.06 -19.88
CA GLY C 147 -32.24 1.94 -18.50
C GLY C 147 -32.21 3.24 -17.72
N ARG C 148 -32.27 4.38 -18.42
CA ARG C 148 -32.29 5.65 -17.72
C ARG C 148 -33.67 5.99 -17.17
N LEU C 149 -34.68 5.18 -17.46
CA LEU C 149 -36.02 5.39 -16.94
C LEU C 149 -36.18 4.87 -15.51
N VAL C 150 -35.15 4.22 -14.96
CA VAL C 150 -35.24 3.70 -13.60
C VAL C 150 -35.41 4.84 -12.60
N LYS C 151 -34.71 5.95 -12.82
CA LYS C 151 -34.74 7.10 -11.90
C LYS C 151 -36.08 7.81 -11.88
N LYS C 152 -37.10 7.35 -12.60
CA LYS C 152 -38.41 7.99 -12.59
C LYS C 152 -39.53 7.05 -12.15
N ILE C 153 -39.22 5.81 -11.79
CA ILE C 153 -40.21 4.85 -11.35
C ILE C 153 -39.78 4.28 -10.00
N TRP C 154 -40.72 3.62 -9.33
CA TRP C 154 -40.46 3.02 -8.04
C TRP C 154 -39.63 1.76 -8.18
N VAL C 155 -38.62 1.62 -7.32
CA VAL C 155 -37.68 0.50 -7.37
C VAL C 155 -37.39 0.07 -5.93
N PRO C 156 -37.26 -1.24 -5.66
CA PRO C 156 -36.92 -1.69 -4.31
C PRO C 156 -35.59 -1.13 -3.83
N ASP C 157 -35.33 -1.33 -2.54
CA ASP C 157 -34.21 -0.71 -1.85
C ASP C 157 -33.42 -1.75 -1.06
N MET C 158 -33.06 -2.84 -1.71
CA MET C 158 -32.29 -3.89 -1.05
C MET C 158 -30.87 -3.42 -0.78
N PHE C 159 -30.28 -3.97 0.29
CA PHE C 159 -28.92 -3.65 0.67
C PHE C 159 -28.28 -4.86 1.33
N PHE C 160 -26.95 -4.85 1.42
CA PHE C 160 -26.19 -5.96 1.96
C PHE C 160 -25.82 -5.68 3.41
N VAL C 161 -26.20 -6.60 4.30
CA VAL C 161 -25.95 -6.43 5.73
C VAL C 161 -24.53 -6.86 6.04
N HIS C 162 -23.90 -6.16 7.00
CA HIS C 162 -22.55 -6.46 7.47
C HIS C 162 -21.53 -6.39 6.33
N SER C 163 -21.71 -5.43 5.43
CA SER C 163 -20.78 -5.22 4.34
C SER C 163 -19.90 -4.01 4.62
N LYS C 164 -18.64 -4.10 4.18
CA LYS C 164 -17.68 -3.02 4.41
C LYS C 164 -17.71 -1.96 3.32
N ARG C 165 -17.84 -2.38 2.06
CA ARG C 165 -17.90 -1.45 0.94
C ARG C 165 -18.53 -2.17 -0.25
N SER C 166 -19.05 -1.39 -1.19
CA SER C 166 -19.66 -1.94 -2.39
C SER C 166 -19.85 -0.82 -3.41
N PHE C 167 -20.01 -1.22 -4.67
CA PHE C 167 -20.19 -0.26 -5.75
C PHE C 167 -20.85 -0.97 -6.92
N ILE C 168 -21.33 -0.18 -7.88
CA ILE C 168 -21.98 -0.66 -9.08
C ILE C 168 -21.13 -0.26 -10.28
N HIS C 169 -20.89 -1.21 -11.18
CA HIS C 169 -20.08 -0.94 -12.36
C HIS C 169 -20.79 0.04 -13.30
N ASP C 170 -20.02 0.94 -13.90
CA ASP C 170 -20.56 2.02 -14.71
C ASP C 170 -19.74 2.22 -15.98
N THR C 171 -19.40 1.14 -16.66
CA THR C 171 -18.67 1.21 -17.92
C THR C 171 -19.31 0.25 -18.92
N THR C 172 -19.69 0.77 -20.09
CA THR C 172 -19.53 2.18 -20.43
C THR C 172 -20.72 3.00 -19.93
N THR C 173 -21.73 2.31 -19.41
CA THR C 173 -22.88 2.94 -18.78
C THR C 173 -23.22 2.14 -17.54
N ASP C 174 -24.26 2.56 -16.81
CA ASP C 174 -24.70 1.81 -15.65
C ASP C 174 -25.22 0.44 -16.08
N ASN C 175 -24.70 -0.60 -15.42
CA ASN C 175 -25.09 -1.98 -15.73
C ASN C 175 -26.49 -2.21 -15.16
N VAL C 176 -27.48 -1.70 -15.88
CA VAL C 176 -28.87 -1.75 -15.45
C VAL C 176 -29.72 -2.28 -16.60
N MET C 177 -30.60 -3.22 -16.30
CA MET C 177 -31.53 -3.77 -17.28
C MET C 177 -32.95 -3.57 -16.78
N LEU C 178 -33.87 -3.36 -17.72
CA LEU C 178 -35.26 -3.09 -17.37
C LEU C 178 -36.16 -3.63 -18.47
N ARG C 179 -37.01 -4.60 -18.12
CA ARG C 179 -37.97 -5.19 -19.04
C ARG C 179 -39.35 -5.14 -18.41
N VAL C 180 -40.33 -4.67 -19.17
CA VAL C 180 -41.69 -4.49 -18.67
C VAL C 180 -42.65 -5.25 -19.58
N GLN C 181 -43.50 -6.09 -19.00
CA GLN C 181 -44.54 -6.79 -19.72
C GLN C 181 -45.79 -5.93 -19.83
N PRO C 182 -46.64 -6.19 -20.82
CA PRO C 182 -47.83 -5.34 -21.02
C PRO C 182 -48.76 -5.32 -19.82
N ASP C 183 -48.87 -6.42 -19.07
CA ASP C 183 -49.77 -6.46 -17.92
C ASP C 183 -49.24 -5.68 -16.73
N GLY C 184 -47.92 -5.55 -16.59
CA GLY C 184 -47.35 -4.79 -15.50
C GLY C 184 -46.21 -5.48 -14.78
N LYS C 185 -45.85 -6.68 -15.23
CA LYS C 185 -44.72 -7.38 -14.64
C LYS C 185 -43.41 -6.71 -15.04
N VAL C 186 -42.51 -6.57 -14.06
CA VAL C 186 -41.27 -5.82 -14.22
C VAL C 186 -40.09 -6.71 -13.85
N LEU C 187 -39.00 -6.59 -14.60
CA LEU C 187 -37.75 -7.26 -14.30
C LEU C 187 -36.64 -6.21 -14.20
N TYR C 188 -35.78 -6.37 -13.20
CA TYR C 188 -34.75 -5.39 -12.91
C TYR C 188 -33.47 -6.12 -12.51
N SER C 189 -32.36 -5.80 -13.17
CA SER C 189 -31.11 -6.50 -12.97
C SER C 189 -29.99 -5.50 -12.68
N LEU C 190 -28.99 -5.96 -11.94
CA LEU C 190 -27.85 -5.14 -11.54
C LEU C 190 -26.59 -5.99 -11.52
N ARG C 191 -25.45 -5.32 -11.54
CA ARG C 191 -24.15 -5.96 -11.42
C ARG C 191 -23.34 -5.21 -10.38
N VAL C 192 -23.01 -5.88 -9.26
CA VAL C 192 -22.40 -5.23 -8.11
C VAL C 192 -21.22 -6.05 -7.61
N THR C 193 -20.35 -5.38 -6.86
CA THR C 193 -19.23 -6.01 -6.17
C THR C 193 -19.35 -5.69 -4.69
N VAL C 194 -19.29 -6.72 -3.84
CA VAL C 194 -19.57 -6.59 -2.42
C VAL C 194 -18.42 -7.18 -1.62
N THR C 195 -18.02 -6.48 -0.57
CA THR C 195 -17.07 -6.97 0.43
C THR C 195 -17.80 -7.13 1.74
N ALA C 196 -17.79 -8.34 2.30
CA ALA C 196 -18.56 -8.65 3.49
C ALA C 196 -17.66 -9.32 4.53
N MET C 197 -18.06 -9.17 5.79
CA MET C 197 -17.28 -9.72 6.90
C MET C 197 -17.60 -11.20 7.11
N CYS C 198 -16.58 -11.94 7.54
CA CYS C 198 -16.73 -13.35 7.88
C CYS C 198 -15.84 -13.66 9.07
N ASN C 199 -16.41 -14.34 10.07
CA ASN C 199 -15.67 -14.72 11.27
C ASN C 199 -14.98 -16.05 11.04
N MET C 200 -13.67 -16.08 11.22
CA MET C 200 -12.86 -17.27 10.96
C MET C 200 -12.11 -17.67 12.23
N ASP C 201 -11.98 -18.98 12.42
CA ASP C 201 -11.26 -19.55 13.55
C ASP C 201 -10.04 -20.30 13.03
N PHE C 202 -8.87 -19.97 13.56
CA PHE C 202 -7.60 -20.54 13.11
C PHE C 202 -7.01 -21.53 14.12
N SER C 203 -7.86 -22.17 14.92
CA SER C 203 -7.37 -23.15 15.89
C SER C 203 -6.78 -24.37 15.22
N ARG C 204 -7.18 -24.68 13.98
CA ARG C 204 -6.67 -25.81 13.24
C ARG C 204 -5.84 -25.40 12.03
N PHE C 205 -5.39 -24.15 12.00
CA PHE C 205 -4.59 -23.67 10.87
C PHE C 205 -3.29 -24.46 10.78
N PRO C 206 -2.85 -24.85 9.57
CA PRO C 206 -3.50 -24.60 8.29
C PRO C 206 -4.32 -25.78 7.76
N LEU C 207 -4.98 -26.51 8.65
CA LEU C 207 -5.85 -27.63 8.27
C LEU C 207 -7.29 -27.36 8.71
N ASP C 208 -7.75 -26.13 8.52
CA ASP C 208 -9.05 -25.69 8.99
C ASP C 208 -10.05 -25.59 7.84
N THR C 209 -11.33 -25.49 8.22
CA THR C 209 -12.42 -25.30 7.28
C THR C 209 -13.24 -24.11 7.72
N GLN C 210 -13.54 -23.22 6.76
CA GLN C 210 -14.21 -21.97 7.05
C GLN C 210 -15.56 -21.91 6.35
N THR C 211 -16.53 -21.29 7.00
CA THR C 211 -17.86 -21.07 6.45
C THR C 211 -18.18 -19.58 6.48
N CYS C 212 -18.64 -19.06 5.35
CA CYS C 212 -19.00 -17.65 5.23
C CYS C 212 -20.36 -17.54 4.54
N SER C 213 -21.00 -16.38 4.73
CA SER C 213 -22.33 -16.18 4.18
C SER C 213 -22.49 -14.73 3.76
N LEU C 214 -23.45 -14.50 2.86
CA LEU C 214 -23.80 -13.17 2.38
C LEU C 214 -25.28 -12.93 2.63
N GLU C 215 -25.61 -11.75 3.15
CA GLU C 215 -26.95 -11.45 3.61
C GLU C 215 -27.57 -10.31 2.79
N ILE C 216 -28.85 -10.45 2.48
CA ILE C 216 -29.60 -9.47 1.70
C ILE C 216 -30.86 -9.11 2.47
N GLU C 217 -31.17 -7.81 2.52
CA GLU C 217 -32.29 -7.34 3.31
C GLU C 217 -32.78 -6.02 2.74
N SER C 218 -34.05 -5.72 3.00
CA SER C 218 -34.64 -4.44 2.62
C SER C 218 -34.43 -3.42 3.73
N TYR C 219 -34.08 -2.19 3.34
CA TYR C 219 -33.64 -1.21 4.33
C TYR C 219 -34.82 -0.47 4.97
N ALA C 220 -35.80 -0.06 4.18
CA ALA C 220 -36.83 0.85 4.66
C ALA C 220 -38.18 0.21 4.92
N TYR C 221 -38.50 -0.90 4.24
CA TYR C 221 -39.83 -1.50 4.33
C TYR C 221 -39.79 -2.72 5.24
N THR C 222 -40.76 -2.81 6.14
CA THR C 222 -40.87 -3.94 7.06
C THR C 222 -41.67 -5.07 6.38
N GLU C 223 -41.91 -6.14 7.14
CA GLU C 223 -42.66 -7.27 6.60
C GLU C 223 -44.12 -6.93 6.35
N ASP C 224 -44.62 -5.84 6.93
CA ASP C 224 -45.99 -5.41 6.69
C ASP C 224 -46.14 -4.64 5.38
N ASP C 225 -45.05 -4.24 4.75
CA ASP C 225 -45.09 -3.50 3.50
C ASP C 225 -44.44 -4.20 2.33
N LEU C 226 -43.45 -5.06 2.57
CA LEU C 226 -42.73 -5.75 1.50
C LEU C 226 -42.35 -7.15 1.97
N MET C 227 -42.72 -8.16 1.20
CA MET C 227 -42.37 -9.54 1.49
C MET C 227 -41.27 -9.98 0.52
N LEU C 228 -40.18 -10.48 1.07
CA LEU C 228 -39.02 -10.88 0.28
C LEU C 228 -38.87 -12.40 0.33
N TYR C 229 -38.73 -13.02 -0.83
CA TYR C 229 -38.63 -14.47 -0.93
C TYR C 229 -37.84 -14.83 -2.19
N TRP C 230 -37.36 -16.06 -2.22
CA TRP C 230 -36.65 -16.57 -3.40
C TRP C 230 -37.64 -16.90 -4.50
N LYS C 231 -37.28 -16.54 -5.74
CA LYS C 231 -38.21 -16.67 -6.85
C LYS C 231 -38.57 -18.13 -7.12
N LYS C 232 -37.57 -19.03 -7.10
CA LYS C 232 -37.78 -20.42 -7.45
C LYS C 232 -37.28 -21.35 -6.36
N GLY C 233 -37.21 -20.88 -5.12
CA GLY C 233 -36.81 -21.75 -4.03
C GLY C 233 -35.33 -22.08 -4.09
N ASN C 234 -34.95 -23.36 -4.18
CA ASN C 234 -33.53 -23.67 -4.19
C ASN C 234 -32.91 -23.34 -5.51
N ASP C 235 -33.68 -23.40 -6.58
CA ASP C 235 -33.12 -23.26 -7.91
C ASP C 235 -32.88 -21.80 -8.29
N SER C 236 -32.84 -20.90 -7.30
CA SER C 236 -32.64 -19.48 -7.56
C SER C 236 -31.18 -19.06 -7.50
N LEU C 237 -30.26 -19.99 -7.30
CA LEU C 237 -28.84 -19.70 -7.19
C LEU C 237 -28.09 -20.44 -8.30
N LYS C 238 -27.34 -19.69 -9.10
CA LYS C 238 -26.52 -20.26 -10.16
C LYS C 238 -25.08 -19.80 -9.98
N THR C 239 -24.14 -20.62 -10.43
CA THR C 239 -22.72 -20.31 -10.32
C THR C 239 -22.04 -20.54 -11.66
N ASP C 240 -21.03 -19.71 -11.93
CA ASP C 240 -20.23 -19.87 -13.13
C ASP C 240 -19.26 -21.04 -12.96
N GLU C 241 -18.85 -21.62 -14.09
CA GLU C 241 -17.91 -22.73 -14.07
C GLU C 241 -16.46 -22.27 -14.00
N ARG C 242 -16.20 -20.97 -14.07
CA ARG C 242 -14.85 -20.44 -14.02
C ARG C 242 -14.46 -19.99 -12.61
N ILE C 243 -15.33 -20.18 -11.62
CA ILE C 243 -15.02 -19.76 -10.27
C ILE C 243 -13.98 -20.69 -9.67
N SER C 244 -12.91 -20.11 -9.13
CA SER C 244 -11.83 -20.90 -8.55
C SER C 244 -11.00 -20.01 -7.62
N LEU C 245 -10.34 -20.64 -6.67
CA LEU C 245 -9.42 -19.98 -5.75
C LEU C 245 -8.10 -20.74 -5.74
N SER C 246 -7.00 -19.99 -5.85
CA SER C 246 -5.69 -20.63 -5.91
C SER C 246 -5.31 -21.30 -4.61
N GLN C 247 -5.85 -20.82 -3.48
CA GLN C 247 -5.47 -21.35 -2.17
C GLN C 247 -6.59 -22.11 -1.47
N PHE C 248 -7.83 -22.00 -1.94
CA PHE C 248 -8.97 -22.64 -1.29
C PHE C 248 -9.72 -23.50 -2.29
N LEU C 249 -10.70 -24.25 -1.75
CA LEU C 249 -11.59 -25.07 -2.54
C LEU C 249 -13.03 -24.67 -2.22
N ILE C 250 -13.83 -24.40 -3.24
CA ILE C 250 -15.17 -23.88 -3.08
C ILE C 250 -16.17 -25.01 -3.31
N GLN C 251 -17.18 -25.10 -2.44
CA GLN C 251 -18.16 -26.17 -2.52
C GLN C 251 -19.40 -25.79 -1.71
N GLU C 252 -20.48 -26.53 -1.96
CA GLU C 252 -21.69 -26.51 -1.15
C GLU C 252 -22.32 -25.11 -1.09
N PHE C 253 -22.80 -24.65 -2.24
CA PHE C 253 -23.63 -23.45 -2.29
C PHE C 253 -25.08 -23.82 -1.98
N HIS C 254 -25.68 -23.08 -1.06
CA HIS C 254 -27.10 -23.26 -0.73
C HIS C 254 -27.64 -21.97 -0.12
N THR C 255 -28.96 -21.88 -0.07
CA THR C 255 -29.65 -20.69 0.40
C THR C 255 -30.62 -21.04 1.53
N THR C 256 -30.77 -20.10 2.46
CA THR C 256 -31.70 -20.24 3.58
C THR C 256 -32.46 -18.92 3.75
N THR C 257 -33.29 -18.86 4.79
CA THR C 257 -34.08 -17.68 5.08
C THR C 257 -34.31 -17.60 6.59
N LYS C 258 -34.37 -16.38 7.10
CA LYS C 258 -34.59 -16.14 8.52
C LYS C 258 -35.07 -14.72 8.73
N LEU C 259 -35.88 -14.52 9.76
CA LEU C 259 -36.39 -13.20 10.11
C LEU C 259 -35.42 -12.48 11.04
N ALA C 260 -35.47 -11.15 11.01
CA ALA C 260 -34.63 -10.31 11.84
C ALA C 260 -35.50 -9.27 12.54
N PHE C 261 -35.01 -8.78 13.68
CA PHE C 261 -35.73 -7.81 14.50
C PHE C 261 -34.79 -6.69 14.90
N TYR C 262 -35.27 -5.46 14.78
CA TYR C 262 -34.57 -4.28 15.27
C TYR C 262 -35.38 -3.64 16.38
N SER C 263 -34.69 -3.19 17.43
CA SER C 263 -35.36 -2.75 18.65
C SER C 263 -36.25 -1.53 18.44
N SER C 264 -36.00 -0.73 17.41
CA SER C 264 -36.72 0.54 17.25
C SER C 264 -37.40 0.71 15.90
N THR C 265 -37.39 -0.29 15.03
CA THR C 265 -38.06 -0.12 13.74
C THR C 265 -39.06 -1.21 13.43
N GLY C 266 -38.77 -2.46 13.75
CA GLY C 266 -39.70 -3.54 13.51
C GLY C 266 -38.99 -4.77 12.99
N TRP C 267 -39.74 -5.61 12.28
CA TRP C 267 -39.25 -6.88 11.76
C TRP C 267 -38.94 -6.76 10.28
N TYR C 268 -37.86 -7.43 9.86
CA TYR C 268 -37.45 -7.46 8.46
C TYR C 268 -37.14 -8.89 8.06
N ASN C 269 -37.14 -9.13 6.75
CA ASN C 269 -36.87 -10.44 6.18
C ASN C 269 -35.47 -10.46 5.58
N ARG C 270 -34.78 -11.57 5.74
CA ARG C 270 -33.40 -11.71 5.26
C ARG C 270 -33.26 -12.92 4.35
N LEU C 271 -32.26 -12.85 3.47
CA LEU C 271 -31.89 -13.96 2.60
C LEU C 271 -30.41 -14.26 2.78
N TYR C 272 -30.05 -15.53 2.64
CA TYR C 272 -28.68 -15.97 2.90
C TYR C 272 -28.13 -16.74 1.70
N ILE C 273 -26.83 -16.63 1.51
CA ILE C 273 -26.09 -17.42 0.53
C ILE C 273 -24.89 -18.00 1.26
N ASN C 274 -24.83 -19.33 1.37
CA ASN C 274 -23.82 -20.01 2.17
C ASN C 274 -22.89 -20.82 1.28
N PHE C 275 -21.64 -20.92 1.71
CA PHE C 275 -20.64 -21.72 1.01
C PHE C 275 -19.55 -22.11 1.99
N THR C 276 -18.72 -23.08 1.59
CA THR C 276 -17.69 -23.63 2.44
C THR C 276 -16.36 -23.61 1.71
N LEU C 277 -15.27 -23.51 2.47
CA LEU C 277 -13.92 -23.40 1.92
C LEU C 277 -13.00 -24.40 2.59
N ARG C 278 -12.09 -24.98 1.81
CA ARG C 278 -11.07 -25.90 2.31
C ARG C 278 -9.71 -25.50 1.74
N ARG C 279 -8.68 -25.57 2.58
CA ARG C 279 -7.36 -25.14 2.18
C ARG C 279 -6.61 -26.24 1.44
N HIS C 280 -5.48 -25.86 0.86
CA HIS C 280 -4.53 -26.79 0.24
C HIS C 280 -3.31 -26.91 1.14
N ILE C 281 -2.90 -28.15 1.43
CA ILE C 281 -1.86 -28.40 2.42
C ILE C 281 -0.47 -28.52 1.82
N PHE C 282 -0.35 -28.66 0.50
CA PHE C 282 0.95 -28.94 -0.11
C PHE C 282 1.95 -27.83 0.15
N PHE C 283 1.56 -26.57 -0.09
CA PHE C 283 2.49 -25.46 0.05
C PHE C 283 2.97 -25.32 1.49
N PHE C 284 2.04 -25.35 2.46
CA PHE C 284 2.44 -25.19 3.85
C PHE C 284 3.33 -26.31 4.31
N LEU C 285 3.00 -27.56 3.93
CA LEU C 285 3.87 -28.68 4.23
C LEU C 285 5.27 -28.44 3.71
N LEU C 286 5.41 -28.27 2.39
CA LEU C 286 6.73 -28.16 1.77
C LEU C 286 7.48 -26.92 2.25
N GLN C 287 6.79 -25.89 2.72
CA GLN C 287 7.46 -24.67 3.11
C GLN C 287 7.83 -24.63 4.59
N THR C 288 7.12 -25.33 5.45
CA THR C 288 7.38 -25.25 6.88
C THR C 288 7.79 -26.58 7.50
N TYR C 289 7.06 -27.66 7.23
CA TYR C 289 7.28 -28.89 7.99
C TYR C 289 8.56 -29.58 7.58
N PHE C 290 8.87 -29.61 6.28
CA PHE C 290 10.08 -30.27 5.82
C PHE C 290 11.36 -29.61 6.33
N PRO C 291 11.54 -28.27 6.25
CA PRO C 291 12.76 -27.67 6.80
C PRO C 291 12.94 -27.92 8.29
N ALA C 292 11.85 -27.89 9.07
CA ALA C 292 11.97 -28.14 10.51
C ALA C 292 12.44 -29.55 10.78
N THR C 293 11.86 -30.54 10.10
CA THR C 293 12.31 -31.92 10.25
C THR C 293 13.76 -32.10 9.81
N LEU C 294 14.15 -31.44 8.72
CA LEU C 294 15.54 -31.52 8.28
C LEU C 294 16.49 -30.96 9.32
N MET C 295 16.14 -29.81 9.92
CA MET C 295 16.99 -29.24 10.96
C MET C 295 17.06 -30.15 12.18
N VAL C 296 15.93 -30.73 12.57
CA VAL C 296 15.91 -31.63 13.73
C VAL C 296 16.81 -32.84 13.48
N MET C 297 16.71 -33.43 12.29
CA MET C 297 17.57 -34.55 11.96
C MET C 297 19.04 -34.14 11.86
N LEU C 298 19.29 -32.91 11.42
CA LEU C 298 20.66 -32.40 11.39
C LEU C 298 21.24 -32.30 12.80
N SER C 299 20.41 -31.89 13.77
CA SER C 299 20.88 -31.80 15.14
C SER C 299 21.25 -33.15 15.73
N TRP C 300 20.80 -34.25 15.12
CA TRP C 300 21.08 -35.58 15.66
C TRP C 300 22.47 -36.10 15.30
N VAL C 301 23.06 -35.63 14.21
CA VAL C 301 24.34 -36.18 13.76
C VAL C 301 25.48 -35.82 14.71
N SER C 302 25.28 -34.84 15.59
CA SER C 302 26.34 -34.47 16.53
C SER C 302 26.62 -35.57 17.54
N PHE C 303 25.70 -36.52 17.73
CA PHE C 303 25.90 -37.62 18.65
C PHE C 303 26.94 -38.62 18.17
N TRP C 304 27.24 -38.65 16.88
CA TRP C 304 28.17 -39.60 16.30
C TRP C 304 29.57 -39.03 16.11
N ILE C 305 29.84 -37.86 16.68
CA ILE C 305 31.14 -37.21 16.56
C ILE C 305 31.85 -37.30 17.91
N ASP C 306 33.15 -37.62 17.85
CA ASP C 306 33.95 -37.74 19.06
C ASP C 306 33.96 -36.42 19.83
N ARG C 307 33.86 -36.53 21.15
CA ARG C 307 33.82 -35.34 22.01
C ARG C 307 35.11 -34.55 22.00
N ARG C 308 36.21 -35.13 21.54
CA ARG C 308 37.47 -34.40 21.46
C ARG C 308 37.49 -33.38 20.32
N ALA C 309 36.60 -33.52 19.34
CA ALA C 309 36.46 -32.53 18.26
C ALA C 309 35.53 -31.42 18.73
N VAL C 310 36.09 -30.50 19.52
CA VAL C 310 35.30 -29.42 20.11
C VAL C 310 34.63 -28.56 19.05
N PRO C 311 35.34 -28.05 17.99
CA PRO C 311 34.68 -27.23 16.96
C PRO C 311 33.93 -28.06 15.92
N ALA C 312 33.21 -29.09 16.38
CA ALA C 312 32.46 -29.95 15.47
C ALA C 312 31.02 -30.21 15.87
N ARG C 313 30.64 -30.01 17.13
CA ARG C 313 29.29 -30.34 17.58
C ARG C 313 28.48 -29.13 18.04
N VAL C 314 29.13 -28.04 18.42
CA VAL C 314 28.44 -26.83 18.89
C VAL C 314 27.89 -26.02 17.71
N PRO C 315 28.67 -25.76 16.65
CA PRO C 315 28.10 -24.99 15.53
C PRO C 315 26.87 -25.61 14.92
N LEU C 316 26.80 -26.94 14.86
CA LEU C 316 25.61 -27.60 14.31
C LEU C 316 24.36 -27.21 15.09
N GLY C 317 24.41 -27.37 16.42
CA GLY C 317 23.27 -26.99 17.25
C GLY C 317 22.96 -25.51 17.17
N ILE C 318 24.00 -24.67 17.16
CA ILE C 318 23.78 -23.23 17.11
C ILE C 318 23.07 -22.83 15.82
N THR C 319 23.54 -23.35 14.69
CA THR C 319 22.94 -23.00 13.41
C THR C 319 21.54 -23.57 13.28
N THR C 320 21.30 -24.76 13.84
CA THR C 320 19.94 -25.30 13.83
C THR C 320 19.01 -24.42 14.66
N VAL C 321 19.47 -23.93 15.81
CA VAL C 321 18.65 -23.03 16.62
C VAL C 321 18.35 -21.74 15.87
N LEU C 322 19.36 -21.16 15.21
CA LEU C 322 19.15 -19.93 14.45
C LEU C 322 18.17 -20.16 13.31
N THR C 323 18.31 -21.29 12.59
CA THR C 323 17.40 -21.57 11.49
C THR C 323 15.98 -21.79 11.99
N MET C 324 15.81 -22.48 13.12
CA MET C 324 14.48 -22.69 13.66
C MET C 324 13.84 -21.35 14.07
N SER C 325 14.62 -20.47 14.69
CA SER C 325 14.11 -19.16 15.06
C SER C 325 13.70 -18.36 13.83
N THR C 326 14.51 -18.39 12.77
CA THR C 326 14.17 -17.68 11.55
C THR C 326 12.91 -18.24 10.92
N ILE C 327 12.76 -19.57 10.92
CA ILE C 327 11.56 -20.20 10.37
C ILE C 327 10.33 -19.79 11.17
N ILE C 328 10.44 -19.78 12.49
CA ILE C 328 9.32 -19.37 13.34
C ILE C 328 8.92 -17.93 13.04
N THR C 329 9.92 -17.05 12.91
CA THR C 329 9.62 -15.65 12.60
C THR C 329 8.94 -15.52 11.24
N GLY C 330 9.44 -16.26 10.24
CA GLY C 330 8.83 -16.20 8.92
C GLY C 330 7.39 -16.70 8.92
N VAL C 331 7.13 -17.78 9.66
CA VAL C 331 5.77 -18.29 9.73
C VAL C 331 4.85 -17.30 10.44
N ASN C 332 5.31 -16.72 11.55
CA ASN C 332 4.49 -15.77 12.30
C ASN C 332 4.31 -14.44 11.61
N ALA C 333 5.16 -14.11 10.62
CA ALA C 333 5.05 -12.82 9.94
C ALA C 333 3.83 -12.71 9.04
N SER C 334 2.95 -13.71 9.02
CA SER C 334 1.78 -13.68 8.15
C SER C 334 0.46 -13.64 8.92
N MET C 335 0.26 -14.56 9.86
CA MET C 335 -1.03 -14.67 10.53
C MET C 335 -1.25 -13.52 11.49
N PRO C 336 -2.50 -13.16 11.77
CA PRO C 336 -2.77 -12.09 12.74
C PRO C 336 -2.48 -12.53 14.17
N ARG C 337 -2.59 -11.55 15.08
CA ARG C 337 -2.28 -11.76 16.49
C ARG C 337 -3.53 -12.23 17.22
N VAL C 338 -3.78 -13.53 17.14
CA VAL C 338 -4.92 -14.16 17.80
C VAL C 338 -4.57 -14.41 19.26
N SER C 339 -5.58 -14.73 20.07
CA SER C 339 -5.41 -14.97 21.50
C SER C 339 -5.34 -16.45 21.85
N TYR C 340 -5.24 -17.33 20.86
CA TYR C 340 -5.12 -18.77 21.10
C TYR C 340 -3.98 -19.31 20.25
N ILE C 341 -3.55 -20.52 20.59
CA ILE C 341 -2.43 -21.16 19.92
C ILE C 341 -2.93 -21.95 18.73
N LYS C 342 -2.20 -21.85 17.62
CA LYS C 342 -2.57 -22.51 16.38
C LYS C 342 -1.88 -23.88 16.30
N ALA C 343 -2.38 -24.71 15.38
CA ALA C 343 -1.82 -26.05 15.23
C ALA C 343 -0.39 -26.02 14.73
N VAL C 344 -0.07 -25.09 13.83
CA VAL C 344 1.29 -24.99 13.29
C VAL C 344 2.26 -24.51 14.37
N ASP C 345 1.76 -23.79 15.38
CA ASP C 345 2.64 -23.32 16.44
C ASP C 345 3.11 -24.47 17.32
N ILE C 346 2.24 -25.45 17.58
CA ILE C 346 2.61 -26.58 18.43
C ILE C 346 3.74 -27.37 17.80
N TYR C 347 3.66 -27.65 16.49
CA TYR C 347 4.68 -28.45 15.83
C TYR C 347 6.02 -27.73 15.81
N LEU C 348 6.01 -26.42 15.59
CA LEU C 348 7.27 -25.68 15.52
C LEU C 348 7.92 -25.51 16.88
N TRP C 349 7.12 -25.21 17.91
CA TRP C 349 7.68 -24.97 19.23
C TRP C 349 8.21 -26.24 19.88
N VAL C 350 7.56 -27.38 19.65
CA VAL C 350 8.08 -28.64 20.15
C VAL C 350 9.43 -28.96 19.51
N SER C 351 9.55 -28.71 18.20
CA SER C 351 10.81 -28.97 17.52
C SER C 351 11.94 -28.11 18.08
N PHE C 352 11.65 -26.85 18.41
CA PHE C 352 12.67 -25.97 18.97
C PHE C 352 13.16 -26.46 20.32
N VAL C 353 12.26 -27.08 21.09
CA VAL C 353 12.65 -27.62 22.40
C VAL C 353 13.63 -28.78 22.24
N PHE C 354 13.39 -29.65 21.27
CA PHE C 354 14.28 -30.79 21.05
C PHE C 354 15.68 -30.33 20.67
N VAL C 355 15.78 -29.33 19.80
CA VAL C 355 17.09 -28.81 19.41
C VAL C 355 17.76 -28.12 20.60
N PHE C 356 16.96 -27.45 21.45
CA PHE C 356 17.53 -26.78 22.61
C PHE C 356 18.15 -27.77 23.59
N LEU C 357 17.50 -28.92 23.79
CA LEU C 357 18.03 -29.91 24.73
C LEU C 357 19.28 -30.60 24.17
N SER C 358 19.43 -30.61 22.84
CA SER C 358 20.61 -31.24 22.25
C SER C 358 21.89 -30.54 22.67
N VAL C 359 21.88 -29.21 22.73
CA VAL C 359 23.06 -28.46 23.17
C VAL C 359 23.36 -28.75 24.63
N LEU C 360 22.31 -28.85 25.46
CA LEU C 360 22.52 -29.14 26.88
C LEU C 360 23.14 -30.52 27.08
N GLU C 361 22.78 -31.49 26.23
CA GLU C 361 23.32 -32.83 26.36
C GLU C 361 24.83 -32.84 26.16
N TYR C 362 25.32 -32.03 25.22
CA TYR C 362 26.77 -31.95 25.00
C TYR C 362 27.48 -31.38 26.23
N ALA C 363 26.88 -30.39 26.88
CA ALA C 363 27.49 -29.81 28.07
C ALA C 363 27.54 -30.81 29.22
N ALA C 364 26.52 -31.67 29.33
CA ALA C 364 26.49 -32.66 30.39
C ALA C 364 27.65 -33.65 30.26
N VAL C 365 27.92 -34.11 29.04
CA VAL C 365 29.03 -35.04 28.82
C VAL C 365 30.35 -34.36 29.12
N ASN C 366 30.52 -33.13 28.66
CA ASN C 366 31.78 -32.41 28.84
C ASN C 366 32.06 -32.15 30.32
N TYR C 367 31.02 -31.76 31.06
CA TYR C 367 31.20 -31.46 32.48
C TYR C 367 31.61 -32.70 33.27
N LEU C 368 31.00 -33.85 32.98
CA LEU C 368 31.32 -35.06 33.72
C LEU C 368 32.74 -35.54 33.42
N THR C 369 33.21 -35.31 32.19
CA THR C 369 34.57 -35.73 31.84
C THR C 369 35.60 -34.99 32.66
N THR C 370 35.42 -33.67 32.83
CA THR C 370 36.37 -32.89 33.62
C THR C 370 36.36 -33.34 35.08
N VAL C 371 35.18 -33.59 35.63
CA VAL C 371 35.09 -34.04 37.03
C VAL C 371 35.75 -35.41 37.18
N GLN C 372 35.47 -36.32 36.24
CA GLN C 372 36.05 -37.66 36.32
C GLN C 372 37.56 -37.63 36.19
N GLU C 373 38.08 -36.82 35.26
CA GLU C 373 39.52 -36.76 35.07
C GLU C 373 40.22 -36.12 36.25
N ARG C 374 39.56 -35.17 36.91
CA ARG C 374 40.16 -34.54 38.08
C ARG C 374 40.40 -35.54 39.20
N LYS C 375 39.44 -36.44 39.43
CA LYS C 375 39.61 -37.47 40.45
C LYS C 375 40.73 -38.43 40.09
N GLU C 376 40.83 -38.79 38.82
CA GLU C 376 41.89 -39.71 38.39
C GLU C 376 43.27 -39.09 38.59
N GLN C 377 43.41 -37.81 38.28
CA GLN C 377 44.68 -37.12 38.43
C GLN C 377 44.99 -36.84 39.91
N ASP C 451 36.95 -43.82 23.49
CA ASP C 451 35.70 -44.43 23.93
C ASP C 451 34.54 -43.45 23.83
N THR C 452 33.32 -43.98 23.80
CA THR C 452 32.11 -43.19 23.68
C THR C 452 31.35 -43.19 25.00
N HIS C 453 30.93 -42.01 25.45
CA HIS C 453 30.19 -41.90 26.68
C HIS C 453 28.82 -42.55 26.55
N ALA C 454 28.29 -43.03 27.68
CA ALA C 454 27.01 -43.73 27.67
C ALA C 454 25.85 -42.80 27.34
N ILE C 455 25.99 -41.51 27.67
CA ILE C 455 24.91 -40.56 27.42
C ILE C 455 24.62 -40.46 25.92
N ASP C 456 25.66 -40.36 25.10
CA ASP C 456 25.47 -40.31 23.65
C ASP C 456 24.84 -41.60 23.15
N LYS C 457 25.30 -42.74 23.66
CA LYS C 457 24.78 -44.03 23.22
C LYS C 457 23.29 -44.15 23.50
N TYR C 458 22.86 -43.69 24.69
CA TYR C 458 21.44 -43.71 25.00
C TYR C 458 20.66 -42.70 24.16
N SER C 459 21.21 -41.50 23.98
CA SER C 459 20.48 -40.45 23.25
C SER C 459 20.24 -40.84 21.80
N ARG C 460 21.22 -41.50 21.17
CA ARG C 460 21.10 -41.85 19.75
C ARG C 460 19.86 -42.68 19.48
N ILE C 461 19.37 -43.40 20.49
CA ILE C 461 18.16 -44.21 20.36
C ILE C 461 16.96 -43.51 20.96
N ILE C 462 17.15 -42.77 22.05
CA ILE C 462 16.01 -42.15 22.73
C ILE C 462 15.41 -41.03 21.89
N PHE C 463 16.24 -40.16 21.33
CA PHE C 463 15.71 -38.98 20.63
C PHE C 463 14.87 -39.32 19.41
N PRO C 464 15.33 -40.14 18.46
CA PRO C 464 14.48 -40.43 17.29
C PRO C 464 13.17 -41.09 17.64
N ALA C 465 13.16 -41.98 18.65
CA ALA C 465 11.92 -42.62 19.05
C ALA C 465 10.91 -41.60 19.59
N ALA C 466 11.39 -40.67 20.42
CA ALA C 466 10.50 -39.63 20.95
C ALA C 466 9.97 -38.74 19.83
N TYR C 467 10.83 -38.36 18.88
CA TYR C 467 10.39 -37.51 17.78
C TYR C 467 9.34 -38.23 16.93
N ILE C 468 9.56 -39.52 16.65
CA ILE C 468 8.61 -40.28 15.84
C ILE C 468 7.29 -40.42 16.58
N LEU C 469 7.34 -40.68 17.89
CA LEU C 469 6.10 -40.78 18.66
C LEU C 469 5.33 -39.47 18.65
N PHE C 470 6.03 -38.35 18.82
CA PHE C 470 5.37 -37.05 18.78
C PHE C 470 4.73 -36.80 17.42
N ASN C 471 5.45 -37.13 16.34
CA ASN C 471 4.88 -36.93 15.00
C ASN C 471 3.64 -37.79 14.79
N LEU C 472 3.69 -39.05 15.23
CA LEU C 472 2.54 -39.93 15.06
C LEU C 472 1.34 -39.41 15.84
N ILE C 473 1.54 -38.99 17.09
CA ILE C 473 0.43 -38.48 17.88
C ILE C 473 -0.15 -37.21 17.25
N TYR C 474 0.73 -36.30 16.81
CA TYR C 474 0.26 -35.04 16.23
C TYR C 474 -0.53 -35.30 14.96
N TRP C 475 -0.02 -36.14 14.06
CA TRP C 475 -0.72 -36.41 12.81
C TRP C 475 -1.94 -37.30 12.99
N SER C 476 -2.07 -37.98 14.13
CA SER C 476 -3.31 -38.71 14.40
C SER C 476 -4.38 -37.80 14.99
N ILE C 477 -3.98 -36.84 15.83
CA ILE C 477 -4.95 -35.95 16.45
C ILE C 477 -5.57 -35.01 15.41
N PHE C 478 -4.74 -34.38 14.58
CA PHE C 478 -5.19 -33.37 13.64
C PHE C 478 -5.52 -33.92 12.26
N SER C 479 -5.47 -35.24 12.09
CA SER C 479 -5.78 -35.88 10.80
C SER C 479 -4.90 -35.36 9.67
N GLN D 77 -50.89 14.64 -5.23
CA GLN D 77 -49.84 14.19 -4.33
C GLN D 77 -50.30 14.25 -2.88
N LEU D 78 -49.79 13.34 -2.05
CA LEU D 78 -50.17 13.29 -0.65
C LEU D 78 -49.52 14.41 0.16
N LEU D 79 -48.30 14.78 -0.18
CA LEU D 79 -47.56 15.83 0.53
C LEU D 79 -47.45 17.06 -0.34
N ARG D 80 -47.73 18.23 0.25
CA ARG D 80 -47.71 19.50 -0.48
C ARG D 80 -46.31 20.12 -0.36
N ILE D 81 -45.40 19.60 -1.17
CA ILE D 81 -44.02 20.08 -1.15
C ILE D 81 -43.93 21.47 -1.77
N ASP D 82 -44.61 21.69 -2.90
CA ASP D 82 -44.48 22.93 -3.64
C ASP D 82 -45.13 24.13 -2.96
N ASP D 83 -45.95 23.91 -1.94
CA ASP D 83 -46.66 24.99 -1.27
C ASP D 83 -45.87 25.62 -0.14
N HIS D 84 -44.66 25.17 0.13
CA HIS D 84 -43.85 25.69 1.22
C HIS D 84 -42.40 25.83 0.78
N ASP D 85 -41.67 26.67 1.49
CA ASP D 85 -40.24 26.88 1.25
C ASP D 85 -39.48 26.15 2.36
N PHE D 86 -38.66 25.17 1.97
CA PHE D 86 -37.94 24.34 2.92
C PHE D 86 -36.50 24.77 3.12
N SER D 87 -36.16 26.00 2.75
CA SER D 87 -34.83 26.54 3.00
C SER D 87 -34.68 27.12 4.40
N MET D 88 -35.75 27.10 5.20
CA MET D 88 -35.74 27.61 6.56
C MET D 88 -36.22 26.53 7.52
N ARG D 89 -35.60 26.47 8.69
CA ARG D 89 -35.95 25.46 9.68
C ARG D 89 -37.36 25.72 10.23
N PRO D 90 -38.02 24.68 10.75
CA PRO D 90 -39.31 24.90 11.41
C PRO D 90 -39.18 25.85 12.59
N GLY D 91 -40.17 26.70 12.76
CA GLY D 91 -40.10 27.74 13.78
C GLY D 91 -39.01 28.75 13.49
N PHE D 92 -38.84 29.13 12.23
CA PHE D 92 -37.79 30.08 11.85
C PHE D 92 -38.04 31.44 12.49
N GLY D 93 -37.00 32.03 13.05
CA GLY D 93 -37.13 33.31 13.72
C GLY D 93 -37.76 33.25 15.09
N GLY D 94 -37.89 32.07 15.68
CA GLY D 94 -38.50 31.93 16.97
C GLY D 94 -37.73 31.00 17.89
N PRO D 95 -38.44 30.23 18.70
CA PRO D 95 -37.77 29.33 19.64
C PRO D 95 -37.08 28.18 18.93
N ALA D 96 -36.14 27.56 19.65
CA ALA D 96 -35.40 26.43 19.12
C ALA D 96 -36.31 25.20 18.98
N ILE D 97 -35.86 24.27 18.15
CA ILE D 97 -36.59 23.04 17.86
C ILE D 97 -35.81 21.86 18.44
N PRO D 98 -36.44 21.00 19.24
CA PRO D 98 -35.71 19.86 19.81
C PRO D 98 -35.58 18.72 18.81
N VAL D 99 -34.42 18.07 18.84
CA VAL D 99 -34.11 16.94 17.98
C VAL D 99 -33.55 15.81 18.83
N GLY D 100 -34.11 14.61 18.69
CA GLY D 100 -33.63 13.44 19.40
C GLY D 100 -32.78 12.55 18.51
N VAL D 101 -31.88 11.80 19.14
CA VAL D 101 -30.92 10.96 18.42
C VAL D 101 -30.90 9.57 19.04
N ASP D 102 -30.90 8.55 18.20
CA ASP D 102 -30.68 7.17 18.60
C ASP D 102 -29.57 6.58 17.75
N VAL D 103 -28.82 5.66 18.34
CA VAL D 103 -27.65 5.07 17.69
C VAL D 103 -27.61 3.58 17.99
N GLN D 104 -27.33 2.78 16.96
CA GLN D 104 -27.07 1.36 17.11
C GLN D 104 -25.75 1.03 16.43
N VAL D 105 -24.82 0.48 17.19
CA VAL D 105 -23.48 0.18 16.69
C VAL D 105 -23.49 -1.19 16.04
N GLU D 106 -22.99 -1.27 14.80
CA GLU D 106 -22.99 -2.51 14.05
C GLU D 106 -21.69 -3.29 14.21
N SER D 107 -20.54 -2.64 14.06
CA SER D 107 -19.26 -3.32 14.18
C SER D 107 -18.13 -2.30 14.30
N LEU D 108 -17.02 -2.76 14.87
CA LEU D 108 -15.76 -2.03 14.88
C LEU D 108 -14.81 -2.72 13.92
N ASP D 109 -14.27 -1.96 12.97
CA ASP D 109 -13.54 -2.57 11.86
C ASP D 109 -12.07 -2.82 12.19
N SER D 110 -11.33 -1.77 12.53
CA SER D 110 -9.90 -1.91 12.75
C SER D 110 -9.40 -0.81 13.66
N ILE D 111 -8.22 -1.03 14.24
CA ILE D 111 -7.55 -0.06 15.10
C ILE D 111 -6.11 0.05 14.64
N SER D 112 -5.63 1.28 14.50
CA SER D 112 -4.28 1.55 14.02
C SER D 112 -3.47 2.22 15.12
N GLU D 113 -2.25 1.74 15.34
CA GLU D 113 -1.36 2.32 16.35
C GLU D 113 -0.49 3.44 15.79
N VAL D 114 0.03 3.29 14.57
CA VAL D 114 0.86 4.33 13.98
C VAL D 114 0.03 5.57 13.66
N ASP D 115 -1.21 5.38 13.20
CA ASP D 115 -2.07 6.48 12.85
C ASP D 115 -3.01 6.90 13.97
N MET D 116 -3.22 6.05 14.96
CA MET D 116 -4.03 6.36 16.15
C MET D 116 -5.45 6.76 15.76
N ASP D 117 -6.16 5.80 15.17
CA ASP D 117 -7.56 5.99 14.82
C ASP D 117 -8.25 4.64 14.79
N PHE D 118 -9.57 4.67 14.57
CA PHE D 118 -10.38 3.46 14.48
C PHE D 118 -11.54 3.72 13.53
N THR D 119 -12.18 2.64 13.10
CA THR D 119 -13.29 2.69 12.18
C THR D 119 -14.52 2.06 12.82
N MET D 120 -15.70 2.63 12.54
CA MET D 120 -16.94 2.17 13.13
C MET D 120 -18.08 2.35 12.14
N THR D 121 -19.00 1.38 12.13
CA THR D 121 -20.22 1.44 11.33
C THR D 121 -21.42 1.42 12.26
N LEU D 122 -22.36 2.34 12.01
CA LEU D 122 -23.48 2.51 12.93
C LEU D 122 -24.69 3.05 12.17
N TYR D 123 -25.84 3.00 12.84
CA TYR D 123 -27.09 3.56 12.33
C TYR D 123 -27.41 4.81 13.13
N LEU D 124 -27.71 5.90 12.43
CA LEU D 124 -28.01 7.18 13.05
C LEU D 124 -29.45 7.56 12.77
N ARG D 125 -30.20 7.88 13.81
CA ARG D 125 -31.62 8.18 13.72
C ARG D 125 -31.91 9.54 14.32
N HIS D 126 -32.83 10.28 13.71
CA HIS D 126 -33.22 11.60 14.16
C HIS D 126 -34.74 11.67 14.34
N TYR D 127 -35.17 12.46 15.32
CA TYR D 127 -36.58 12.65 15.61
C TYR D 127 -36.86 14.15 15.74
N TRP D 128 -37.89 14.62 15.04
CA TRP D 128 -38.34 16.00 15.16
C TRP D 128 -39.75 16.09 14.59
N LYS D 129 -40.33 17.29 14.67
CA LYS D 129 -41.69 17.52 14.22
C LYS D 129 -41.73 18.73 13.28
N ASP D 130 -42.51 18.62 12.22
CA ASP D 130 -42.67 19.70 11.25
C ASP D 130 -44.14 19.72 10.82
N GLU D 131 -44.82 20.84 11.08
CA GLU D 131 -46.24 20.95 10.76
C GLU D 131 -46.51 21.08 9.27
N ARG D 132 -45.49 21.41 8.47
CA ARG D 132 -45.69 21.55 7.03
C ARG D 132 -45.82 20.21 6.31
N LEU D 133 -45.55 19.10 6.98
CA LEU D 133 -45.62 17.77 6.38
C LEU D 133 -46.89 17.01 6.76
N SER D 134 -47.86 17.67 7.38
CA SER D 134 -49.07 17.00 7.82
C SER D 134 -49.93 16.61 6.62
N PHE D 135 -50.53 15.43 6.68
CA PHE D 135 -51.43 14.94 5.65
C PHE D 135 -52.64 14.29 6.30
N PRO D 136 -53.80 14.30 5.63
CA PRO D 136 -55.01 13.76 6.25
C PRO D 136 -55.09 12.24 6.17
N SER D 137 -55.45 11.59 7.27
CA SER D 137 -55.64 10.15 7.31
C SER D 137 -56.47 9.82 8.56
N THR D 138 -57.01 8.60 8.57
CA THR D 138 -57.87 8.15 9.66
C THR D 138 -57.24 7.08 10.54
N ASN D 139 -56.33 6.27 10.00
CA ASN D 139 -55.74 5.20 10.80
C ASN D 139 -54.73 5.72 11.82
N ASN D 140 -54.18 6.93 11.64
CA ASN D 140 -53.07 7.46 12.51
C ASN D 140 -51.94 6.45 12.64
N LEU D 141 -51.29 6.16 11.52
CA LEU D 141 -50.14 5.26 11.53
C LEU D 141 -49.04 5.83 10.65
N SER D 142 -47.80 5.47 10.98
CA SER D 142 -46.66 5.95 10.21
C SER D 142 -46.66 5.35 8.81
N MET D 143 -46.28 6.17 7.83
CA MET D 143 -46.20 5.74 6.44
C MET D 143 -44.77 5.92 5.94
N THR D 144 -44.29 4.94 5.18
CA THR D 144 -42.92 4.91 4.71
C THR D 144 -42.84 5.41 3.28
N PHE D 145 -41.89 6.31 3.02
CA PHE D 145 -41.63 6.83 1.69
C PHE D 145 -40.30 6.29 1.17
N ASP D 146 -40.14 6.34 -0.15
CA ASP D 146 -39.03 5.64 -0.78
C ASP D 146 -37.68 6.19 -0.32
N GLY D 147 -37.52 7.50 -0.29
CA GLY D 147 -36.28 8.08 0.20
C GLY D 147 -35.66 9.15 -0.68
N ARG D 148 -36.16 9.30 -1.91
CA ARG D 148 -35.66 10.37 -2.77
C ARG D 148 -36.33 11.70 -2.50
N LEU D 149 -37.28 11.75 -1.57
CA LEU D 149 -37.93 12.99 -1.19
C LEU D 149 -37.14 13.78 -0.16
N VAL D 150 -36.02 13.23 0.32
CA VAL D 150 -35.22 13.89 1.34
C VAL D 150 -34.66 15.21 0.82
N LYS D 151 -34.20 15.22 -0.43
CA LYS D 151 -33.58 16.40 -1.03
C LYS D 151 -34.59 17.51 -1.33
N LYS D 152 -35.85 17.39 -0.91
CA LYS D 152 -36.84 18.43 -1.12
C LYS D 152 -37.45 18.94 0.17
N ILE D 153 -36.98 18.46 1.32
CA ILE D 153 -37.48 18.89 2.63
C ILE D 153 -36.29 19.24 3.52
N TRP D 154 -36.60 19.87 4.65
CA TRP D 154 -35.56 20.26 5.60
C TRP D 154 -35.07 19.05 6.38
N VAL D 155 -33.76 18.99 6.59
CA VAL D 155 -33.11 17.85 7.26
C VAL D 155 -32.01 18.41 8.16
N PRO D 156 -31.78 17.82 9.34
CA PRO D 156 -30.68 18.29 10.20
C PRO D 156 -29.34 18.17 9.52
N ASP D 157 -28.32 18.75 10.17
CA ASP D 157 -27.00 18.93 9.60
C ASP D 157 -25.92 18.44 10.58
N MET D 158 -26.10 17.24 11.12
CA MET D 158 -25.14 16.69 12.06
C MET D 158 -23.87 16.27 11.36
N PHE D 159 -22.76 16.31 12.09
CA PHE D 159 -21.46 15.88 11.58
C PHE D 159 -20.62 15.35 12.73
N PHE D 160 -19.59 14.58 12.38
CA PHE D 160 -18.73 13.93 13.36
C PHE D 160 -17.48 14.77 13.57
N VAL D 161 -17.25 15.17 14.82
CA VAL D 161 -16.12 16.02 15.16
C VAL D 161 -14.86 15.18 15.28
N HIS D 162 -13.72 15.74 14.88
CA HIS D 162 -12.43 15.07 14.94
C HIS D 162 -12.42 13.76 14.17
N SER D 163 -13.06 13.76 13.01
CA SER D 163 -13.06 12.62 12.12
C SER D 163 -12.11 12.85 10.95
N LYS D 164 -11.52 11.77 10.46
CA LYS D 164 -10.59 11.85 9.34
C LYS D 164 -11.27 11.67 8.00
N ARG D 165 -12.19 10.72 7.89
CA ARG D 165 -12.92 10.47 6.66
C ARG D 165 -14.19 9.71 6.99
N SER D 166 -15.18 9.82 6.11
CA SER D 166 -16.45 9.12 6.29
C SER D 166 -17.19 9.12 4.96
N PHE D 167 -18.20 8.26 4.87
CA PHE D 167 -19.02 8.16 3.67
C PHE D 167 -20.32 7.47 4.01
N ILE D 168 -21.26 7.52 3.06
CA ILE D 168 -22.58 6.90 3.20
C ILE D 168 -22.69 5.81 2.14
N HIS D 169 -23.13 4.63 2.55
CA HIS D 169 -23.29 3.51 1.62
C HIS D 169 -24.40 3.79 0.62
N ASP D 170 -24.18 3.44 -0.63
CA ASP D 170 -25.10 3.75 -1.72
C ASP D 170 -25.27 2.56 -2.65
N THR D 171 -25.45 1.37 -2.09
CA THR D 171 -25.70 0.16 -2.86
C THR D 171 -26.82 -0.62 -2.20
N THR D 172 -27.87 -0.93 -2.97
CA THR D 172 -27.97 -0.57 -4.38
C THR D 172 -28.55 0.83 -4.55
N THR D 173 -28.94 1.43 -3.43
CA THR D 173 -29.41 2.81 -3.39
C THR D 173 -28.91 3.43 -2.09
N ASP D 174 -29.17 4.72 -1.91
CA ASP D 174 -28.79 5.38 -0.67
C ASP D 174 -29.57 4.78 0.49
N ASN D 175 -28.84 4.35 1.53
CA ASN D 175 -29.44 3.72 2.70
C ASN D 175 -30.11 4.80 3.53
N VAL D 176 -31.30 5.22 3.07
CA VAL D 176 -32.04 6.31 3.69
C VAL D 176 -33.46 5.84 3.94
N MET D 177 -33.96 6.12 5.14
CA MET D 177 -35.32 5.79 5.53
C MET D 177 -36.04 7.07 5.96
N LEU D 178 -37.33 7.15 5.63
CA LEU D 178 -38.12 8.33 5.93
C LEU D 178 -39.55 7.91 6.21
N ARG D 179 -39.99 8.09 7.46
CA ARG D 179 -41.34 7.77 7.87
C ARG D 179 -41.98 8.99 8.51
N VAL D 180 -43.19 9.32 8.08
CA VAL D 180 -43.89 10.52 8.53
C VAL D 180 -45.23 10.11 9.11
N GLN D 181 -45.53 10.60 10.31
CA GLN D 181 -46.81 10.39 10.96
C GLN D 181 -47.83 11.41 10.48
N PRO D 182 -49.12 11.11 10.62
CA PRO D 182 -50.14 12.06 10.13
C PRO D 182 -50.07 13.44 10.77
N ASP D 183 -49.69 13.53 12.04
CA ASP D 183 -49.62 14.83 12.71
C ASP D 183 -48.40 15.65 12.29
N GLY D 184 -47.31 14.99 11.86
CA GLY D 184 -46.16 15.72 11.38
C GLY D 184 -44.84 15.22 11.94
N LYS D 185 -44.88 14.21 12.80
CA LYS D 185 -43.65 13.64 13.33
C LYS D 185 -42.88 12.91 12.24
N VAL D 186 -41.57 13.06 12.25
CA VAL D 186 -40.69 12.56 11.19
C VAL D 186 -39.63 11.67 11.80
N LEU D 187 -39.32 10.56 11.12
CA LEU D 187 -38.24 9.67 11.48
C LEU D 187 -37.28 9.57 10.31
N TYR D 188 -35.98 9.73 10.58
CA TYR D 188 -34.95 9.77 9.55
C TYR D 188 -33.77 8.92 10.00
N SER D 189 -33.32 8.01 9.15
CA SER D 189 -32.28 7.06 9.49
C SER D 189 -31.21 7.03 8.40
N LEU D 190 -29.99 6.71 8.81
CA LEU D 190 -28.85 6.66 7.91
C LEU D 190 -27.91 5.53 8.33
N ARG D 191 -27.07 5.11 7.40
CA ARG D 191 -26.03 4.12 7.66
C ARG D 191 -24.71 4.68 7.16
N VAL D 192 -23.76 4.89 8.08
CA VAL D 192 -22.51 5.58 7.77
C VAL D 192 -21.34 4.80 8.38
N THR D 193 -20.16 5.03 7.79
CA THR D 193 -18.90 4.49 8.28
C THR D 193 -17.96 5.66 8.58
N VAL D 194 -17.45 5.72 9.80
CA VAL D 194 -16.71 6.87 10.29
C VAL D 194 -15.34 6.42 10.80
N THR D 195 -14.32 7.21 10.48
CA THR D 195 -12.98 7.05 11.03
C THR D 195 -12.66 8.27 11.88
N ALA D 196 -12.29 8.05 13.14
CA ALA D 196 -12.10 9.13 14.09
C ALA D 196 -10.78 8.96 14.82
N MET D 197 -10.24 10.08 15.30
CA MET D 197 -8.95 10.09 15.98
C MET D 197 -9.12 9.75 17.45
N CYS D 198 -8.16 9.01 18.00
CA CYS D 198 -8.13 8.68 19.41
C CYS D 198 -6.70 8.81 19.92
N ASN D 199 -6.54 9.50 21.05
CA ASN D 199 -5.24 9.70 21.67
C ASN D 199 -4.94 8.52 22.60
N MET D 200 -3.87 7.80 22.32
CA MET D 200 -3.50 6.60 23.05
C MET D 200 -2.13 6.77 23.70
N ASP D 201 -1.96 6.13 24.86
CA ASP D 201 -0.71 6.15 25.61
C ASP D 201 -0.14 4.74 25.66
N PHE D 202 1.15 4.61 25.32
CA PHE D 202 1.81 3.32 25.24
C PHE D 202 2.87 3.15 26.33
N SER D 203 2.67 3.78 27.48
CA SER D 203 3.63 3.63 28.57
C SER D 203 3.58 2.24 29.20
N ARG D 204 2.46 1.54 29.08
CA ARG D 204 2.31 0.21 29.65
C ARG D 204 2.14 -0.87 28.58
N PHE D 205 2.56 -0.58 27.35
CA PHE D 205 2.47 -1.56 26.28
C PHE D 205 3.34 -2.77 26.60
N PRO D 206 2.86 -4.00 26.35
CA PRO D 206 1.54 -4.33 25.79
C PRO D 206 0.52 -4.76 26.84
N LEU D 207 0.56 -4.15 28.02
CA LEU D 207 -0.41 -4.41 29.07
C LEU D 207 -1.22 -3.15 29.40
N ASP D 208 -1.55 -2.38 28.37
CA ASP D 208 -2.19 -1.09 28.51
C ASP D 208 -3.70 -1.20 28.29
N THR D 209 -4.40 -0.14 28.68
CA THR D 209 -5.83 0.00 28.48
C THR D 209 -6.10 1.33 27.81
N GLN D 210 -6.91 1.31 26.75
CA GLN D 210 -7.17 2.50 25.95
C GLN D 210 -8.65 2.86 26.01
N THR D 211 -8.91 4.17 26.03
CA THR D 211 -10.26 4.69 26.04
C THR D 211 -10.43 5.66 24.87
N CYS D 212 -11.45 5.43 24.06
CA CYS D 212 -11.74 6.26 22.89
C CYS D 212 -13.20 6.68 22.92
N SER D 213 -13.53 7.69 22.10
CA SER D 213 -14.88 8.22 22.08
C SER D 213 -15.20 8.73 20.68
N LEU D 214 -16.50 8.85 20.41
CA LEU D 214 -17.01 9.38 19.16
C LEU D 214 -17.96 10.53 19.47
N GLU D 215 -17.83 11.62 18.73
CA GLU D 215 -18.54 12.86 19.03
C GLU D 215 -19.47 13.23 17.88
N ILE D 216 -20.68 13.67 18.24
CA ILE D 216 -21.70 14.09 17.27
C ILE D 216 -22.14 15.50 17.62
N GLU D 217 -22.23 16.35 16.62
CA GLU D 217 -22.52 17.77 16.85
C GLU D 217 -23.15 18.35 15.60
N SER D 218 -23.96 19.39 15.80
CA SER D 218 -24.55 20.14 14.70
C SER D 218 -23.56 21.17 14.18
N TYR D 219 -23.55 21.37 12.86
CA TYR D 219 -22.53 22.22 12.27
C TYR D 219 -22.93 23.69 12.22
N ALA D 220 -24.13 23.99 11.72
CA ALA D 220 -24.52 25.37 11.42
C ALA D 220 -25.42 26.01 12.45
N TYR D 221 -26.20 25.23 13.19
CA TYR D 221 -27.16 25.78 14.14
C TYR D 221 -26.61 25.76 15.56
N THR D 222 -26.78 26.87 16.27
CA THR D 222 -26.31 27.00 17.64
C THR D 222 -27.37 26.47 18.61
N GLU D 223 -27.08 26.58 19.91
CA GLU D 223 -28.01 26.10 20.92
C GLU D 223 -29.29 26.93 20.96
N ASP D 224 -29.27 28.16 20.43
CA ASP D 224 -30.46 28.99 20.42
C ASP D 224 -31.43 28.62 19.32
N ASP D 225 -31.02 27.80 18.36
CA ASP D 225 -31.88 27.41 17.25
C ASP D 225 -32.14 25.92 17.16
N LEU D 226 -31.24 25.08 17.67
CA LEU D 226 -31.41 23.64 17.62
C LEU D 226 -30.89 23.04 18.92
N MET D 227 -31.77 22.32 19.62
CA MET D 227 -31.41 21.64 20.87
C MET D 227 -31.24 20.15 20.59
N LEU D 228 -30.07 19.62 20.95
CA LEU D 228 -29.71 18.24 20.67
C LEU D 228 -29.66 17.46 21.99
N TYR D 229 -30.31 16.30 22.01
CA TYR D 229 -30.37 15.48 23.21
C TYR D 229 -30.61 14.04 22.82
N TRP D 230 -30.30 13.12 23.74
CA TRP D 230 -30.54 11.71 23.53
C TRP D 230 -32.04 11.42 23.65
N LYS D 231 -32.56 10.60 22.72
CA LYS D 231 -34.00 10.40 22.65
C LYS D 231 -34.56 9.74 23.91
N LYS D 232 -33.88 8.71 24.41
CA LYS D 232 -34.39 7.94 25.54
C LYS D 232 -33.36 7.81 26.65
N GLY D 233 -32.54 8.84 26.85
CA GLY D 233 -31.59 8.80 27.96
C GLY D 233 -30.51 7.76 27.74
N ASN D 234 -30.28 6.88 28.71
CA ASN D 234 -29.21 5.89 28.57
C ASN D 234 -29.59 4.80 27.58
N ASP D 235 -30.90 4.55 27.45
CA ASP D 235 -31.33 3.43 26.61
C ASP D 235 -31.34 3.79 25.13
N SER D 236 -30.59 4.81 24.73
CA SER D 236 -30.52 5.24 23.34
C SER D 236 -29.35 4.62 22.58
N LEU D 237 -28.58 3.75 23.22
CA LEU D 237 -27.42 3.12 22.61
C LEU D 237 -27.59 1.61 22.63
N LYS D 238 -27.50 0.99 21.47
CA LYS D 238 -27.59 -0.46 21.33
C LYS D 238 -26.38 -0.96 20.54
N THR D 239 -25.95 -2.18 20.85
CA THR D 239 -24.81 -2.78 20.20
C THR D 239 -25.18 -4.16 19.68
N ASP D 240 -24.61 -4.52 18.53
CA ASP D 240 -24.83 -5.84 17.95
C ASP D 240 -24.04 -6.88 18.73
N GLU D 241 -24.58 -8.10 18.78
CA GLU D 241 -23.96 -9.19 19.51
C GLU D 241 -22.78 -9.81 18.78
N ARG D 242 -22.53 -9.41 17.53
CA ARG D 242 -21.43 -9.96 16.74
C ARG D 242 -20.18 -9.08 16.80
N ILE D 243 -20.20 -8.00 17.59
CA ILE D 243 -19.05 -7.12 17.67
C ILE D 243 -17.90 -7.84 18.37
N SER D 244 -16.75 -7.88 17.72
CA SER D 244 -15.58 -8.56 18.26
C SER D 244 -14.32 -8.04 17.59
N LEU D 245 -13.22 -8.06 18.34
CA LEU D 245 -11.91 -7.70 17.82
C LEU D 245 -10.95 -8.86 18.08
N SER D 246 -10.13 -9.17 17.08
CA SER D 246 -9.22 -10.32 17.19
C SER D 246 -8.14 -10.09 18.25
N GLN D 247 -7.83 -8.83 18.55
CA GLN D 247 -6.75 -8.51 19.48
C GLN D 247 -7.19 -7.77 20.73
N PHE D 248 -8.38 -7.17 20.72
CA PHE D 248 -8.84 -6.35 21.82
C PHE D 248 -10.14 -6.90 22.41
N LEU D 249 -10.47 -6.43 23.61
CA LEU D 249 -11.71 -6.76 24.28
C LEU D 249 -12.49 -5.47 24.51
N ILE D 250 -13.78 -5.49 24.15
CA ILE D 250 -14.61 -4.30 24.15
C ILE D 250 -15.61 -4.39 25.30
N GLN D 251 -15.76 -3.30 26.05
CA GLN D 251 -16.63 -3.29 27.21
C GLN D 251 -16.98 -1.85 27.58
N GLU D 252 -18.00 -1.71 28.43
CA GLU D 252 -18.37 -0.45 29.06
C GLU D 252 -18.76 0.62 28.03
N PHE D 253 -19.86 0.35 27.32
CA PHE D 253 -20.47 1.35 26.46
C PHE D 253 -21.41 2.25 27.28
N HIS D 254 -21.28 3.55 27.10
CA HIS D 254 -22.17 4.51 27.74
C HIS D 254 -22.11 5.83 26.98
N THR D 255 -23.04 6.71 27.31
CA THR D 255 -23.19 8.00 26.63
C THR D 255 -23.15 9.14 27.64
N THR D 256 -22.63 10.29 27.18
CA THR D 256 -22.58 11.50 27.99
C THR D 256 -22.98 12.68 27.12
N THR D 257 -22.97 13.88 27.72
CA THR D 257 -23.33 15.09 27.03
C THR D 257 -22.47 16.23 27.57
N LYS D 258 -22.25 17.24 26.72
CA LYS D 258 -21.42 18.38 27.09
C LYS D 258 -21.67 19.51 26.13
N LEU D 259 -21.32 20.73 26.54
CA LEU D 259 -21.42 21.90 25.70
C LEU D 259 -20.05 22.27 25.14
N ALA D 260 -20.04 22.87 23.96
CA ALA D 260 -18.83 23.28 23.29
C ALA D 260 -18.94 24.74 22.88
N PHE D 261 -17.80 25.43 22.84
CA PHE D 261 -17.75 26.85 22.53
C PHE D 261 -16.74 27.10 21.43
N TYR D 262 -17.13 27.91 20.44
CA TYR D 262 -16.23 28.39 19.40
C TYR D 262 -16.09 29.89 19.53
N SER D 263 -14.87 30.39 19.34
CA SER D 263 -14.56 31.78 19.64
C SER D 263 -15.31 32.77 18.76
N SER D 264 -15.79 32.35 17.59
CA SER D 264 -16.39 33.27 16.64
C SER D 264 -17.75 32.83 16.11
N THR D 265 -18.34 31.78 16.65
CA THR D 265 -19.67 31.39 16.16
C THR D 265 -20.71 31.29 17.27
N GLY D 266 -20.35 30.76 18.43
CA GLY D 266 -21.28 30.65 19.54
C GLY D 266 -21.09 29.35 20.28
N TRP D 267 -22.17 28.90 20.91
CA TRP D 267 -22.17 27.69 21.72
C TRP D 267 -22.90 26.56 20.99
N TYR D 268 -22.36 25.35 21.13
CA TYR D 268 -22.94 24.16 20.51
C TYR D 268 -23.00 23.04 21.53
N ASN D 269 -23.90 22.10 21.29
CA ASN D 269 -24.10 20.94 22.18
C ASN D 269 -23.52 19.70 21.52
N ARG D 270 -22.80 18.90 22.30
CA ARG D 270 -22.12 17.71 21.80
C ARG D 270 -22.68 16.46 22.46
N LEU D 271 -22.59 15.35 21.73
CA LEU D 271 -22.96 14.04 22.22
C LEU D 271 -21.77 13.10 22.10
N TYR D 272 -21.59 12.22 23.08
CA TYR D 272 -20.44 11.34 23.14
C TYR D 272 -20.86 9.88 23.22
N ILE D 273 -20.03 9.01 22.64
CA ILE D 273 -20.18 7.57 22.74
C ILE D 273 -18.84 7.02 23.20
N ASN D 274 -18.79 6.42 24.38
CA ASN D 274 -17.55 6.01 25.00
C ASN D 274 -17.48 4.48 25.14
N PHE D 275 -16.26 3.96 25.06
CA PHE D 275 -16.03 2.53 25.25
C PHE D 275 -14.58 2.35 25.71
N THR D 276 -14.26 1.11 26.09
CA THR D 276 -12.96 0.77 26.63
C THR D 276 -12.40 -0.45 25.91
N LEU D 277 -11.07 -0.50 25.79
CA LEU D 277 -10.39 -1.57 25.10
C LEU D 277 -9.26 -2.13 25.97
N ARG D 278 -9.09 -3.44 25.92
CA ARG D 278 -8.02 -4.14 26.64
C ARG D 278 -7.34 -5.12 25.69
N ARG D 279 -6.03 -5.29 25.87
CA ARG D 279 -5.27 -6.14 24.96
C ARG D 279 -5.22 -7.58 25.47
N HIS D 280 -4.84 -8.48 24.56
CA HIS D 280 -4.59 -9.87 24.86
C HIS D 280 -3.09 -10.10 24.97
N ILE D 281 -2.66 -10.75 26.06
CA ILE D 281 -1.24 -10.88 26.36
C ILE D 281 -0.60 -12.14 25.78
N PHE D 282 -1.40 -13.09 25.30
CA PHE D 282 -0.87 -14.40 24.91
C PHE D 282 0.14 -14.27 23.77
N PHE D 283 -0.25 -13.61 22.69
CA PHE D 283 0.62 -13.54 21.51
C PHE D 283 1.92 -12.82 21.82
N PHE D 284 1.84 -11.68 22.51
CA PHE D 284 3.05 -10.92 22.81
C PHE D 284 3.97 -11.70 23.75
N LEU D 285 3.41 -12.34 24.78
CA LEU D 285 4.21 -13.19 25.65
C LEU D 285 4.95 -14.24 24.83
N LEU D 286 4.20 -15.06 24.09
CA LEU D 286 4.79 -16.18 23.36
C LEU D 286 5.80 -15.72 22.32
N GLN D 287 5.60 -14.53 21.73
CA GLN D 287 6.48 -14.09 20.66
C GLN D 287 7.68 -13.30 21.14
N THR D 288 7.64 -12.74 22.35
CA THR D 288 8.74 -11.91 22.82
C THR D 288 9.43 -12.47 24.05
N TYR D 289 8.67 -12.79 25.12
CA TYR D 289 9.32 -13.05 26.40
C TYR D 289 9.95 -14.43 26.45
N PHE D 290 9.31 -15.42 25.83
CA PHE D 290 9.87 -16.78 25.85
C PHE D 290 11.22 -16.88 25.16
N PRO D 291 11.40 -16.39 23.92
CA PRO D 291 12.74 -16.48 23.31
C PRO D 291 13.82 -15.74 24.08
N ALA D 292 13.48 -14.59 24.67
CA ALA D 292 14.48 -13.84 25.43
C ALA D 292 14.94 -14.61 26.66
N THR D 293 13.99 -15.19 27.39
CA THR D 293 14.36 -16.02 28.55
C THR D 293 15.14 -17.25 28.13
N LEU D 294 14.77 -17.86 26.99
CA LEU D 294 15.53 -19.00 26.50
C LEU D 294 16.97 -18.62 26.19
N MET D 295 17.18 -17.48 25.54
CA MET D 295 18.54 -17.04 25.23
C MET D 295 19.32 -16.72 26.50
N VAL D 296 18.67 -16.07 27.47
CA VAL D 296 19.35 -15.73 28.72
C VAL D 296 19.78 -17.01 29.44
N MET D 297 18.90 -18.01 29.51
CA MET D 297 19.27 -19.27 30.14
C MET D 297 20.36 -20.00 29.34
N LEU D 298 20.33 -19.89 28.01
CA LEU D 298 21.37 -20.52 27.20
C LEU D 298 22.73 -19.90 27.46
N SER D 299 22.77 -18.58 27.71
CA SER D 299 24.04 -17.94 27.99
C SER D 299 24.63 -18.37 29.33
N TRP D 300 23.83 -18.95 30.22
CA TRP D 300 24.32 -19.36 31.53
C TRP D 300 25.12 -20.66 31.49
N VAL D 301 24.97 -21.47 30.43
CA VAL D 301 25.64 -22.76 30.39
C VAL D 301 27.14 -22.62 30.18
N SER D 302 27.60 -21.44 29.73
CA SER D 302 29.03 -21.26 29.48
C SER D 302 29.86 -21.33 30.76
N PHE D 303 29.23 -21.12 31.92
CA PHE D 303 29.96 -21.20 33.19
C PHE D 303 30.28 -22.63 33.60
N TRP D 304 29.64 -23.62 32.98
CA TRP D 304 29.84 -25.03 33.33
C TRP D 304 30.74 -25.76 32.34
N ILE D 305 31.40 -25.04 31.43
CA ILE D 305 32.28 -25.62 30.43
C ILE D 305 33.73 -25.33 30.84
N ASP D 306 34.62 -26.26 30.53
CA ASP D 306 36.03 -26.08 30.85
C ASP D 306 36.59 -24.88 30.10
N ARG D 307 37.35 -24.04 30.80
CA ARG D 307 37.87 -22.81 30.22
C ARG D 307 38.94 -23.06 29.17
N ARG D 308 39.53 -24.25 29.13
CA ARG D 308 40.56 -24.54 28.14
C ARG D 308 40.00 -24.79 26.75
N ALA D 309 38.70 -25.08 26.63
CA ALA D 309 38.06 -25.24 25.33
C ALA D 309 37.61 -23.87 24.82
N VAL D 310 38.59 -23.14 24.26
CA VAL D 310 38.32 -21.78 23.79
C VAL D 310 37.23 -21.74 22.73
N PRO D 311 37.23 -22.62 21.67
CA PRO D 311 36.14 -22.60 20.68
C PRO D 311 34.88 -23.32 21.14
N ALA D 312 34.52 -23.13 22.42
CA ALA D 312 33.32 -23.73 22.97
C ALA D 312 32.45 -22.80 23.79
N ARG D 313 32.93 -21.61 24.19
CA ARG D 313 32.16 -20.71 25.02
C ARG D 313 31.89 -19.36 24.39
N VAL D 314 32.70 -18.94 23.43
CA VAL D 314 32.53 -17.65 22.76
C VAL D 314 31.36 -17.68 21.77
N PRO D 315 31.22 -18.70 20.92
CA PRO D 315 30.08 -18.71 19.98
C PRO D 315 28.74 -18.65 20.68
N LEU D 316 28.60 -19.27 21.85
CA LEU D 316 27.32 -19.20 22.58
C LEU D 316 26.96 -17.75 22.88
N GLY D 317 27.88 -17.00 23.50
CA GLY D 317 27.61 -15.62 23.82
C GLY D 317 27.39 -14.76 22.59
N ILE D 318 28.20 -14.96 21.56
CA ILE D 318 28.09 -14.14 20.35
C ILE D 318 26.74 -14.36 19.68
N THR D 319 26.34 -15.62 19.54
CA THR D 319 25.08 -15.92 18.87
C THR D 319 23.88 -15.50 19.72
N THR D 320 24.00 -15.58 21.05
CA THR D 320 22.94 -15.05 21.89
C THR D 320 22.80 -13.55 21.73
N VAL D 321 23.92 -12.83 21.63
CA VAL D 321 23.86 -11.39 21.40
C VAL D 321 23.20 -11.10 20.06
N LEU D 322 23.59 -11.83 19.01
CA LEU D 322 22.99 -11.62 17.70
C LEU D 322 21.49 -11.89 17.72
N THR D 323 21.06 -12.98 18.38
CA THR D 323 19.65 -13.31 18.45
C THR D 323 18.88 -12.25 19.23
N MET D 324 19.46 -11.75 20.34
CA MET D 324 18.80 -10.70 21.10
C MET D 324 18.65 -9.43 20.29
N SER D 325 19.69 -9.06 19.53
CA SER D 325 19.59 -7.88 18.68
C SER D 325 18.52 -8.05 17.61
N THR D 326 18.45 -9.24 17.00
CA THR D 326 17.43 -9.50 15.99
C THR D 326 16.02 -9.42 16.60
N ILE D 327 15.85 -9.98 17.80
CA ILE D 327 14.55 -9.93 18.46
C ILE D 327 14.16 -8.49 18.78
N ILE D 328 15.11 -7.70 19.27
CA ILE D 328 14.82 -6.30 19.58
C ILE D 328 14.42 -5.54 18.33
N THR D 329 15.15 -5.75 17.23
CA THR D 329 14.81 -5.08 15.98
C THR D 329 13.43 -5.49 15.49
N GLY D 330 13.12 -6.79 15.55
CA GLY D 330 11.81 -7.25 15.12
C GLY D 330 10.67 -6.68 15.95
N VAL D 331 10.89 -6.58 17.27
CA VAL D 331 9.85 -6.02 18.14
C VAL D 331 9.68 -4.53 17.86
N ASN D 332 10.78 -3.80 17.69
CA ASN D 332 10.71 -2.36 17.48
C ASN D 332 10.24 -2.00 16.07
N ALA D 333 10.27 -2.94 15.13
CA ALA D 333 9.85 -2.64 13.76
C ALA D 333 8.34 -2.46 13.62
N SER D 334 7.58 -2.46 14.71
CA SER D 334 6.12 -2.36 14.63
C SER D 334 5.58 -1.06 15.23
N MET D 335 5.91 -0.76 16.49
CA MET D 335 5.31 0.38 17.16
C MET D 335 5.87 1.69 16.61
N PRO D 336 5.09 2.77 16.69
CA PRO D 336 5.58 4.08 16.22
C PRO D 336 6.68 4.62 17.12
N ARG D 337 7.33 5.66 16.61
CA ARG D 337 8.49 6.28 17.28
C ARG D 337 7.99 7.21 18.38
N VAL D 338 7.67 6.64 19.53
CA VAL D 338 7.24 7.40 20.69
C VAL D 338 8.44 8.13 21.29
N SER D 339 8.18 9.10 22.16
CA SER D 339 9.23 9.89 22.79
C SER D 339 9.61 9.39 24.17
N TYR D 340 9.05 8.26 24.61
CA TYR D 340 9.34 7.72 25.93
C TYR D 340 9.62 6.23 25.81
N ILE D 341 9.84 5.59 26.95
CA ILE D 341 10.20 4.18 27.01
C ILE D 341 8.96 3.36 27.31
N LYS D 342 8.84 2.21 26.64
CA LYS D 342 7.71 1.31 26.83
C LYS D 342 8.10 0.20 27.81
N ALA D 343 7.09 -0.49 28.32
CA ALA D 343 7.33 -1.56 29.30
C ALA D 343 8.09 -2.73 28.67
N VAL D 344 7.79 -3.05 27.41
CA VAL D 344 8.47 -4.16 26.75
C VAL D 344 9.93 -3.81 26.48
N ASP D 345 10.26 -2.52 26.36
CA ASP D 345 11.64 -2.13 26.14
C ASP D 345 12.49 -2.37 27.39
N ILE D 346 11.90 -2.21 28.57
CA ILE D 346 12.64 -2.43 29.81
C ILE D 346 13.09 -3.87 29.92
N TYR D 347 12.19 -4.81 29.63
CA TYR D 347 12.51 -6.22 29.77
C TYR D 347 13.57 -6.66 28.77
N LEU D 348 13.47 -6.20 27.51
CA LEU D 348 14.39 -6.65 26.49
C LEU D 348 15.78 -6.05 26.67
N TRP D 349 15.87 -4.79 27.07
CA TRP D 349 17.16 -4.14 27.21
C TRP D 349 17.92 -4.63 28.44
N VAL D 350 17.21 -4.93 29.53
CA VAL D 350 17.87 -5.48 30.71
C VAL D 350 18.47 -6.85 30.39
N SER D 351 17.72 -7.69 29.66
CA SER D 351 18.24 -9.01 29.31
C SER D 351 19.45 -8.90 28.39
N PHE D 352 19.54 -7.82 27.61
CA PHE D 352 20.70 -7.62 26.75
C PHE D 352 21.95 -7.39 27.58
N VAL D 353 21.82 -6.70 28.71
CA VAL D 353 22.97 -6.45 29.57
C VAL D 353 23.45 -7.75 30.21
N PHE D 354 22.51 -8.63 30.59
CA PHE D 354 22.90 -9.89 31.20
C PHE D 354 23.74 -10.75 30.24
N VAL D 355 23.35 -10.80 28.98
CA VAL D 355 24.13 -11.54 27.99
C VAL D 355 25.46 -10.85 27.74
N PHE D 356 25.47 -9.52 27.73
CA PHE D 356 26.69 -8.77 27.50
C PHE D 356 27.71 -9.02 28.61
N LEU D 357 27.26 -9.07 29.87
CA LEU D 357 28.17 -9.30 30.97
C LEU D 357 28.77 -10.70 30.92
N SER D 358 28.09 -11.65 30.27
CA SER D 358 28.62 -13.00 30.16
C SER D 358 29.91 -13.03 29.35
N VAL D 359 29.98 -12.26 28.27
CA VAL D 359 31.19 -12.24 27.45
C VAL D 359 32.34 -11.58 28.21
N LEU D 360 32.06 -10.48 28.90
CA LEU D 360 33.11 -9.80 29.66
C LEU D 360 33.62 -10.67 30.80
N GLU D 361 32.73 -11.42 31.46
CA GLU D 361 33.14 -12.29 32.55
C GLU D 361 34.11 -13.35 32.06
N TYR D 362 33.88 -13.91 30.87
CA TYR D 362 34.79 -14.88 30.30
C TYR D 362 36.16 -14.27 30.03
N ALA D 363 36.17 -13.03 29.52
CA ALA D 363 37.44 -12.37 29.19
C ALA D 363 38.28 -12.13 30.45
N ALA D 364 37.63 -11.77 31.56
CA ALA D 364 38.37 -11.50 32.78
C ALA D 364 39.07 -12.74 33.30
N VAL D 365 38.39 -13.90 33.22
CA VAL D 365 38.99 -15.15 33.72
C VAL D 365 40.22 -15.51 32.90
N ASN D 366 40.14 -15.35 31.58
CA ASN D 366 41.26 -15.70 30.72
C ASN D 366 42.48 -14.83 31.01
N TYR D 367 42.27 -13.54 31.22
CA TYR D 367 43.38 -12.63 31.47
C TYR D 367 44.07 -12.95 32.79
N LEU D 368 43.30 -13.25 33.84
CA LEU D 368 43.89 -13.49 35.15
C LEU D 368 44.75 -14.76 35.14
N THR D 369 44.31 -15.80 34.43
CA THR D 369 45.09 -17.04 34.36
C THR D 369 46.43 -16.80 33.69
N THR D 370 46.44 -16.02 32.60
CA THR D 370 47.69 -15.73 31.90
C THR D 370 48.66 -14.97 32.78
N VAL D 371 48.15 -13.97 33.53
CA VAL D 371 49.01 -13.21 34.43
C VAL D 371 49.55 -14.10 35.53
N GLN D 372 48.70 -14.98 36.08
CA GLN D 372 49.14 -15.88 37.13
C GLN D 372 50.20 -16.86 36.61
N GLU D 373 49.99 -17.40 35.40
CA GLU D 373 50.95 -18.33 34.84
C GLU D 373 52.30 -17.66 34.57
N ARG D 374 52.27 -16.40 34.11
CA ARG D 374 53.51 -15.70 33.82
C ARG D 374 54.36 -15.51 35.07
N LYS D 375 53.71 -15.17 36.19
CA LYS D 375 54.45 -14.99 37.44
C LYS D 375 55.08 -16.30 37.90
N GLU D 376 54.36 -17.41 37.76
CA GLU D 376 54.91 -18.70 38.15
C GLU D 376 56.11 -19.08 37.30
N GLN D 377 56.04 -18.78 36.00
CA GLN D 377 57.14 -19.08 35.09
C GLN D 377 58.35 -18.20 35.38
N ASP D 451 40.85 -27.86 37.51
CA ASP D 451 40.17 -27.03 38.50
C ASP D 451 39.46 -25.85 37.85
N THR D 452 38.47 -25.30 38.54
CA THR D 452 37.66 -24.20 38.04
C THR D 452 37.92 -22.96 38.89
N HIS D 453 38.06 -21.82 38.21
CA HIS D 453 38.31 -20.56 38.90
C HIS D 453 37.10 -20.15 39.72
N ALA D 454 37.36 -19.36 40.77
CA ALA D 454 36.30 -18.97 41.70
C ALA D 454 35.28 -18.06 41.05
N ILE D 455 35.67 -17.33 40.00
CA ILE D 455 34.77 -16.37 39.37
C ILE D 455 33.56 -17.08 38.77
N ASP D 456 33.79 -18.18 38.05
CA ASP D 456 32.68 -18.94 37.48
C ASP D 456 31.80 -19.54 38.58
N LYS D 457 32.44 -20.05 39.64
CA LYS D 457 31.68 -20.64 40.74
C LYS D 457 30.76 -19.61 41.40
N TYR D 458 31.25 -18.38 41.56
CA TYR D 458 30.39 -17.32 42.08
C TYR D 458 29.30 -16.94 41.09
N SER D 459 29.64 -16.81 39.81
CA SER D 459 28.68 -16.37 38.81
C SER D 459 27.52 -17.35 38.66
N ARG D 460 27.80 -18.66 38.78
CA ARG D 460 26.76 -19.67 38.61
C ARG D 460 25.60 -19.45 39.58
N ILE D 461 25.84 -18.82 40.71
CA ILE D 461 24.81 -18.52 41.69
C ILE D 461 24.38 -17.06 41.62
N ILE D 462 25.30 -16.17 41.25
CA ILE D 462 24.98 -14.74 41.19
C ILE D 462 23.95 -14.46 40.10
N PHE D 463 24.17 -14.99 38.90
CA PHE D 463 23.31 -14.64 37.77
C PHE D 463 21.86 -15.10 37.95
N PRO D 464 21.57 -16.38 38.23
CA PRO D 464 20.16 -16.79 38.32
C PRO D 464 19.37 -16.06 39.40
N ALA D 465 19.98 -15.81 40.57
CA ALA D 465 19.26 -15.13 41.64
C ALA D 465 18.89 -13.71 41.24
N ALA D 466 19.84 -12.99 40.62
CA ALA D 466 19.55 -11.63 40.17
C ALA D 466 18.47 -11.63 39.09
N TYR D 467 18.53 -12.58 38.16
CA TYR D 467 17.52 -12.64 37.10
C TYR D 467 16.14 -12.91 37.68
N ILE D 468 16.05 -13.83 38.65
CA ILE D 468 14.76 -14.15 39.25
C ILE D 468 14.23 -12.96 40.03
N LEU D 469 15.11 -12.26 40.77
CA LEU D 469 14.67 -11.07 41.49
C LEU D 469 14.16 -10.00 40.55
N PHE D 470 14.86 -9.78 39.44
CA PHE D 470 14.41 -8.79 38.46
C PHE D 470 13.06 -9.19 37.86
N ASN D 471 12.89 -10.48 37.54
CA ASN D 471 11.60 -10.93 37.00
C ASN D 471 10.48 -10.71 38.00
N LEU D 472 10.72 -11.02 39.28
CA LEU D 472 9.70 -10.81 40.30
C LEU D 472 9.32 -9.34 40.40
N ILE D 473 10.33 -8.46 40.43
CA ILE D 473 10.05 -7.03 40.54
C ILE D 473 9.27 -6.54 39.32
N TYR D 474 9.69 -6.94 38.12
CA TYR D 474 9.03 -6.49 36.91
C TYR D 474 7.58 -6.96 36.84
N TRP D 475 7.34 -8.24 37.16
CA TRP D 475 5.98 -8.77 37.09
C TRP D 475 5.13 -8.34 38.29
N SER D 476 5.73 -7.77 39.33
CA SER D 476 4.91 -7.17 40.39
C SER D 476 4.54 -5.73 40.06
N ILE D 477 5.47 -4.98 39.45
CA ILE D 477 5.20 -3.58 39.14
C ILE D 477 4.13 -3.47 38.05
N PHE D 478 4.28 -4.22 36.97
CA PHE D 478 3.40 -4.09 35.81
C PHE D 478 2.23 -5.06 35.81
N SER D 479 2.07 -5.85 36.87
CA SER D 479 0.97 -6.81 37.00
C SER D 479 0.94 -7.79 35.84
N GLN E 77 -40.79 33.46 -0.30
CA GLN E 77 -39.38 33.36 0.06
C GLN E 77 -38.88 34.66 0.67
N LEU E 78 -38.02 34.54 1.68
CA LEU E 78 -37.46 35.72 2.33
C LEU E 78 -36.38 36.39 1.49
N LEU E 79 -35.64 35.61 0.71
CA LEU E 79 -34.56 36.12 -0.14
C LEU E 79 -34.99 36.07 -1.60
N ARG E 80 -34.70 37.14 -2.34
CA ARG E 80 -35.07 37.24 -3.75
C ARG E 80 -33.92 36.70 -4.61
N ILE E 81 -33.78 35.38 -4.59
CA ILE E 81 -32.69 34.72 -5.30
C ILE E 81 -32.92 34.80 -6.81
N ASP E 82 -34.14 34.53 -7.26
CA ASP E 82 -34.41 34.41 -8.69
C ASP E 82 -34.50 35.75 -9.41
N ASP E 83 -34.47 36.85 -8.68
CA ASP E 83 -34.67 38.17 -9.27
C ASP E 83 -33.38 38.81 -9.78
N HIS E 84 -32.24 38.16 -9.59
CA HIS E 84 -30.95 38.76 -9.96
C HIS E 84 -30.09 37.73 -10.68
N ASP E 85 -29.04 38.24 -11.32
CA ASP E 85 -28.04 37.41 -11.99
C ASP E 85 -26.80 37.36 -11.10
N PHE E 86 -26.53 36.18 -10.55
CA PHE E 86 -25.43 35.99 -9.62
C PHE E 86 -24.16 35.47 -10.29
N SER E 87 -24.03 35.66 -11.60
CA SER E 87 -22.80 35.32 -12.31
C SER E 87 -21.80 36.48 -12.32
N MET E 88 -22.13 37.60 -11.70
CA MET E 88 -21.27 38.77 -11.62
C MET E 88 -21.05 39.15 -10.17
N ARG E 89 -19.82 39.52 -9.84
CA ARG E 89 -19.48 39.89 -8.49
C ARG E 89 -20.17 41.20 -8.09
N PRO E 90 -20.37 41.43 -6.80
CA PRO E 90 -20.89 42.72 -6.35
C PRO E 90 -19.95 43.85 -6.76
N GLY E 91 -20.52 44.98 -7.16
CA GLY E 91 -19.72 46.05 -7.72
C GLY E 91 -19.06 45.67 -9.01
N PHE E 92 -19.79 45.00 -9.90
CA PHE E 92 -19.22 44.55 -11.17
C PHE E 92 -18.84 45.74 -12.04
N GLY E 93 -17.60 45.73 -12.54
CA GLY E 93 -17.11 46.83 -13.33
C GLY E 93 -16.70 48.06 -12.56
N GLY E 94 -16.56 47.95 -11.24
CA GLY E 94 -16.19 49.06 -10.41
C GLY E 94 -15.03 48.74 -9.49
N PRO E 95 -15.05 49.33 -8.29
CA PRO E 95 -13.95 49.10 -7.33
C PRO E 95 -13.97 47.67 -6.80
N ALA E 96 -12.84 47.28 -6.23
CA ALA E 96 -12.70 45.95 -5.68
C ALA E 96 -13.56 45.78 -4.43
N ILE E 97 -13.84 44.53 -4.10
CA ILE E 97 -14.68 44.17 -2.96
C ILE E 97 -13.80 43.50 -1.91
N PRO E 98 -13.69 44.05 -0.70
CA PRO E 98 -12.86 43.43 0.33
C PRO E 98 -13.47 42.13 0.85
N VAL E 99 -12.60 41.17 1.15
CA VAL E 99 -13.00 39.89 1.71
C VAL E 99 -12.10 39.57 2.89
N GLY E 100 -12.70 39.23 4.03
CA GLY E 100 -11.96 38.83 5.21
C GLY E 100 -11.89 37.32 5.35
N VAL E 101 -10.86 36.85 6.05
CA VAL E 101 -10.60 35.43 6.22
C VAL E 101 -10.25 35.14 7.67
N ASP E 102 -10.87 34.11 8.23
CA ASP E 102 -10.53 33.58 9.55
C ASP E 102 -10.23 32.09 9.41
N VAL E 103 -9.30 31.62 10.23
CA VAL E 103 -8.85 30.24 10.18
C VAL E 103 -8.72 29.70 11.59
N GLN E 104 -9.24 28.49 11.82
CA GLN E 104 -9.03 27.75 13.05
C GLN E 104 -8.52 26.36 12.71
N VAL E 105 -7.37 26.01 13.26
CA VAL E 105 -6.70 24.74 12.94
C VAL E 105 -7.20 23.67 13.91
N GLU E 106 -7.63 22.55 13.37
CA GLU E 106 -8.16 21.45 14.18
C GLU E 106 -7.10 20.43 14.56
N SER E 107 -6.37 19.90 13.58
CA SER E 107 -5.34 18.91 13.88
C SER E 107 -4.41 18.77 12.68
N LEU E 108 -3.23 18.22 12.95
CA LEU E 108 -2.27 17.83 11.92
C LEU E 108 -2.19 16.31 11.91
N ASP E 109 -2.42 15.71 10.74
CA ASP E 109 -2.59 14.27 10.66
C ASP E 109 -1.26 13.53 10.61
N SER E 110 -0.43 13.82 9.62
CA SER E 110 0.80 13.07 9.44
C SER E 110 1.82 13.92 8.69
N ILE E 111 3.07 13.48 8.74
CA ILE E 111 4.18 14.12 8.03
C ILE E 111 4.99 13.03 7.33
N SER E 112 5.30 13.24 6.06
CA SER E 112 6.01 12.27 5.25
C SER E 112 7.38 12.80 4.87
N GLU E 113 8.41 11.96 5.02
CA GLU E 113 9.76 12.34 4.65
C GLU E 113 10.11 11.95 3.22
N VAL E 114 9.61 10.81 2.75
CA VAL E 114 9.89 10.40 1.38
C VAL E 114 9.19 11.32 0.38
N ASP E 115 7.97 11.75 0.70
CA ASP E 115 7.21 12.61 -0.19
C ASP E 115 7.29 14.09 0.19
N MET E 116 7.73 14.40 1.41
CA MET E 116 7.95 15.78 1.86
C MET E 116 6.66 16.60 1.78
N ASP E 117 5.66 16.18 2.57
CA ASP E 117 4.40 16.89 2.65
C ASP E 117 3.81 16.71 4.05
N PHE E 118 2.67 17.36 4.27
CA PHE E 118 1.96 17.26 5.54
C PHE E 118 0.47 17.44 5.28
N THR E 119 -0.34 16.96 6.23
CA THR E 119 -1.79 17.01 6.13
C THR E 119 -2.36 17.83 7.27
N MET E 120 -3.34 18.68 6.96
CA MET E 120 -3.92 19.58 7.95
C MET E 120 -5.42 19.69 7.73
N THR E 121 -6.17 19.79 8.81
CA THR E 121 -7.60 20.01 8.79
C THR E 121 -7.91 21.32 9.51
N LEU E 122 -8.80 22.11 8.92
CA LEU E 122 -9.07 23.45 9.44
C LEU E 122 -10.46 23.90 9.02
N TYR E 123 -10.93 24.96 9.68
CA TYR E 123 -12.17 25.64 9.33
C TYR E 123 -11.82 26.96 8.65
N LEU E 124 -12.44 27.22 7.51
CA LEU E 124 -12.18 28.42 6.73
C LEU E 124 -13.44 29.28 6.69
N ARG E 125 -13.30 30.57 6.99
CA ARG E 125 -14.42 31.48 7.06
C ARG E 125 -14.17 32.68 6.16
N HIS E 126 -15.25 33.22 5.59
CA HIS E 126 -15.18 34.37 4.70
C HIS E 126 -16.17 35.44 5.17
N TYR E 127 -15.78 36.70 4.96
CA TYR E 127 -16.62 37.84 5.32
C TYR E 127 -16.66 38.82 4.16
N TRP E 128 -17.87 39.18 3.74
CA TRP E 128 -18.08 40.18 2.70
C TRP E 128 -19.50 40.68 2.79
N LYS E 129 -19.81 41.72 2.01
CA LYS E 129 -21.13 42.34 2.01
C LYS E 129 -21.69 42.38 0.60
N ASP E 130 -22.98 42.08 0.47
CA ASP E 130 -23.67 42.09 -0.81
C ASP E 130 -25.07 42.66 -0.59
N GLU E 131 -25.39 43.73 -1.31
CA GLU E 131 -26.68 44.39 -1.14
C GLU E 131 -27.84 43.61 -1.73
N ARG E 132 -27.59 42.66 -2.62
CA ARG E 132 -28.67 41.91 -3.26
C ARG E 132 -29.32 40.90 -2.33
N LEU E 133 -28.73 40.65 -1.16
CA LEU E 133 -29.27 39.68 -0.21
C LEU E 133 -30.00 40.32 0.96
N SER E 134 -30.27 41.63 0.88
CA SER E 134 -30.94 42.32 1.98
C SER E 134 -32.40 41.86 2.10
N PHE E 135 -32.84 41.69 3.33
CA PHE E 135 -34.21 41.30 3.64
C PHE E 135 -34.73 42.14 4.80
N PRO E 136 -36.04 42.40 4.86
CA PRO E 136 -36.58 43.25 5.92
C PRO E 136 -36.82 42.50 7.23
N SER E 137 -36.38 43.08 8.34
CA SER E 137 -36.60 42.52 9.66
C SER E 137 -36.38 43.61 10.69
N THR E 138 -36.76 43.31 11.94
CA THR E 138 -36.65 44.25 13.03
C THR E 138 -35.64 43.86 14.10
N ASN E 139 -35.38 42.56 14.27
CA ASN E 139 -34.45 42.12 15.32
C ASN E 139 -33.01 42.49 15.00
N ASN E 140 -32.66 42.72 13.72
CA ASN E 140 -31.24 42.92 13.29
C ASN E 140 -30.31 41.88 13.89
N LEU E 141 -30.54 40.64 13.52
CA LEU E 141 -29.67 39.54 13.96
C LEU E 141 -29.43 38.60 12.78
N SER E 142 -28.32 37.87 12.87
CA SER E 142 -27.97 36.92 11.81
C SER E 142 -28.97 35.78 11.76
N MET E 143 -29.33 35.38 10.54
CA MET E 143 -30.27 34.29 10.32
C MET E 143 -29.57 33.17 9.56
N THR E 144 -29.77 31.94 10.02
CA THR E 144 -29.07 30.78 9.50
C THR E 144 -29.95 30.05 8.49
N PHE E 145 -29.37 29.68 7.35
CA PHE E 145 -30.03 28.91 6.32
C PHE E 145 -29.40 27.52 6.23
N ASP E 146 -30.13 26.60 5.60
CA ASP E 146 -29.73 25.18 5.65
C ASP E 146 -28.37 24.95 5.01
N GLY E 147 -28.12 25.55 3.85
CA GLY E 147 -26.82 25.42 3.23
C GLY E 147 -26.84 25.07 1.75
N ARG E 148 -28.00 24.65 1.25
CA ARG E 148 -28.12 24.35 -0.17
C ARG E 148 -28.37 25.60 -1.02
N LEU E 149 -28.52 26.76 -0.38
CA LEU E 149 -28.70 28.01 -1.09
C LEU E 149 -27.39 28.58 -1.62
N VAL E 150 -26.26 27.98 -1.25
CA VAL E 150 -24.95 28.50 -1.67
C VAL E 150 -24.80 28.39 -3.18
N LYS E 151 -25.33 27.32 -3.77
CA LYS E 151 -25.19 27.10 -5.20
C LYS E 151 -26.09 28.00 -6.04
N LYS E 152 -26.72 29.01 -5.44
CA LYS E 152 -27.57 29.95 -6.18
C LYS E 152 -27.13 31.40 -6.02
N ILE E 153 -26.05 31.66 -5.29
CA ILE E 153 -25.57 33.01 -5.04
C ILE E 153 -24.08 33.08 -5.37
N TRP E 154 -23.56 34.29 -5.43
CA TRP E 154 -22.14 34.51 -5.68
C TRP E 154 -21.34 34.15 -4.44
N VAL E 155 -20.14 33.61 -4.66
CA VAL E 155 -19.30 33.13 -3.57
C VAL E 155 -17.83 33.22 -4.02
N PRO E 156 -16.89 33.48 -3.11
CA PRO E 156 -15.48 33.62 -3.50
C PRO E 156 -14.93 32.32 -4.08
N ASP E 157 -13.68 32.42 -4.56
CA ASP E 157 -13.03 31.35 -5.30
C ASP E 157 -11.62 31.11 -4.76
N MET E 158 -11.51 30.92 -3.45
CA MET E 158 -10.23 30.68 -2.82
C MET E 158 -9.74 29.26 -3.12
N PHE E 159 -8.41 29.11 -3.14
CA PHE E 159 -7.79 27.81 -3.35
C PHE E 159 -6.43 27.79 -2.67
N PHE E 160 -5.91 26.59 -2.46
CA PHE E 160 -4.64 26.39 -1.76
C PHE E 160 -3.52 26.20 -2.78
N VAL E 161 -2.50 27.05 -2.70
CA VAL E 161 -1.39 27.00 -3.63
C VAL E 161 -0.41 25.92 -3.20
N HIS E 162 0.20 25.26 -4.20
CA HIS E 162 1.23 24.23 -3.96
C HIS E 162 0.68 23.07 -3.14
N SER E 163 -0.56 22.69 -3.39
CA SER E 163 -1.18 21.55 -2.72
C SER E 163 -1.23 20.36 -3.67
N LYS E 164 -1.29 19.16 -3.08
CA LYS E 164 -1.35 17.93 -3.86
C LYS E 164 -2.77 17.42 -4.03
N ARG E 165 -3.58 17.48 -2.97
CA ARG E 165 -4.96 17.02 -3.02
C ARG E 165 -5.71 17.64 -1.85
N SER E 166 -7.03 17.71 -1.99
CA SER E 166 -7.89 18.26 -0.95
C SER E 166 -9.33 17.87 -1.24
N PHE E 167 -10.17 17.97 -0.21
CA PHE E 167 -11.58 17.62 -0.34
C PHE E 167 -12.36 18.27 0.80
N ILE E 168 -13.68 18.31 0.64
CA ILE E 168 -14.59 18.86 1.63
C ILE E 168 -15.44 17.73 2.18
N HIS E 169 -15.54 17.65 3.50
CA HIS E 169 -16.31 16.59 4.14
C HIS E 169 -17.79 16.74 3.82
N ASP E 170 -18.47 15.61 3.60
CA ASP E 170 -19.86 15.61 3.17
C ASP E 170 -20.66 14.55 3.91
N THR E 171 -20.49 14.48 5.23
CA THR E 171 -21.22 13.52 6.06
C THR E 171 -21.71 14.23 7.32
N THR E 172 -23.01 14.17 7.57
CA THR E 172 -23.98 13.46 6.73
C THR E 172 -24.45 14.32 5.56
N THR E 173 -24.06 15.59 5.58
CA THR E 173 -24.32 16.52 4.49
C THR E 173 -23.07 17.36 4.28
N ASP E 174 -23.13 18.29 3.33
CA ASP E 174 -22.01 19.19 3.12
C ASP E 174 -21.83 20.09 4.33
N ASN E 175 -20.60 20.18 4.81
CA ASN E 175 -20.28 20.98 5.99
C ASN E 175 -20.17 22.44 5.58
N VAL E 176 -21.34 23.05 5.35
CA VAL E 176 -21.44 24.42 4.88
C VAL E 176 -22.39 25.19 5.79
N MET E 177 -21.95 26.37 6.21
CA MET E 177 -22.76 27.26 7.03
C MET E 177 -22.92 28.59 6.32
N LEU E 178 -24.12 29.16 6.38
CA LEU E 178 -24.42 30.42 5.72
C LEU E 178 -25.31 31.26 6.61
N ARG E 179 -24.80 32.41 7.05
CA ARG E 179 -25.56 33.35 7.88
C ARG E 179 -25.54 34.71 7.19
N VAL E 180 -26.72 35.31 7.08
CA VAL E 180 -26.88 36.60 6.39
C VAL E 180 -27.54 37.58 7.35
N GLN E 181 -26.92 38.75 7.51
CA GLN E 181 -27.49 39.82 8.31
C GLN E 181 -28.54 40.59 7.51
N PRO E 182 -29.47 41.26 8.19
CA PRO E 182 -30.52 41.99 7.46
C PRO E 182 -30.00 43.05 6.50
N ASP E 183 -28.89 43.72 6.83
CA ASP E 183 -28.36 44.76 5.96
C ASP E 183 -27.65 44.19 4.73
N GLY E 184 -27.12 42.97 4.82
CA GLY E 184 -26.49 42.36 3.67
C GLY E 184 -25.14 41.74 3.93
N LYS E 185 -24.75 41.66 5.20
CA LYS E 185 -23.48 41.02 5.56
C LYS E 185 -23.64 39.51 5.53
N VAL E 186 -22.64 38.82 4.98
CA VAL E 186 -22.71 37.39 4.73
C VAL E 186 -21.52 36.72 5.40
N LEU E 187 -21.77 35.56 6.03
CA LEU E 187 -20.73 34.73 6.61
C LEU E 187 -20.79 33.35 5.95
N TYR E 188 -19.63 32.83 5.55
CA TYR E 188 -19.54 31.57 4.84
C TYR E 188 -18.40 30.76 5.43
N SER E 189 -18.70 29.53 5.85
CA SER E 189 -17.74 28.69 6.55
C SER E 189 -17.64 27.32 5.86
N LEU E 190 -16.45 26.73 5.95
CA LEU E 190 -16.18 25.43 5.33
C LEU E 190 -15.26 24.63 6.23
N ARG E 191 -15.23 23.32 6.00
CA ARG E 191 -14.34 22.40 6.69
C ARG E 191 -13.67 21.52 5.65
N VAL E 192 -12.34 21.66 5.52
CA VAL E 192 -11.58 21.01 4.45
C VAL E 192 -10.37 20.31 5.05
N THR E 193 -9.80 19.39 4.26
CA THR E 193 -8.55 18.73 4.58
C THR E 193 -7.61 18.91 3.40
N VAL E 194 -6.40 19.40 3.67
CA VAL E 194 -5.45 19.80 2.63
C VAL E 194 -4.12 19.09 2.86
N THR E 195 -3.48 18.69 1.77
CA THR E 195 -2.11 18.19 1.78
C THR E 195 -1.25 19.15 0.97
N ALA E 196 -0.18 19.65 1.57
CA ALA E 196 0.66 20.66 0.96
C ALA E 196 2.12 20.23 0.99
N MET E 197 2.88 20.76 0.04
CA MET E 197 4.29 20.40 -0.09
C MET E 197 5.16 21.32 0.75
N CYS E 198 6.14 20.73 1.45
CA CYS E 198 7.09 21.47 2.26
C CYS E 198 8.50 20.99 1.95
N ASN E 199 9.38 21.94 1.64
CA ASN E 199 10.78 21.62 1.34
C ASN E 199 11.56 21.52 2.65
N MET E 200 12.19 20.37 2.88
CA MET E 200 12.87 20.09 4.14
C MET E 200 14.33 19.79 3.89
N ASP E 201 15.15 20.07 4.89
CA ASP E 201 16.59 19.82 4.85
C ASP E 201 16.95 18.76 5.89
N PHE E 202 17.68 17.73 5.47
CA PHE E 202 18.08 16.64 6.35
C PHE E 202 19.58 16.63 6.61
N SER E 203 20.21 17.80 6.61
CA SER E 203 21.64 17.88 6.88
C SER E 203 21.96 17.58 8.34
N ARG E 204 21.07 17.92 9.26
CA ARG E 204 21.30 17.71 10.69
C ARG E 204 20.41 16.60 11.25
N PHE E 205 19.87 15.75 10.39
CA PHE E 205 19.02 14.66 10.84
C PHE E 205 19.82 13.72 11.75
N PRO E 206 19.23 13.26 12.87
CA PRO E 206 17.87 13.57 13.34
C PRO E 206 17.83 14.65 14.42
N LEU E 207 18.66 15.69 14.29
CA LEU E 207 18.68 16.80 15.23
C LEU E 207 18.37 18.12 14.51
N ASP E 208 17.41 18.09 13.60
CA ASP E 208 17.09 19.22 12.75
C ASP E 208 15.80 19.91 13.22
N THR E 209 15.54 21.06 12.60
CA THR E 209 14.33 21.83 12.83
C THR E 209 13.76 22.25 11.49
N GLN E 210 12.46 22.01 11.29
CA GLN E 210 11.80 22.23 10.02
C GLN E 210 10.78 23.35 10.12
N THR E 211 10.63 24.11 9.04
CA THR E 211 9.64 25.17 8.94
C THR E 211 8.80 24.94 7.70
N CYS E 212 7.48 24.96 7.87
CA CYS E 212 6.54 24.76 6.78
C CYS E 212 5.46 25.83 6.84
N SER E 213 4.71 25.96 5.75
CA SER E 213 3.69 26.98 5.66
C SER E 213 2.58 26.52 4.71
N LEU E 214 1.44 27.19 4.81
CA LEU E 214 0.28 26.93 3.96
C LEU E 214 -0.17 28.25 3.34
N GLU E 215 -0.52 28.22 2.06
CA GLU E 215 -0.79 29.42 1.28
C GLU E 215 -2.23 29.42 0.79
N ILE E 216 -2.86 30.59 0.87
CA ILE E 216 -4.23 30.79 0.41
C ILE E 216 -4.26 31.93 -0.59
N GLU E 217 -4.97 31.73 -1.69
CA GLU E 217 -5.00 32.72 -2.77
C GLU E 217 -6.29 32.57 -3.55
N SER E 218 -6.68 33.64 -4.24
CA SER E 218 -7.84 33.62 -5.12
C SER E 218 -7.42 33.20 -6.52
N TYR E 219 -8.29 32.48 -7.22
CA TYR E 219 -7.89 31.90 -8.50
C TYR E 219 -8.24 32.81 -9.68
N ALA E 220 -9.45 33.34 -9.72
CA ALA E 220 -9.94 34.04 -10.91
C ALA E 220 -9.87 35.55 -10.82
N TYR E 221 -9.92 36.12 -9.62
CA TYR E 221 -9.99 37.57 -9.44
C TYR E 221 -8.63 38.11 -9.02
N THR E 222 -8.20 39.19 -9.67
CA THR E 222 -6.94 39.84 -9.35
C THR E 222 -7.17 40.87 -8.24
N GLU E 223 -6.10 41.58 -7.87
CA GLU E 223 -6.19 42.58 -6.82
C GLU E 223 -7.05 43.76 -7.24
N ASP E 224 -7.31 43.95 -8.53
CA ASP E 224 -8.17 45.02 -9.00
C ASP E 224 -9.65 44.68 -8.88
N ASP E 225 -9.98 43.42 -8.59
CA ASP E 225 -11.36 43.01 -8.44
C ASP E 225 -11.69 42.47 -7.05
N LEU E 226 -10.71 41.91 -6.34
CA LEU E 226 -10.95 41.32 -5.02
C LEU E 226 -9.73 41.57 -4.15
N MET E 227 -9.94 42.20 -3.00
CA MET E 227 -8.87 42.45 -2.04
C MET E 227 -9.01 41.45 -0.90
N LEU E 228 -7.91 40.76 -0.59
CA LEU E 228 -7.90 39.71 0.43
C LEU E 228 -7.04 40.17 1.61
N TYR E 229 -7.55 40.02 2.82
CA TYR E 229 -6.84 40.43 4.02
C TYR E 229 -7.35 39.63 5.21
N TRP E 230 -6.54 39.60 6.27
CA TRP E 230 -6.95 38.95 7.51
C TRP E 230 -7.98 39.80 8.23
N LYS E 231 -9.00 39.13 8.78
CA LYS E 231 -10.14 39.86 9.34
C LYS E 231 -9.74 40.70 10.55
N LYS E 232 -8.91 40.15 11.43
CA LYS E 232 -8.53 40.85 12.66
C LYS E 232 -7.02 40.86 12.86
N GLY E 233 -6.26 40.98 11.77
CA GLY E 233 -4.82 41.08 11.88
C GLY E 233 -4.21 39.79 12.41
N ASN E 234 -3.42 39.84 13.48
CA ASN E 234 -2.77 38.61 13.97
C ASN E 234 -3.76 37.74 14.71
N ASP E 235 -4.82 38.33 15.25
CA ASP E 235 -5.74 37.58 16.07
C ASP E 235 -6.71 36.73 15.27
N SER E 236 -6.42 36.49 13.99
CA SER E 236 -7.30 35.75 13.11
C SER E 236 -6.96 34.26 13.04
N LEU E 237 -5.99 33.79 13.82
CA LEU E 237 -5.57 32.40 13.80
C LEU E 237 -5.80 31.79 15.17
N LYS E 238 -6.54 30.69 15.21
CA LYS E 238 -6.79 29.94 16.43
C LYS E 238 -6.38 28.49 16.23
N THR E 239 -6.01 27.83 17.33
CA THR E 239 -5.58 26.44 17.29
C THR E 239 -6.28 25.65 18.38
N ASP E 240 -6.53 24.38 18.08
CA ASP E 240 -7.10 23.47 19.06
C ASP E 240 -6.03 23.01 20.05
N GLU E 241 -6.44 22.78 21.29
CA GLU E 241 -5.52 22.37 22.33
C GLU E 241 -5.19 20.88 22.28
N ARG E 242 -5.83 20.11 21.40
CA ARG E 242 -5.57 18.70 21.25
C ARG E 242 -4.57 18.40 20.14
N ILE E 243 -3.99 19.43 19.52
CA ILE E 243 -3.04 19.21 18.45
C ILE E 243 -1.76 18.61 19.01
N SER E 244 -1.34 17.48 18.46
CA SER E 244 -0.15 16.79 18.95
C SER E 244 0.36 15.84 17.88
N LEU E 245 1.67 15.65 17.87
CA LEU E 245 2.32 14.69 16.99
C LEU E 245 3.21 13.79 17.83
N SER E 246 3.24 12.50 17.48
CA SER E 246 3.98 11.54 18.30
C SER E 246 5.49 11.71 18.16
N GLN E 247 5.95 12.33 17.07
CA GLN E 247 7.38 12.44 16.82
C GLN E 247 7.90 13.87 16.81
N PHE E 248 7.03 14.88 16.75
CA PHE E 248 7.46 16.26 16.62
C PHE E 248 6.85 17.12 17.70
N LEU E 249 7.37 18.34 17.81
CA LEU E 249 6.87 19.36 18.73
C LEU E 249 6.49 20.59 17.91
N ILE E 250 5.29 21.11 18.15
CA ILE E 250 4.71 22.19 17.33
C ILE E 250 4.71 23.48 18.13
N GLN E 251 5.13 24.57 17.48
CA GLN E 251 5.22 25.85 18.15
C GLN E 251 5.27 26.96 17.11
N GLU E 252 5.11 28.20 17.59
CA GLU E 252 5.30 29.42 16.80
C GLU E 252 4.36 29.48 15.60
N PHE E 253 3.07 29.58 15.89
CA PHE E 253 2.07 29.85 14.86
C PHE E 253 1.95 31.35 14.64
N HIS E 254 2.09 31.79 13.39
CA HIS E 254 1.92 33.19 13.04
C HIS E 254 1.56 33.29 11.57
N THR E 255 1.06 34.46 11.18
CA THR E 255 0.56 34.70 9.84
C THR E 255 1.27 35.89 9.20
N THR E 256 1.38 35.87 7.88
CA THR E 256 2.00 36.94 7.11
C THR E 256 1.18 37.19 5.86
N THR E 257 1.68 38.08 4.99
CA THR E 257 0.99 38.44 3.77
C THR E 257 2.03 38.87 2.73
N LYS E 258 1.77 38.53 1.47
CA LYS E 258 2.69 38.84 0.40
C LYS E 258 1.93 38.85 -0.92
N LEU E 259 2.48 39.58 -1.90
CA LEU E 259 1.91 39.64 -3.23
C LEU E 259 2.54 38.59 -4.14
N ALA E 260 1.80 38.21 -5.19
CA ALA E 260 2.26 37.24 -6.17
C ALA E 260 2.00 37.78 -7.56
N PHE E 261 2.83 37.37 -8.51
CA PHE E 261 2.75 37.86 -9.89
C PHE E 261 2.84 36.69 -10.85
N TYR E 262 1.96 36.68 -11.85
CA TYR E 262 1.99 35.74 -12.95
C TYR E 262 2.20 36.50 -14.25
N SER E 263 3.02 35.95 -15.14
CA SER E 263 3.45 36.67 -16.33
C SER E 263 2.30 36.95 -17.30
N SER E 264 1.19 36.21 -17.20
CA SER E 264 0.13 36.32 -18.19
C SER E 264 -1.25 36.63 -17.61
N THR E 265 -1.37 36.81 -16.30
CA THR E 265 -2.70 37.10 -15.75
C THR E 265 -2.74 38.36 -14.91
N GLY E 266 -1.70 38.63 -14.11
CA GLY E 266 -1.67 39.83 -13.30
C GLY E 266 -1.14 39.54 -11.92
N TRP E 267 -1.49 40.41 -10.98
CA TRP E 267 -1.04 40.34 -9.60
C TRP E 267 -2.12 39.79 -8.69
N TYR E 268 -1.72 38.98 -7.72
CA TYR E 268 -2.63 38.40 -6.75
C TYR E 268 -2.04 38.55 -5.36
N ASN E 269 -2.92 38.49 -4.36
CA ASN E 269 -2.54 38.62 -2.96
C ASN E 269 -2.61 37.26 -2.28
N ARG E 270 -1.62 36.95 -1.45
CA ARG E 270 -1.51 35.66 -0.78
C ARG E 270 -1.50 35.82 0.73
N LEU E 271 -1.95 34.77 1.41
CA LEU E 271 -1.91 34.70 2.87
C LEU E 271 -1.14 33.45 3.29
N TYR E 272 -0.40 33.55 4.37
CA TYR E 272 0.46 32.46 4.84
C TYR E 272 0.11 32.08 6.27
N ILE E 273 0.35 30.82 6.59
CA ILE E 273 0.19 30.28 7.95
C ILE E 273 1.45 29.48 8.24
N ASN E 274 2.27 29.95 9.16
CA ASN E 274 3.58 29.39 9.43
C ASN E 274 3.61 28.67 10.77
N PHE E 275 4.45 27.64 10.86
CA PHE E 275 4.69 26.93 12.10
C PHE E 275 6.05 26.26 12.03
N THR E 276 6.52 25.79 13.18
CA THR E 276 7.85 25.22 13.32
C THR E 276 7.76 23.87 14.01
N LEU E 277 8.65 22.95 13.62
CA LEU E 277 8.64 21.59 14.12
C LEU E 277 10.04 21.22 14.62
N ARG E 278 10.09 20.49 15.74
CA ARG E 278 11.34 19.98 16.29
C ARG E 278 11.19 18.50 16.60
N ARG E 279 12.23 17.73 16.30
CA ARG E 279 12.19 16.28 16.48
C ARG E 279 12.49 15.89 17.92
N HIS E 280 12.12 14.66 18.25
CA HIS E 280 12.46 14.03 19.53
C HIS E 280 13.61 13.06 19.32
N ILE E 281 14.68 13.23 20.11
CA ILE E 281 15.93 12.50 19.88
C ILE E 281 16.03 11.21 20.67
N PHE E 282 15.17 11.00 21.67
CA PHE E 282 15.34 9.86 22.57
C PHE E 282 15.26 8.53 21.81
N PHE E 283 14.26 8.38 20.95
CA PHE E 283 14.10 7.11 20.23
C PHE E 283 15.31 6.82 19.34
N PHE E 284 15.73 7.81 18.55
CA PHE E 284 16.86 7.60 17.65
C PHE E 284 18.14 7.32 18.44
N LEU E 285 18.38 8.07 19.51
CA LEU E 285 19.53 7.79 20.36
C LEU E 285 19.52 6.34 20.83
N LEU E 286 18.46 5.94 21.54
CA LEU E 286 18.42 4.60 22.13
C LEU E 286 18.47 3.50 21.07
N GLN E 287 17.94 3.76 19.88
CA GLN E 287 17.84 2.71 18.88
C GLN E 287 19.07 2.61 17.98
N THR E 288 19.85 3.67 17.85
CA THR E 288 20.99 3.64 16.94
C THR E 288 22.33 3.87 17.63
N TYR E 289 22.45 4.90 18.47
CA TYR E 289 23.76 5.27 18.99
C TYR E 289 24.24 4.28 20.05
N PHE E 290 23.33 3.82 20.90
CA PHE E 290 23.70 2.87 21.95
C PHE E 290 24.24 1.55 21.40
N PRO E 291 23.58 0.89 20.43
CA PRO E 291 24.17 -0.35 19.88
C PRO E 291 25.53 -0.14 19.24
N ALA E 292 25.73 0.99 18.55
CA ALA E 292 27.02 1.25 17.92
C ALA E 292 28.12 1.41 18.97
N THR E 293 27.85 2.17 20.03
CA THR E 293 28.83 2.31 21.11
C THR E 293 29.09 0.97 21.80
N LEU E 294 28.04 0.16 21.99
CA LEU E 294 28.24 -1.16 22.59
C LEU E 294 29.13 -2.03 21.72
N MET E 295 28.92 -2.02 20.41
CA MET E 295 29.77 -2.80 19.51
C MET E 295 31.21 -2.30 19.54
N VAL E 296 31.39 -0.98 19.53
CA VAL E 296 32.74 -0.42 19.57
C VAL E 296 33.46 -0.84 20.84
N MET E 297 32.77 -0.76 21.99
CA MET E 297 33.38 -1.17 23.24
C MET E 297 33.62 -2.68 23.29
N LEU E 298 32.76 -3.46 22.64
CA LEU E 298 32.95 -4.90 22.59
C LEU E 298 34.19 -5.27 21.78
N SER E 299 34.45 -4.54 20.70
CA SER E 299 35.63 -4.81 19.89
C SER E 299 36.93 -4.57 20.65
N TRP E 300 36.89 -3.86 21.77
CA TRP E 300 38.09 -3.55 22.54
C TRP E 300 38.57 -4.71 23.40
N VAL E 301 37.74 -5.74 23.59
CA VAL E 301 38.11 -6.83 24.48
C VAL E 301 39.19 -7.73 23.88
N SER E 302 39.39 -7.67 22.55
CA SER E 302 40.40 -8.51 21.92
C SER E 302 41.82 -8.15 22.33
N PHE E 303 42.02 -6.96 22.90
CA PHE E 303 43.36 -6.53 23.30
C PHE E 303 43.80 -7.10 24.64
N TRP E 304 42.87 -7.64 25.43
CA TRP E 304 43.19 -8.18 26.74
C TRP E 304 43.31 -9.70 26.74
N ILE E 305 43.33 -10.32 25.56
CA ILE E 305 43.43 -11.77 25.42
C ILE E 305 44.81 -12.10 24.87
N ASP E 306 45.43 -13.15 25.43
CA ASP E 306 46.75 -13.57 24.99
C ASP E 306 46.73 -13.93 23.50
N ARG E 307 47.79 -13.56 22.80
CA ARG E 307 47.87 -13.78 21.36
C ARG E 307 47.96 -15.25 20.99
N ARG E 308 48.29 -16.13 21.92
CA ARG E 308 48.35 -17.56 21.64
C ARG E 308 46.96 -18.18 21.53
N ALA E 309 45.91 -17.48 21.96
CA ALA E 309 44.54 -17.94 21.77
C ALA E 309 44.04 -17.47 20.40
N VAL E 310 44.52 -18.17 19.36
CA VAL E 310 44.25 -17.73 17.99
C VAL E 310 42.76 -17.70 17.67
N PRO E 311 41.94 -18.77 17.97
CA PRO E 311 40.51 -18.74 17.66
C PRO E 311 39.68 -18.00 18.72
N ALA E 312 40.17 -16.84 19.16
CA ALA E 312 39.47 -16.06 20.17
C ALA E 312 39.31 -14.59 19.84
N ARG E 313 40.12 -14.01 18.95
CA ARG E 313 40.11 -12.58 18.71
C ARG E 313 39.55 -12.19 17.34
N VAL E 314 39.51 -13.11 16.39
CA VAL E 314 38.99 -12.83 15.05
C VAL E 314 37.46 -12.82 15.03
N PRO E 315 36.77 -13.84 15.57
CA PRO E 315 35.30 -13.82 15.49
C PRO E 315 34.66 -12.62 16.13
N LEU E 316 35.23 -12.08 17.21
CA LEU E 316 34.69 -10.88 17.83
C LEU E 316 34.65 -9.72 16.84
N GLY E 317 35.79 -9.45 16.20
CA GLY E 317 35.85 -8.38 15.22
C GLY E 317 34.95 -8.62 14.03
N ILE E 318 34.90 -9.87 13.56
CA ILE E 318 34.08 -10.19 12.39
C ILE E 318 32.60 -9.97 12.70
N THR E 319 32.15 -10.45 13.87
CA THR E 319 30.74 -10.31 14.22
C THR E 319 30.39 -8.86 14.51
N THR E 320 31.32 -8.09 15.09
CA THR E 320 31.06 -6.67 15.27
C THR E 320 30.94 -5.95 13.93
N VAL E 321 31.78 -6.31 12.95
CA VAL E 321 31.66 -5.74 11.62
C VAL E 321 30.32 -6.08 11.01
N LEU E 322 29.89 -7.34 11.13
CA LEU E 322 28.59 -7.74 10.58
C LEU E 322 27.44 -6.97 11.25
N THR E 323 27.49 -6.84 12.57
CA THR E 323 26.44 -6.11 13.27
C THR E 323 26.42 -4.64 12.87
N MET E 324 27.59 -4.03 12.74
CA MET E 324 27.64 -2.63 12.31
C MET E 324 27.07 -2.46 10.92
N SER E 325 27.41 -3.38 10.00
CA SER E 325 26.85 -3.30 8.65
C SER E 325 25.34 -3.46 8.66
N THR E 326 24.83 -4.39 9.47
CA THR E 326 23.38 -4.57 9.59
C THR E 326 22.71 -3.31 10.13
N ILE E 327 23.31 -2.69 11.15
CA ILE E 327 22.73 -1.47 11.71
C ILE E 327 22.73 -0.35 10.67
N ILE E 328 23.82 -0.21 9.92
CA ILE E 328 23.90 0.82 8.89
C ILE E 328 22.82 0.60 7.83
N THR E 329 22.66 -0.65 7.38
CA THR E 329 21.63 -0.94 6.38
C THR E 329 20.23 -0.65 6.92
N GLY E 330 19.96 -1.04 8.17
CA GLY E 330 18.66 -0.78 8.75
C GLY E 330 18.37 0.71 8.88
N VAL E 331 19.38 1.50 9.24
CA VAL E 331 19.18 2.94 9.35
C VAL E 331 18.95 3.55 7.97
N ASN E 332 19.75 3.15 6.98
CA ASN E 332 19.63 3.75 5.65
C ASN E 332 18.43 3.24 4.86
N ALA E 333 17.77 2.17 5.31
CA ALA E 333 16.63 1.63 4.58
C ALA E 333 15.39 2.51 4.65
N SER E 334 15.38 3.56 5.47
CA SER E 334 14.17 4.36 5.67
C SER E 334 14.26 5.74 5.05
N MET E 335 15.36 6.47 5.28
CA MET E 335 15.44 7.86 4.83
C MET E 335 15.55 7.92 3.29
N PRO E 336 15.09 9.01 2.70
CA PRO E 336 15.17 9.14 1.24
C PRO E 336 16.60 9.32 0.75
N ARG E 337 16.80 9.04 -0.53
CA ARG E 337 18.12 9.10 -1.16
C ARG E 337 18.46 10.55 -1.49
N VAL E 338 19.01 11.24 -0.50
CA VAL E 338 19.45 12.62 -0.67
C VAL E 338 20.85 12.63 -1.28
N SER E 339 21.28 13.80 -1.76
CA SER E 339 22.58 13.95 -2.40
C SER E 339 23.66 14.43 -1.45
N TYR E 340 23.37 14.55 -0.16
CA TYR E 340 24.34 15.01 0.82
C TYR E 340 24.36 14.02 1.98
N ILE E 341 25.36 14.18 2.84
CA ILE E 341 25.56 13.26 3.96
C ILE E 341 24.87 13.82 5.19
N LYS E 342 24.22 12.94 5.94
CA LYS E 342 23.45 13.32 7.12
C LYS E 342 24.34 13.22 8.36
N ALA E 343 23.84 13.78 9.47
CA ALA E 343 24.60 13.77 10.72
C ALA E 343 24.73 12.36 11.27
N VAL E 344 23.68 11.55 11.14
CA VAL E 344 23.72 10.18 11.66
C VAL E 344 24.65 9.31 10.81
N ASP E 345 24.81 9.65 9.52
CA ASP E 345 25.71 8.87 8.67
C ASP E 345 27.16 9.04 9.10
N ILE E 346 27.54 10.23 9.54
CA ILE E 346 28.92 10.48 9.96
C ILE E 346 29.27 9.61 11.15
N TYR E 347 28.38 9.55 12.14
CA TYR E 347 28.66 8.80 13.37
C TYR E 347 28.78 7.31 13.10
N LEU E 348 27.91 6.75 12.26
CA LEU E 348 27.92 5.32 12.02
C LEU E 348 29.14 4.88 11.23
N TRP E 349 29.51 5.64 10.19
CA TRP E 349 30.63 5.23 9.34
C TRP E 349 31.97 5.35 10.06
N VAL E 350 32.14 6.34 10.93
CA VAL E 350 33.37 6.45 11.71
C VAL E 350 33.50 5.26 12.65
N SER E 351 32.39 4.84 13.26
CA SER E 351 32.41 3.66 14.12
C SER E 351 32.79 2.41 13.34
N PHE E 352 32.35 2.31 12.09
CA PHE E 352 32.72 1.18 11.25
C PHE E 352 34.22 1.15 10.99
N VAL E 353 34.85 2.32 10.91
CA VAL E 353 36.29 2.39 10.68
C VAL E 353 37.06 1.88 11.90
N PHE E 354 36.60 2.24 13.11
CA PHE E 354 37.26 1.79 14.32
C PHE E 354 37.26 0.26 14.42
N VAL E 355 36.11 -0.37 14.12
CA VAL E 355 36.04 -1.82 14.16
C VAL E 355 36.87 -2.42 13.05
N PHE E 356 36.89 -1.79 11.87
CA PHE E 356 37.66 -2.30 10.75
C PHE E 356 39.15 -2.32 11.05
N LEU E 357 39.65 -1.27 11.71
CA LEU E 357 41.07 -1.22 12.03
C LEU E 357 41.46 -2.27 13.07
N SER E 358 40.49 -2.74 13.86
CA SER E 358 40.79 -3.74 14.87
C SER E 358 41.29 -5.04 14.25
N VAL E 359 40.68 -5.46 13.14
CA VAL E 359 41.11 -6.68 12.47
C VAL E 359 42.54 -6.52 11.94
N LEU E 360 42.84 -5.36 11.35
CA LEU E 360 44.18 -5.12 10.84
C LEU E 360 45.21 -5.10 11.96
N GLU E 361 44.81 -4.66 13.16
CA GLU E 361 45.72 -4.67 14.30
C GLU E 361 46.11 -6.10 14.66
N TYR E 362 45.15 -7.02 14.64
CA TYR E 362 45.45 -8.41 14.95
C TYR E 362 46.38 -9.02 13.93
N ALA E 363 46.19 -8.69 12.65
CA ALA E 363 47.05 -9.24 11.60
C ALA E 363 48.49 -8.77 11.75
N ALA E 364 48.69 -7.51 12.13
CA ALA E 364 50.04 -6.99 12.28
C ALA E 364 50.82 -7.73 13.36
N VAL E 365 50.16 -8.04 14.47
CA VAL E 365 50.83 -8.76 15.55
C VAL E 365 51.23 -10.16 15.10
N ASN E 366 50.33 -10.82 14.38
CA ASN E 366 50.57 -12.19 13.95
C ASN E 366 51.76 -12.29 13.00
N TYR E 367 51.86 -11.35 12.07
CA TYR E 367 52.92 -11.41 11.07
C TYR E 367 54.29 -11.13 11.69
N LEU E 368 54.37 -10.13 12.57
CA LEU E 368 55.67 -9.77 13.14
C LEU E 368 56.18 -10.86 14.07
N THR E 369 55.27 -11.62 14.69
CA THR E 369 55.69 -12.71 15.57
C THR E 369 56.42 -13.79 14.79
N THR E 370 55.92 -14.13 13.61
CA THR E 370 56.55 -15.17 12.80
C THR E 370 57.94 -14.75 12.34
N VAL E 371 58.08 -13.48 11.93
CA VAL E 371 59.36 -13.01 11.42
C VAL E 371 60.42 -13.06 12.52
N GLN E 372 60.07 -12.61 13.72
CA GLN E 372 61.04 -12.57 14.82
C GLN E 372 61.49 -13.98 15.20
N GLU E 373 60.56 -14.92 15.28
CA GLU E 373 60.93 -16.29 15.67
C GLU E 373 61.79 -16.95 14.61
N ARG E 374 61.51 -16.67 13.33
CA ARG E 374 62.31 -17.27 12.26
C ARG E 374 63.76 -16.82 12.34
N LYS E 375 63.99 -15.54 12.63
CA LYS E 375 65.35 -15.04 12.78
C LYS E 375 66.05 -15.69 13.98
N GLU E 376 65.32 -15.87 15.08
CA GLU E 376 65.89 -16.57 16.24
C GLU E 376 66.21 -18.01 15.90
N GLN E 377 65.33 -18.68 15.16
CA GLN E 377 65.53 -20.07 14.77
C GLN E 377 66.70 -20.21 13.81
N ASP E 451 54.92 -13.07 27.72
CA ASP E 451 55.26 -11.72 27.27
C ASP E 451 54.11 -11.09 26.47
N THR E 452 53.95 -9.79 26.63
CA THR E 452 52.89 -9.03 25.96
C THR E 452 53.50 -8.14 24.90
N HIS E 453 52.93 -8.19 23.70
CA HIS E 453 53.42 -7.37 22.60
C HIS E 453 53.20 -5.89 22.88
N ALA E 454 54.14 -5.06 22.40
CA ALA E 454 54.05 -3.63 22.66
C ALA E 454 52.88 -2.99 21.91
N ILE E 455 52.54 -3.52 20.73
CA ILE E 455 51.48 -2.92 19.93
C ILE E 455 50.16 -2.98 20.66
N ASP E 456 49.83 -4.12 21.26
CA ASP E 456 48.58 -4.23 22.03
C ASP E 456 48.60 -3.31 23.23
N LYS E 457 49.75 -3.22 23.92
CA LYS E 457 49.86 -2.37 25.10
C LYS E 457 49.60 -0.91 24.73
N TYR E 458 50.11 -0.46 23.59
CA TYR E 458 49.85 0.90 23.15
C TYR E 458 48.40 1.07 22.70
N SER E 459 47.85 0.08 21.99
CA SER E 459 46.50 0.19 21.45
C SER E 459 45.47 0.29 22.56
N ARG E 460 45.68 -0.44 23.66
CA ARG E 460 44.71 -0.44 24.76
C ARG E 460 44.45 0.97 25.29
N ILE E 461 45.41 1.87 25.13
CA ILE E 461 45.25 3.26 25.56
C ILE E 461 44.92 4.16 24.37
N ILE E 462 45.44 3.84 23.19
CA ILE E 462 45.24 4.69 22.02
C ILE E 462 43.77 4.69 21.58
N PHE E 463 43.16 3.50 21.48
CA PHE E 463 41.81 3.42 20.93
C PHE E 463 40.77 4.15 21.77
N PRO E 464 40.62 3.89 23.07
CA PRO E 464 39.56 4.59 23.82
C PRO E 464 39.72 6.10 23.83
N ALA E 465 40.96 6.60 23.90
CA ALA E 465 41.17 8.04 23.89
C ALA E 465 40.70 8.66 22.58
N ALA E 466 41.04 8.03 21.46
CA ALA E 466 40.59 8.54 20.17
C ALA E 466 39.07 8.50 20.04
N TYR E 467 38.45 7.41 20.51
CA TYR E 467 36.99 7.33 20.42
C TYR E 467 36.32 8.40 21.29
N ILE E 468 36.84 8.62 22.49
CA ILE E 468 36.26 9.64 23.37
C ILE E 468 36.44 11.02 22.78
N LEU E 469 37.62 11.29 22.20
CA LEU E 469 37.84 12.59 21.56
C LEU E 469 36.87 12.80 20.39
N PHE E 470 36.67 11.77 19.57
CA PHE E 470 35.74 11.88 18.46
C PHE E 470 34.32 12.13 18.96
N ASN E 471 33.91 11.43 20.02
CA ASN E 471 32.56 11.65 20.56
C ASN E 471 32.42 13.08 21.09
N LEU E 472 33.43 13.58 21.79
CA LEU E 472 33.37 14.94 22.31
C LEU E 472 33.24 15.95 21.19
N ILE E 473 34.06 15.81 20.14
CA ILE E 473 33.99 16.74 19.03
C ILE E 473 32.63 16.67 18.33
N TYR E 474 32.15 15.45 18.09
CA TYR E 474 30.88 15.28 17.38
C TYR E 474 29.72 15.88 18.16
N TRP E 475 29.66 15.63 19.47
CA TRP E 475 28.56 16.18 20.26
C TRP E 475 28.75 17.65 20.58
N SER E 476 29.96 18.20 20.39
CA SER E 476 30.13 19.64 20.54
C SER E 476 29.71 20.37 19.27
N ILE E 477 29.95 19.78 18.10
CA ILE E 477 29.60 20.44 16.85
C ILE E 477 28.08 20.55 16.70
N PHE E 478 27.37 19.46 16.95
CA PHE E 478 25.93 19.41 16.76
C PHE E 478 25.13 19.74 18.02
N SER E 479 25.81 20.13 19.10
CA SER E 479 25.15 20.46 20.37
C SER E 479 24.30 19.31 20.88
N ABU F . -7.82 12.55 -31.05
CD ABU F . -7.93 11.10 -30.76
CB ABU F . -9.07 10.47 -31.53
CG ABU F . -9.17 8.99 -31.23
C ABU F . -10.29 8.27 -31.97
O ABU F . -11.43 8.78 -31.89
OXT ABU F . -10.02 7.24 -32.61
C1 NAG G . -9.60 48.96 -26.85
C2 NAG G . -8.21 49.58 -26.98
C3 NAG G . -8.34 51.08 -27.24
C4 NAG G . -9.25 51.34 -28.44
C5 NAG G . -10.59 50.63 -28.25
C6 NAG G . -11.48 50.73 -29.47
C7 NAG G . -6.51 48.35 -25.70
C8 NAG G . -5.78 48.25 -24.41
N2 NAG G . -7.42 49.34 -25.80
O3 NAG G . -7.06 51.63 -27.48
O4 NAG G . -9.47 52.74 -28.59
O5 NAG G . -10.36 49.23 -28.02
O6 NAG G . -12.67 49.97 -29.29
O7 NAG G . -6.31 47.58 -26.63
C1 NAG H . 12.60 27.52 -30.34
C2 NAG H . 13.56 26.73 -31.22
C3 NAG H . 14.34 27.68 -32.14
C4 NAG H . 13.37 28.56 -32.92
C5 NAG H . 12.42 29.28 -31.97
C6 NAG H . 11.35 30.07 -32.68
C7 NAG H . 14.45 24.60 -30.37
C8 NAG H . 15.46 23.95 -29.48
N2 NAG H . 14.48 25.94 -30.42
O3 NAG H . 15.14 26.93 -33.03
O4 NAG H . 14.09 29.53 -33.66
O5 NAG H . 11.73 28.31 -31.16
O6 NAG H . 10.25 29.25 -33.06
O7 NAG H . 13.62 23.96 -31.01
C1 OCT I . 32.18 11.63 -10.90
C2 OCT I . 32.43 10.95 -9.55
C3 OCT I . 33.21 9.65 -9.77
C4 OCT I . 33.50 9.00 -8.42
C5 OCT I . 34.33 7.74 -8.62
C6 OCT I . 34.73 7.17 -7.26
C7 OCT I . 35.65 5.97 -7.47
C8 OCT I . 36.10 5.45 -6.10
N ABU J . -3.91 32.82 -8.95
CD ABU J . -4.37 31.91 -10.02
CB ABU J . -3.63 32.16 -11.31
CG ABU J . -4.13 31.25 -12.43
C ABU J . -3.42 31.44 -13.76
O ABU J . -3.84 30.78 -14.73
OXT ABU J . -2.47 32.25 -13.80
C8 A8W K . 30.34 -17.88 10.88
C5 A8W K . 28.03 -16.30 10.19
C6 A8W K . 29.19 -16.01 9.63
C2 A8W K . 25.69 -16.07 11.92
C4 A8W K . 26.75 -15.66 9.70
O A8W K . 33.05 -20.95 14.80
C1 A8W K . 27.01 -16.62 12.44
C10 A8W K . 27.89 -17.27 11.36
C11 A8W K . 29.25 -18.62 13.06
C12 A8W K . 30.63 -18.97 13.64
C13 A8W K . 31.62 -19.38 12.54
C14 A8W K . 31.68 -18.21 11.55
C15 A8W K . 32.90 -18.53 10.68
C16 A8W K . 33.89 -19.23 11.63
C17 A8W K . 33.12 -19.44 12.96
C18 A8W K . 31.18 -20.69 11.88
C19 A8W K . 27.21 -18.56 10.85
C20 A8W K . 33.55 -20.67 13.73
C3 A8W K . 25.95 -15.05 10.83
C7 A8W K . 30.49 -16.68 9.93
C9 A8W K . 29.29 -17.57 11.96
O1 A8W K . 24.64 -14.63 10.29
O2 A8W K . 22.82 -14.06 11.80
O3 A8W K . 24.83 -12.55 11.57
O4 A8W K . 23.19 -12.79 9.88
S A8W K . 23.88 -13.48 11.01
C21 A8W K . 34.62 -21.52 13.13
N ABU L . -25.92 -9.46 -20.89
CD ABU L . -25.70 -9.74 -19.45
CB ABU L . -26.99 -10.05 -18.74
CG ABU L . -26.75 -10.35 -17.26
C ABU L . -28.02 -10.67 -16.48
O ABU L . -28.50 -9.77 -15.76
OXT ABU L . -28.50 -11.82 -16.60
C1 NAG M . -22.45 11.67 -50.70
C2 NAG M . -21.46 11.06 -51.68
C3 NAG M . -21.65 11.67 -53.07
C4 NAG M . -23.11 11.56 -53.51
C5 NAG M . -24.03 12.14 -52.43
C6 NAG M . -25.50 11.93 -52.75
C7 NAG M . -19.40 10.28 -50.59
C8 NAG M . -18.00 10.63 -50.20
N2 NAG M . -20.09 11.23 -51.24
O3 NAG M . -20.81 11.02 -54.01
O4 NAG M . -23.31 12.27 -54.72
O5 NAG M . -23.78 11.49 -51.17
O6 NAG M . -26.32 12.39 -51.68
O7 NAG M . -19.89 9.19 -50.34
C1 NAG N . -9.13 -13.96 -39.73
C2 NAG N . -9.06 -15.47 -39.49
C3 NAG N . -9.18 -16.22 -40.82
C4 NAG N . -10.43 -15.78 -41.57
C5 NAG N . -10.45 -14.25 -41.71
C6 NAG N . -11.74 -13.74 -42.33
C7 NAG N . -7.78 -16.28 -37.56
C8 NAG N . -6.43 -16.61 -37.01
N2 NAG N . -7.82 -15.83 -38.82
O3 NAG N . -9.22 -17.62 -40.58
O4 NAG N . -10.47 -16.37 -42.86
O5 NAG N . -10.34 -13.65 -40.41
O6 NAG N . -12.75 -13.58 -41.35
O7 NAG N . -8.80 -16.43 -36.89
C1 OCT O . 18.96 -21.83 -21.64
C2 OCT O . 20.29 -21.39 -21.03
C3 OCT O . 20.72 -22.39 -19.97
C4 OCT O . 21.97 -21.88 -19.25
C5 OCT O . 22.27 -22.77 -18.05
C6 OCT O . 23.24 -22.04 -17.11
C7 OCT O . 23.34 -22.81 -15.79
C8 OCT O . 24.12 -21.98 -14.79
C1 HEX P . 13.41 -34.80 -11.62
C2 HEX P . 12.61 -34.15 -12.74
C3 HEX P . 11.16 -34.61 -12.68
C4 HEX P . 10.31 -33.82 -13.67
C5 HEX P . 8.84 -34.19 -13.50
C6 HEX P . 7.99 -33.25 -14.34
N ABU Q . -33.58 -2.58 7.47
CD ABU Q . -32.61 -2.08 8.48
CB ABU Q . -33.10 -0.79 9.11
CG ABU Q . -32.10 -0.28 10.15
C ABU Q . -32.51 1.02 10.81
O ABU Q . -32.34 2.07 10.16
OXT ABU Q . -33.00 0.96 11.97
C1 NAG R . -49.60 -13.91 -23.63
C2 NAG R . -49.55 -15.44 -23.75
C3 NAG R . -50.56 -15.92 -24.78
C4 NAG R . -51.95 -15.39 -24.43
C5 NAG R . -51.91 -13.88 -24.27
C6 NAG R . -53.23 -13.31 -23.81
C7 NAG R . -47.31 -16.31 -23.22
C8 NAG R . -45.98 -16.72 -23.77
N2 NAG R . -48.20 -15.87 -24.12
O3 NAG R . -50.57 -17.34 -24.81
O4 NAG R . -52.86 -15.72 -25.48
O5 NAG R . -50.94 -13.52 -23.28
O6 NAG R . -53.13 -11.91 -23.56
O7 NAG R . -47.56 -16.37 -22.03
C1 NAG S . -33.72 -27.01 -0.52
C2 NAG S . -33.53 -27.62 0.87
C3 NAG S . -34.55 -28.73 1.10
C4 NAG S . -35.97 -28.20 0.84
C5 NAG S . -36.05 -27.56 -0.55
C6 NAG S . -37.39 -26.91 -0.81
C7 NAG S . -31.29 -27.58 1.86
C8 NAG S . -29.95 -28.24 1.92
N2 NAG S . -32.18 -28.13 1.03
O3 NAG S . -34.45 -29.21 2.43
O4 NAG S . -36.90 -29.26 0.92
O5 NAG S . -35.06 -26.53 -0.66
O6 NAG S . -37.44 -25.59 -0.29
O7 NAG S . -31.55 -26.60 2.55
C1 OCT T . -0.91 -36.55 6.09
C2 OCT T . 0.42 -36.37 5.35
C3 OCT T . 1.57 -36.39 6.36
C4 OCT T . 2.86 -36.00 5.65
C5 OCT T . 3.99 -35.87 6.67
C6 OCT T . 5.17 -35.15 6.04
C7 OCT T . 6.20 -34.81 7.11
C8 OCT T . 7.28 -33.92 6.52
C1 HEX U . -1.07 -31.87 21.68
C2 HEX U . -2.38 -31.76 20.90
C3 HEX U . -3.41 -31.02 21.74
C4 HEX U . -4.76 -31.06 21.04
C5 HEX U . -5.88 -31.03 22.07
C6 HEX U . -7.22 -31.35 21.41
N ABU V . -20.44 23.76 14.49
CD ABU V . -19.03 24.01 14.09
CB ABU V . -18.86 25.40 13.52
CG ABU V . -17.41 25.66 13.12
C ABU V . -17.16 27.05 12.57
O ABU V . -17.68 27.34 11.46
OXT ABU V . -16.45 27.83 13.23
C1 NAG W . -53.56 7.58 16.99
C2 NAG W . -53.67 6.74 18.26
C3 NAG W . -55.13 6.45 18.57
C4 NAG W . -55.93 7.75 18.63
C5 NAG W . -55.72 8.56 17.35
C6 NAG W . -56.38 9.92 17.40
C7 NAG W . -51.68 5.33 18.61
C8 NAG W . -51.06 3.99 18.38
N2 NAG W . -52.92 5.50 18.12
O3 NAG W . -55.23 5.77 19.81
O4 NAG W . -57.32 7.47 18.78
O5 NAG W . -54.31 8.78 17.15
O6 NAG W . -56.07 10.68 16.24
O7 NAG W . -51.09 6.23 19.19
C1 NAG X . -27.17 6.75 32.95
C2 NAG X . -26.17 7.14 34.02
C3 NAG X . -26.86 7.35 35.35
C4 NAG X . -28.01 8.34 35.20
C5 NAG X . -28.94 7.90 34.08
C6 NAG X . -30.04 8.90 33.79
C7 NAG X . -23.85 6.36 33.77
C8 NAG X . -22.90 5.21 33.96
N2 NAG X . -25.12 6.14 34.14
O3 NAG X . -25.93 7.83 36.32
O4 NAG X . -28.75 8.42 36.42
O5 NAG X . -28.20 7.74 32.87
O6 NAG X . -29.59 9.92 32.91
O7 NAG X . -23.49 7.43 33.30
C1 OCT Y . 1.11 -13.13 33.97
C2 OCT Y . 1.74 -14.52 33.99
C3 OCT Y . 3.25 -14.40 33.73
C4 OCT Y . 3.90 -15.77 33.95
C5 OCT Y . 5.41 -15.64 33.78
C6 OCT Y . 5.74 -15.52 32.31
C7 OCT Y . 7.26 -15.53 32.12
C8 OCT Y . 7.60 -15.59 30.63
C1 HEX Z . 14.23 -2.53 37.88
C2 HEX Z . 12.76 -2.21 37.61
C3 HEX Z . 12.64 -0.80 37.04
C4 HEX Z . 11.17 -0.46 36.82
C5 HEX Z . 11.06 0.97 36.30
C6 HEX Z . 9.59 1.34 36.13
C1 NAG AA . -28.77 46.33 15.03
C2 NAG AA . -28.07 46.81 16.29
C3 NAG AA . -28.98 47.75 17.08
C4 NAG AA . -29.49 48.88 16.19
C5 NAG AA . -30.12 48.31 14.92
C6 NAG AA . -30.52 49.38 13.93
C7 NAG AA . -26.41 45.19 17.10
C8 NAG AA . -26.16 44.04 18.02
N2 NAG AA . -27.66 45.69 17.12
O3 NAG AA . -28.28 48.28 18.19
O4 NAG AA . -30.45 49.65 16.89
O5 NAG AA . -29.19 47.44 14.25
O6 NAG AA . -31.01 48.81 12.73
O7 NAG AA . -25.54 45.65 16.38
C1 NAG BA . 1.42 40.60 14.48
C2 NAG BA . 2.91 40.76 14.18
C3 NAG BA . 3.42 42.09 14.73
C4 NAG BA . 2.56 43.24 14.23
C5 NAG BA . 1.09 42.97 14.52
C6 NAG BA . 0.17 44.01 13.94
C7 NAG BA . 4.28 38.74 13.96
C8 NAG BA . 5.03 37.66 14.69
N2 NAG BA . 3.68 39.65 14.73
O3 NAG BA . 4.77 42.29 14.35
O4 NAG BA . 2.95 44.46 14.85
O5 NAG BA . 0.70 41.71 13.95
O6 NAG BA . -0.13 43.74 12.57
O7 NAG BA . 4.22 38.78 12.73
C1 OCT CA . 22.38 15.07 23.87
C2 OCT CA . 22.47 13.77 24.66
C3 OCT CA . 23.67 12.97 24.19
C4 OCT CA . 23.70 11.61 24.89
C5 OCT CA . 24.74 10.72 24.22
C6 OCT CA . 24.54 9.27 24.68
C7 OCT CA . 25.43 8.35 23.87
C8 OCT CA . 25.18 6.90 24.28
C1 HEX DA . 33.96 15.14 13.68
C2 HEX DA . 32.72 15.82 13.09
C3 HEX DA . 33.07 16.45 11.75
C4 HEX DA . 31.87 17.21 11.21
C5 HEX DA . 32.21 17.79 9.84
C6 HEX DA . 31.02 18.62 9.32
CL CL EA . 36.98 -21.59 16.35
#